data_6ZA4
#
_entry.id   6ZA4
#
_cell.length_a   88.336
_cell.length_b   111.687
_cell.length_c   94.998
_cell.angle_alpha   90
_cell.angle_beta   92.67
_cell.angle_gamma   90
#
_symmetry.space_group_name_H-M   'P 1 21 1'
#
loop_
_entity.id
_entity.type
_entity.pdbx_description
1 polymer 'Salicylate synthase'
2 non-polymer '5-(3-cyanophenyl)furan-2-carboxylic acid'
3 non-polymer 'CHLORIDE ION'
4 water water
#
_entity_poly.entity_id   1
_entity_poly.type   'polypeptide(L)'
_entity_poly.pdbx_seq_one_letter_code
;GHMSELSVATGAVSTASSSIPMPAGVNPADLAAELAAVVTESVDEDYLLYECDGQWVLAAGVQAMVELDSDELRVIRDGV
TRRQQWSGRPGAALGEAVDRLLLETDQAFGWVAFEFGVHRYGLQQRLAPHTPLARVFSPRTRIMVSEKEIRLFDAGIRHR
EAIDRLLATGVREVPQSRSVDVSDDPSGFRRRVAVAVDEIAAGRYHKVILSRCVEVPFAIDFPLTYRLGRRHNTPVRSFL
LQLGGIRALGYSPELVTAVRADGVVITEPLAGTRALGRGPAIDRLARDDLESNSKEIVEHAISVRSSLEEITDIAEPGSA
AVIDFMTVRERGSVQHLGSTIRARLDPSSDRMAALEALFPAVTASGIPKAAGVEAIFRLDECPRGLYSGAVVMLSADGGL
DAALTLRAAYQVGGRTWLRAGAGIIEESEPEREFEETCEKLSTLTPYLVARQ
;
_entity_poly.pdbx_strand_id   A,B,C,D
#
loop_
_chem_comp.id
_chem_comp.type
_chem_comp.name
_chem_comp.formula
CL non-polymer 'CHLORIDE ION' 'Cl -1'
M83 non-polymer '5-(3-cyanophenyl)furan-2-carboxylic acid' 'C12 H7 N O3'
#
# COMPACT_ATOMS: atom_id res chain seq x y z
N SER A 17 -33.14 5.23 23.62
CA SER A 17 -32.11 5.66 24.56
C SER A 17 -32.52 5.34 26.01
N SER A 18 -31.77 4.48 26.73
CA SER A 18 -32.10 4.17 28.12
C SER A 18 -31.01 4.70 29.10
N SER A 19 -31.35 4.85 30.38
CA SER A 19 -30.43 5.40 31.36
C SER A 19 -30.28 4.52 32.60
N ILE A 20 -29.06 4.53 33.16
CA ILE A 20 -28.65 3.86 34.40
C ILE A 20 -27.99 4.92 35.27
N PRO A 21 -28.37 5.06 36.56
CA PRO A 21 -27.71 6.08 37.39
C PRO A 21 -26.22 5.77 37.56
N MET A 22 -25.39 6.82 37.61
CA MET A 22 -23.94 6.63 37.81
C MET A 22 -23.72 6.24 39.27
N PRO A 23 -23.06 5.08 39.55
CA PRO A 23 -22.87 4.66 40.95
C PRO A 23 -21.98 5.64 41.70
N ALA A 24 -22.40 5.98 42.92
CA ALA A 24 -21.69 6.94 43.75
C ALA A 24 -20.32 6.43 44.14
N GLY A 25 -19.36 7.35 44.20
CA GLY A 25 -17.98 7.06 44.55
C GLY A 25 -17.20 6.39 43.43
N VAL A 26 -17.75 6.38 42.21
CA VAL A 26 -17.12 5.82 41.06
C VAL A 26 -16.78 6.96 40.09
N ASN A 27 -15.52 7.02 39.66
CA ASN A 27 -15.08 8.04 38.72
CA ASN A 27 -15.02 8.01 38.72
C ASN A 27 -15.47 7.64 37.30
N PRO A 28 -16.15 8.58 36.58
CA PRO A 28 -16.61 8.28 35.20
C PRO A 28 -15.52 7.76 34.26
N ALA A 29 -14.28 8.29 34.33
CA ALA A 29 -13.19 7.87 33.47
C ALA A 29 -12.86 6.41 33.68
N ASP A 30 -12.88 5.95 34.96
CA ASP A 30 -12.57 4.58 35.30
C ASP A 30 -13.64 3.64 34.78
N LEU A 31 -14.92 3.98 35.04
CA LEU A 31 -16.02 3.16 34.58
C LEU A 31 -16.08 3.08 33.06
N ALA A 32 -15.91 4.23 32.36
CA ALA A 32 -15.94 4.23 30.88
C ALA A 32 -14.82 3.39 30.29
N ALA A 33 -13.60 3.45 30.88
CA ALA A 33 -12.48 2.65 30.40
C ALA A 33 -12.71 1.18 30.69
N GLU A 34 -13.33 0.83 31.83
CA GLU A 34 -13.65 -0.56 32.17
C GLU A 34 -14.70 -1.12 31.23
N LEU A 35 -15.70 -0.32 30.86
CA LEU A 35 -16.72 -0.73 29.90
C LEU A 35 -16.09 -0.98 28.54
N ALA A 36 -15.19 -0.07 28.12
CA ALA A 36 -14.46 -0.16 26.86
C ALA A 36 -13.62 -1.40 26.81
N ALA A 37 -13.00 -1.77 27.93
CA ALA A 37 -12.16 -2.95 28.02
C ALA A 37 -12.95 -4.27 28.06
N VAL A 38 -13.94 -4.40 28.94
CA VAL A 38 -14.61 -5.65 29.21
C VAL A 38 -15.80 -5.91 28.29
N VAL A 39 -16.65 -4.91 28.05
CA VAL A 39 -17.84 -5.14 27.23
C VAL A 39 -17.44 -5.43 25.78
N THR A 40 -16.49 -4.65 25.24
CA THR A 40 -16.05 -4.84 23.84
C THR A 40 -15.25 -6.14 23.68
N GLU A 41 -14.52 -6.56 24.71
CA GLU A 41 -13.79 -7.84 24.63
C GLU A 41 -14.76 -9.06 24.61
N SER A 42 -15.84 -9.06 25.40
CA SER A 42 -16.76 -10.20 25.44
C SER A 42 -17.45 -10.44 24.09
N VAL A 43 -17.68 -9.39 23.29
CA VAL A 43 -18.23 -9.58 21.95
C VAL A 43 -17.14 -9.43 20.84
N ASP A 44 -15.86 -9.25 21.23
CA ASP A 44 -14.73 -9.09 20.32
C ASP A 44 -14.97 -7.98 19.27
N GLU A 45 -15.31 -6.77 19.71
CA GLU A 45 -15.57 -5.67 18.78
C GLU A 45 -14.58 -4.51 18.93
N ASP A 46 -14.41 -3.73 17.87
CA ASP A 46 -13.59 -2.51 17.87
C ASP A 46 -14.37 -1.39 18.58
N TYR A 47 -13.66 -0.35 19.02
CA TYR A 47 -14.31 0.75 19.72
C TYR A 47 -13.46 2.01 19.73
N LEU A 48 -14.09 3.14 20.10
CA LEU A 48 -13.41 4.39 20.35
C LEU A 48 -14.11 5.06 21.53
N LEU A 49 -13.36 5.37 22.58
CA LEU A 49 -13.82 6.08 23.77
C LEU A 49 -13.30 7.52 23.67
N TYR A 50 -14.19 8.51 23.69
CA TYR A 50 -13.80 9.90 23.56
C TYR A 50 -14.32 10.71 24.73
N GLU A 51 -13.42 11.43 25.45
CA GLU A 51 -13.82 12.31 26.54
C GLU A 51 -13.95 13.73 26.01
N CYS A 52 -15.09 14.34 26.26
CA CYS A 52 -15.38 15.67 25.78
C CYS A 52 -16.33 16.37 26.74
N ASP A 53 -15.85 17.43 27.39
CA ASP A 53 -16.66 18.28 28.30
C ASP A 53 -17.44 17.47 29.38
N GLY A 54 -16.73 16.66 30.16
CA GLY A 54 -17.30 15.84 31.23
C GLY A 54 -18.03 14.57 30.79
N GLN A 55 -18.17 14.38 29.48
CA GLN A 55 -18.85 13.23 28.92
C GLN A 55 -17.86 12.26 28.28
N TRP A 56 -17.93 10.99 28.65
CA TRP A 56 -17.13 9.96 28.01
C TRP A 56 -18.03 9.15 27.09
N VAL A 57 -17.83 9.23 25.78
CA VAL A 57 -18.67 8.48 24.86
C VAL A 57 -17.91 7.27 24.34
N LEU A 58 -18.45 6.08 24.61
CA LEU A 58 -17.87 4.85 24.10
C LEU A 58 -18.64 4.47 22.85
N ALA A 59 -17.99 4.51 21.70
CA ALA A 59 -18.56 4.09 20.43
C ALA A 59 -18.13 2.66 20.19
N ALA A 60 -19.01 1.70 20.38
CA ALA A 60 -18.68 0.29 20.34
C ALA A 60 -19.26 -0.45 19.15
N GLY A 61 -18.38 -1.18 18.45
CA GLY A 61 -18.76 -1.96 17.28
C GLY A 61 -18.76 -1.09 16.05
N VAL A 62 -18.40 -1.66 14.89
CA VAL A 62 -18.33 -0.91 13.66
C VAL A 62 -19.52 -1.27 12.81
N GLN A 63 -20.46 -0.34 12.69
CA GLN A 63 -21.61 -0.52 11.84
C GLN A 63 -21.13 -0.28 10.39
N ALA A 64 -20.38 0.82 10.17
CA ALA A 64 -19.83 1.12 8.86
C ALA A 64 -18.53 1.87 9.04
N MET A 65 -17.51 1.56 8.25
CA MET A 65 -16.21 2.20 8.36
C MET A 65 -15.87 2.95 7.08
N VAL A 66 -15.38 4.19 7.22
CA VAL A 66 -14.91 5.01 6.13
C VAL A 66 -13.39 5.07 6.24
N GLU A 67 -12.72 4.56 5.21
CA GLU A 67 -11.27 4.60 5.17
C GLU A 67 -10.83 5.53 4.08
N LEU A 68 -10.26 6.68 4.46
CA LEU A 68 -9.74 7.61 3.48
C LEU A 68 -8.25 7.44 3.40
N ASP A 69 -7.77 6.99 2.24
CA ASP A 69 -6.35 6.88 1.95
C ASP A 69 -5.99 7.93 0.91
N SER A 70 -4.69 8.15 0.69
CA SER A 70 -4.17 9.11 -0.27
C SER A 70 -4.66 8.81 -1.70
N ASP A 71 -4.88 7.53 -2.02
CA ASP A 71 -5.26 7.13 -3.36
C ASP A 71 -6.65 6.51 -3.49
N GLU A 72 -7.40 6.36 -2.40
CA GLU A 72 -8.70 5.71 -2.47
C GLU A 72 -9.54 6.01 -1.25
N LEU A 73 -10.84 5.93 -1.41
CA LEU A 73 -11.79 6.04 -0.32
C LEU A 73 -12.57 4.73 -0.28
N ARG A 74 -12.66 4.10 0.88
CA ARG A 74 -13.40 2.85 1.00
C ARG A 74 -14.48 2.99 2.03
N VAL A 75 -15.64 2.38 1.77
CA VAL A 75 -16.72 2.30 2.73
C VAL A 75 -16.96 0.80 2.97
N ILE A 76 -16.73 0.32 4.18
CA ILE A 76 -16.86 -1.09 4.50
C ILE A 76 -18.03 -1.30 5.43
N ARG A 77 -19.03 -2.09 4.99
CA ARG A 77 -20.23 -2.32 5.77
C ARG A 77 -20.73 -3.72 5.55
N ASP A 78 -20.91 -4.49 6.64
CA ASP A 78 -21.45 -5.87 6.59
C ASP A 78 -20.64 -6.76 5.63
N GLY A 79 -19.33 -6.71 5.71
CA GLY A 79 -18.47 -7.50 4.85
C GLY A 79 -18.26 -6.98 3.44
N VAL A 80 -19.02 -5.96 3.02
CA VAL A 80 -18.92 -5.43 1.67
C VAL A 80 -18.06 -4.16 1.66
N THR A 81 -17.04 -4.15 0.79
CA THR A 81 -16.18 -2.99 0.64
C THR A 81 -16.48 -2.26 -0.68
N ARG A 82 -16.90 -1.00 -0.58
CA ARG A 82 -17.13 -0.16 -1.74
C ARG A 82 -15.90 0.73 -1.92
N ARG A 83 -15.24 0.65 -3.05
CA ARG A 83 -14.04 1.46 -3.31
C ARG A 83 -14.36 2.61 -4.21
N GLN A 84 -13.78 3.77 -3.93
CA GLN A 84 -13.99 4.95 -4.72
C GLN A 84 -12.73 5.71 -4.96
N GLN A 85 -12.64 6.23 -6.16
CA GLN A 85 -11.65 7.17 -6.58
C GLN A 85 -12.04 8.54 -6.01
N TRP A 86 -11.05 9.35 -5.57
CA TRP A 86 -11.38 10.69 -5.16
C TRP A 86 -10.35 11.67 -5.66
N SER A 87 -10.80 12.87 -5.95
CA SER A 87 -9.94 13.96 -6.40
C SER A 87 -10.33 15.25 -5.65
N GLY A 88 -9.42 16.21 -5.65
CA GLY A 88 -9.66 17.47 -4.97
C GLY A 88 -9.29 17.40 -3.50
N ARG A 89 -10.08 18.07 -2.67
CA ARG A 89 -9.80 18.18 -1.25
C ARG A 89 -10.16 16.91 -0.49
N PRO A 90 -9.27 16.45 0.41
CA PRO A 90 -9.59 15.25 1.19
C PRO A 90 -10.79 15.44 2.11
N GLY A 91 -11.00 16.65 2.60
CA GLY A 91 -12.14 17.01 3.44
C GLY A 91 -13.48 16.84 2.74
N ALA A 92 -13.51 17.15 1.43
CA ALA A 92 -14.75 17.00 0.66
C ALA A 92 -15.07 15.51 0.49
N ALA A 93 -14.05 14.67 0.22
CA ALA A 93 -14.24 13.23 0.07
C ALA A 93 -14.65 12.62 1.41
N LEU A 94 -14.00 13.03 2.51
CA LEU A 94 -14.32 12.51 3.84
C LEU A 94 -15.72 12.96 4.25
N GLY A 95 -16.01 14.24 4.09
CA GLY A 95 -17.30 14.82 4.44
C GLY A 95 -18.49 14.19 3.77
N GLU A 96 -18.39 13.93 2.46
CA GLU A 96 -19.47 13.29 1.71
C GLU A 96 -19.75 11.88 2.24
N ALA A 97 -18.69 11.10 2.52
CA ALA A 97 -18.84 9.75 3.04
C ALA A 97 -19.35 9.75 4.47
N VAL A 98 -18.86 10.65 5.32
CA VAL A 98 -19.28 10.71 6.71
C VAL A 98 -20.72 11.27 6.84
N ASP A 99 -21.14 12.18 5.96
CA ASP A 99 -22.53 12.71 5.98
C ASP A 99 -23.53 11.57 5.71
N ARG A 100 -23.18 10.65 4.80
CA ARG A 100 -23.97 9.46 4.48
C ARG A 100 -24.06 8.56 5.73
N LEU A 101 -22.95 8.36 6.46
CA LEU A 101 -22.96 7.61 7.72
C LEU A 101 -23.96 8.21 8.72
N LEU A 102 -23.92 9.56 8.88
CA LEU A 102 -24.74 10.28 9.84
C LEU A 102 -26.22 10.35 9.46
N LEU A 103 -26.58 9.97 8.23
CA LEU A 103 -28.00 9.84 7.86
C LEU A 103 -28.62 8.60 8.56
N GLU A 104 -27.81 7.59 8.93
CA GLU A 104 -28.27 6.36 9.57
C GLU A 104 -28.01 6.34 11.09
N THR A 105 -26.96 6.99 11.57
CA THR A 105 -26.60 7.02 12.99
C THR A 105 -26.37 8.46 13.46
N ASP A 106 -26.61 8.75 14.74
CA ASP A 106 -26.50 10.10 15.26
C ASP A 106 -25.06 10.60 15.37
N GLN A 107 -24.09 9.72 15.57
CA GLN A 107 -22.70 10.14 15.74
C GLN A 107 -21.71 9.22 15.03
N ALA A 108 -20.56 9.78 14.64
CA ALA A 108 -19.48 9.06 13.99
C ALA A 108 -18.16 9.46 14.66
N PHE A 109 -17.21 8.54 14.73
CA PHE A 109 -15.98 8.74 15.48
C PHE A 109 -14.78 8.25 14.69
N GLY A 110 -13.61 8.76 15.01
CA GLY A 110 -12.41 8.27 14.36
C GLY A 110 -11.21 9.12 14.57
N TRP A 111 -10.27 9.00 13.65
CA TRP A 111 -9.05 9.74 13.71
C TRP A 111 -8.67 10.25 12.34
N VAL A 112 -7.95 11.35 12.35
CA VAL A 112 -7.47 12.01 11.17
C VAL A 112 -5.94 12.05 11.26
N ALA A 113 -5.25 11.55 10.24
CA ALA A 113 -3.80 11.54 10.25
C ALA A 113 -3.24 12.93 10.00
N PHE A 114 -1.99 13.18 10.41
CA PHE A 114 -1.28 14.43 10.08
C PHE A 114 -1.27 14.64 8.54
N GLU A 115 -1.13 13.54 7.78
CA GLU A 115 -1.06 13.52 6.31
C GLU A 115 -2.33 14.05 5.63
N PHE A 116 -3.45 14.10 6.34
CA PHE A 116 -4.68 14.71 5.82
C PHE A 116 -4.46 16.24 5.54
N GLY A 117 -3.57 16.88 6.30
CA GLY A 117 -3.32 18.32 6.17
C GLY A 117 -2.27 18.75 5.16
N VAL A 118 -1.71 17.81 4.39
CA VAL A 118 -0.64 18.15 3.45
C VAL A 118 -1.18 18.62 2.07
N HIS A 119 -2.41 18.23 1.73
CA HIS A 119 -3.03 18.57 0.45
C HIS A 119 -3.26 20.08 0.29
N ARG A 120 -3.63 20.80 1.36
CA ARG A 120 -3.86 22.25 1.28
C ARG A 120 -2.57 23.00 0.89
N TYR A 121 -1.39 22.38 1.11
CA TYR A 121 -0.13 22.99 0.72
C TYR A 121 0.47 22.37 -0.58
N GLY A 122 -0.34 21.59 -1.31
CA GLY A 122 0.07 20.96 -2.56
C GLY A 122 1.18 19.93 -2.39
N LEU A 123 1.25 19.27 -1.21
CA LEU A 123 2.34 18.32 -0.95
C LEU A 123 1.93 16.85 -1.00
N GLN A 124 0.70 16.54 -1.46
CA GLN A 124 0.17 15.16 -1.48
C GLN A 124 0.97 14.22 -2.39
N GLN A 125 1.65 14.72 -3.41
CA GLN A 125 2.48 13.87 -4.29
C GLN A 125 3.64 13.19 -3.50
N ARG A 126 4.05 13.78 -2.37
CA ARG A 126 5.11 13.27 -1.50
C ARG A 126 4.62 12.11 -0.62
N LEU A 127 3.32 11.74 -0.69
CA LEU A 127 2.75 10.63 0.07
C LEU A 127 2.87 9.35 -0.70
N ALA A 128 3.41 8.30 -0.05
CA ALA A 128 3.47 6.97 -0.65
C ALA A 128 2.06 6.46 -0.93
N PRO A 129 1.86 5.54 -1.90
CA PRO A 129 0.50 5.00 -2.12
C PRO A 129 -0.03 4.33 -0.86
N HIS A 130 -1.35 4.33 -0.72
CA HIS A 130 -2.04 3.71 0.41
C HIS A 130 -1.73 4.42 1.74
N THR A 131 -1.43 5.72 1.70
CA THR A 131 -1.16 6.46 2.94
C THR A 131 -2.47 6.77 3.61
N PRO A 132 -2.66 6.29 4.86
CA PRO A 132 -3.91 6.61 5.57
C PRO A 132 -4.06 8.10 5.84
N LEU A 133 -5.25 8.65 5.56
CA LEU A 133 -5.55 10.06 5.85
C LEU A 133 -6.57 10.14 6.95
N ALA A 134 -7.56 9.22 6.98
CA ALA A 134 -8.59 9.25 8.02
C ALA A 134 -9.34 7.92 8.13
N ARG A 135 -9.79 7.62 9.33
CA ARG A 135 -10.60 6.44 9.62
C ARG A 135 -11.79 6.92 10.45
N VAL A 136 -13.01 6.86 9.90
CA VAL A 136 -14.19 7.33 10.62
C VAL A 136 -15.27 6.26 10.54
N PHE A 137 -15.85 5.90 11.68
CA PHE A 137 -16.88 4.85 11.68
C PHE A 137 -18.14 5.29 12.41
N SER A 138 -19.26 4.69 12.00
CA SER A 138 -20.49 4.85 12.75
C SER A 138 -20.59 3.63 13.68
N PRO A 139 -20.78 3.84 14.99
CA PRO A 139 -20.79 2.69 15.91
C PRO A 139 -22.13 1.95 15.91
N ARG A 140 -22.12 0.71 16.35
CA ARG A 140 -23.36 -0.05 16.51
C ARG A 140 -24.07 0.39 17.79
N THR A 141 -23.30 0.79 18.81
CA THR A 141 -23.80 1.15 20.12
C THR A 141 -22.97 2.28 20.69
N ARG A 142 -23.63 3.12 21.47
CA ARG A 142 -22.96 4.19 22.18
C ARG A 142 -23.33 4.14 23.64
N ILE A 143 -22.34 4.28 24.51
CA ILE A 143 -22.57 4.35 25.95
C ILE A 143 -21.96 5.65 26.42
N MET A 144 -22.76 6.56 26.95
CA MET A 144 -22.24 7.83 27.43
C MET A 144 -22.14 7.78 28.95
N VAL A 145 -20.94 8.02 29.48
CA VAL A 145 -20.70 7.98 30.92
C VAL A 145 -20.33 9.36 31.43
N SER A 146 -21.06 9.84 32.43
CA SER A 146 -20.79 11.13 33.06
C SER A 146 -21.00 11.00 34.57
N GLU A 147 -20.73 12.07 35.35
CA GLU A 147 -20.94 12.03 36.80
C GLU A 147 -22.41 11.75 37.16
N LYS A 148 -23.35 12.16 36.29
CA LYS A 148 -24.76 11.97 36.59
C LYS A 148 -25.31 10.59 36.18
N GLU A 149 -24.97 10.11 34.97
CA GLU A 149 -25.58 8.87 34.52
C GLU A 149 -24.79 8.14 33.43
N ILE A 150 -25.25 6.93 33.11
CA ILE A 150 -24.80 6.10 32.04
C ILE A 150 -25.96 6.03 31.06
N ARG A 151 -25.76 6.52 29.82
CA ARG A 151 -26.84 6.51 28.86
C ARG A 151 -26.51 5.54 27.73
N LEU A 152 -27.46 4.63 27.40
CA LEU A 152 -27.27 3.62 26.35
C LEU A 152 -28.01 3.98 25.07
N PHE A 153 -27.33 3.93 23.92
CA PHE A 153 -27.90 4.23 22.61
C PHE A 153 -27.74 3.02 21.69
N ASP A 154 -28.85 2.47 21.18
CA ASP A 154 -28.88 1.30 20.28
C ASP A 154 -28.15 0.11 20.90
N ALA A 155 -28.36 -0.10 22.20
CA ALA A 155 -27.70 -1.20 22.90
C ALA A 155 -28.58 -2.42 22.84
N GLY A 156 -28.09 -3.47 22.19
CA GLY A 156 -28.83 -4.73 22.07
C GLY A 156 -28.82 -5.51 23.37
N ILE A 157 -29.60 -6.60 23.44
CA ILE A 157 -29.73 -7.41 24.65
C ILE A 157 -28.38 -7.94 25.14
N ARG A 158 -27.56 -8.50 24.24
CA ARG A 158 -26.27 -9.06 24.60
C ARG A 158 -25.35 -7.98 25.23
N HIS A 159 -25.31 -6.77 24.64
CA HIS A 159 -24.56 -5.64 25.20
C HIS A 159 -25.14 -5.16 26.54
N ARG A 160 -26.47 -5.04 26.68
CA ARG A 160 -27.07 -4.61 27.95
C ARG A 160 -26.76 -5.60 29.05
N GLU A 161 -26.73 -6.90 28.77
CA GLU A 161 -26.40 -7.91 29.78
C GLU A 161 -24.93 -7.81 30.22
N ALA A 162 -24.03 -7.56 29.27
CA ALA A 162 -22.61 -7.40 29.54
C ALA A 162 -22.35 -6.17 30.43
N ILE A 163 -23.03 -5.06 30.16
CA ILE A 163 -22.93 -3.82 30.92
C ILE A 163 -23.39 -4.06 32.37
N ASP A 164 -24.55 -4.74 32.55
CA ASP A 164 -25.04 -5.03 33.89
C ASP A 164 -24.10 -5.95 34.66
N ARG A 165 -23.50 -6.93 33.97
CA ARG A 165 -22.56 -7.83 34.64
C ARG A 165 -21.32 -7.05 35.12
N LEU A 166 -20.81 -6.11 34.31
CA LEU A 166 -19.66 -5.27 34.66
C LEU A 166 -19.97 -4.35 35.84
N LEU A 167 -21.19 -3.79 35.85
CA LEU A 167 -21.65 -2.88 36.90
C LEU A 167 -21.86 -3.59 38.24
N ALA A 168 -22.23 -4.87 38.22
CA ALA A 168 -22.40 -5.63 39.46
C ALA A 168 -21.03 -5.91 40.16
N THR A 169 -19.91 -5.48 39.58
CA THR A 169 -18.60 -5.64 40.18
C THR A 169 -17.86 -4.28 40.24
N GLY A 170 -16.91 -4.17 41.15
CA GLY A 170 -16.07 -2.98 41.25
C GLY A 170 -15.07 -2.95 40.12
N VAL A 171 -14.58 -1.74 39.76
CA VAL A 171 -13.60 -1.59 38.70
C VAL A 171 -12.30 -2.31 39.10
N ARG A 172 -11.55 -2.81 38.12
CA ARG A 172 -10.32 -3.54 38.39
C ARG A 172 -9.29 -2.67 39.04
N GLU A 173 -8.40 -3.28 39.82
CA GLU A 173 -7.28 -2.56 40.40
C GLU A 173 -6.28 -2.27 39.28
N VAL A 174 -5.77 -1.04 39.21
CA VAL A 174 -4.76 -0.72 38.21
C VAL A 174 -3.44 -1.18 38.77
N PRO A 175 -2.75 -2.10 38.09
CA PRO A 175 -1.47 -2.59 38.63
C PRO A 175 -0.35 -1.56 38.56
N GLN A 176 0.79 -1.84 39.23
CA GLN A 176 1.95 -0.95 39.17
C GLN A 176 2.45 -0.83 37.72
N SER A 177 2.89 0.37 37.34
CA SER A 177 3.39 0.61 36.01
C SER A 177 4.80 0.03 35.79
N ARG A 178 5.20 -0.11 34.52
CA ARG A 178 6.51 -0.60 34.14
C ARG A 178 7.25 0.52 33.44
N SER A 179 8.48 0.79 33.86
CA SER A 179 9.28 1.87 33.32
C SER A 179 9.79 1.62 31.89
N VAL A 180 9.99 2.71 31.15
CA VAL A 180 10.53 2.66 29.80
C VAL A 180 11.71 3.61 29.68
N ASP A 181 12.74 3.18 28.96
CA ASP A 181 13.92 4.00 28.73
C ASP A 181 13.70 4.90 27.53
N VAL A 182 13.75 6.23 27.72
CA VAL A 182 13.58 7.19 26.64
C VAL A 182 14.87 7.97 26.34
N SER A 183 16.02 7.59 26.95
CA SER A 183 17.29 8.33 26.82
C SER A 183 18.02 8.07 25.50
N ASP A 184 17.68 7.00 24.78
CA ASP A 184 18.36 6.68 23.52
C ASP A 184 17.82 7.55 22.37
N ASP A 185 18.61 7.72 21.32
CA ASP A 185 18.21 8.52 20.17
C ASP A 185 18.48 7.76 18.85
N PRO A 186 17.79 6.63 18.60
CA PRO A 186 18.06 5.86 17.36
C PRO A 186 17.65 6.58 16.06
N SER A 187 16.71 7.52 16.10
CA SER A 187 16.29 8.24 14.89
C SER A 187 17.08 9.53 14.62
N GLY A 188 18.07 9.83 15.46
CA GLY A 188 18.93 11.01 15.28
C GLY A 188 18.20 12.34 15.37
N PHE A 189 17.30 12.47 16.35
CA PHE A 189 16.55 13.69 16.66
C PHE A 189 17.49 14.88 16.84
N ARG A 190 18.59 14.70 17.59
CA ARG A 190 19.57 15.76 17.84
C ARG A 190 20.16 16.27 16.54
N ARG A 191 20.49 15.35 15.62
CA ARG A 191 21.06 15.69 14.32
C ARG A 191 20.00 16.39 13.44
N ARG A 192 18.75 15.87 13.40
CA ARG A 192 17.68 16.46 12.60
C ARG A 192 17.28 17.87 13.10
N VAL A 193 17.41 18.14 14.42
CA VAL A 193 17.15 19.45 15.00
C VAL A 193 18.25 20.43 14.50
N ALA A 194 19.51 20.00 14.47
CA ALA A 194 20.61 20.85 14.00
C ALA A 194 20.40 21.25 12.54
N VAL A 195 19.86 20.37 11.71
CA VAL A 195 19.59 20.68 10.31
C VAL A 195 18.48 21.74 10.24
N ALA A 196 17.41 21.58 11.04
CA ALA A 196 16.30 22.53 11.08
C ALA A 196 16.79 23.91 11.53
N VAL A 197 17.64 23.99 12.57
CA VAL A 197 18.21 25.23 13.08
C VAL A 197 18.96 25.98 11.94
N ASP A 198 19.77 25.25 11.15
CA ASP A 198 20.51 25.82 10.03
C ASP A 198 19.55 26.37 8.95
N GLU A 199 18.47 25.64 8.67
CA GLU A 199 17.48 26.07 7.68
C GLU A 199 16.76 27.35 8.15
N ILE A 200 16.46 27.44 9.45
CA ILE A 200 15.79 28.60 10.03
C ILE A 200 16.73 29.80 9.97
N ALA A 201 18.01 29.59 10.31
CA ALA A 201 19.03 30.64 10.25
C ALA A 201 19.19 31.18 8.82
N ALA A 202 19.00 30.32 7.81
CA ALA A 202 19.06 30.73 6.41
C ALA A 202 17.75 31.42 5.90
N GLY A 203 16.75 31.56 6.76
CA GLY A 203 15.49 32.21 6.47
C GLY A 203 14.44 31.39 5.74
N ARG A 204 14.60 30.06 5.68
CA ARG A 204 13.65 29.20 4.98
C ARG A 204 12.28 29.23 5.64
N TYR A 205 12.26 29.20 6.97
CA TYR A 205 11.04 29.25 7.80
C TYR A 205 11.42 29.73 9.21
N HIS A 206 10.42 30.02 10.03
CA HIS A 206 10.62 30.54 11.38
C HIS A 206 10.61 29.44 12.45
N LYS A 207 9.74 28.42 12.27
CA LYS A 207 9.63 27.36 13.27
C LYS A 207 9.15 26.05 12.65
N VAL A 208 9.55 24.94 13.23
CA VAL A 208 9.10 23.62 12.78
C VAL A 208 9.07 22.72 14.01
N ILE A 209 8.07 21.86 14.10
CA ILE A 209 8.00 20.90 15.19
C ILE A 209 8.59 19.57 14.66
N LEU A 210 9.66 19.09 15.29
CA LEU A 210 10.25 17.79 14.97
C LEU A 210 10.00 16.88 16.15
N SER A 211 9.96 15.57 15.89
CA SER A 211 9.62 14.61 16.92
C SER A 211 10.48 13.33 16.86
N ARG A 212 10.28 12.42 17.81
CA ARG A 212 10.97 11.15 17.81
C ARG A 212 10.06 10.08 18.39
N CYS A 213 10.17 8.87 17.84
CA CYS A 213 9.44 7.73 18.38
C CYS A 213 10.28 7.09 19.45
N VAL A 214 9.63 6.57 20.47
CA VAL A 214 10.29 5.80 21.51
C VAL A 214 9.60 4.46 21.54
N GLU A 215 10.33 3.40 21.23
CA GLU A 215 9.76 2.06 21.22
C GLU A 215 9.54 1.58 22.62
N VAL A 216 8.38 0.93 22.87
CA VAL A 216 8.09 0.35 24.17
C VAL A 216 8.37 -1.13 24.02
N PRO A 217 9.34 -1.69 24.75
CA PRO A 217 9.71 -3.10 24.52
C PRO A 217 8.74 -4.15 25.07
N PHE A 218 7.57 -3.74 25.56
CA PHE A 218 6.57 -4.69 26.07
C PHE A 218 5.17 -4.28 25.64
N ALA A 219 4.25 -5.24 25.59
CA ALA A 219 2.85 -4.95 25.28
C ALA A 219 2.20 -4.22 26.46
N ILE A 220 1.48 -3.15 26.16
CA ILE A 220 0.78 -2.28 27.10
C ILE A 220 -0.71 -2.66 27.20
N ASP A 221 -1.27 -2.64 28.43
CA ASP A 221 -2.72 -2.76 28.57
C ASP A 221 -3.23 -1.34 28.36
N PHE A 222 -3.83 -1.08 27.22
CA PHE A 222 -4.28 0.25 26.85
C PHE A 222 -5.35 0.80 27.77
N PRO A 223 -6.47 0.12 28.05
CA PRO A 223 -7.47 0.73 28.95
C PRO A 223 -6.94 0.94 30.38
N LEU A 224 -6.07 0.06 30.93
CA LEU A 224 -5.55 0.26 32.28
C LEU A 224 -4.54 1.42 32.32
N THR A 225 -3.69 1.54 31.28
CA THR A 225 -2.74 2.66 31.13
C THR A 225 -3.56 3.95 30.99
N TYR A 226 -4.63 3.92 30.18
CA TYR A 226 -5.52 5.07 30.03
C TYR A 226 -6.03 5.57 31.42
N ARG A 227 -6.47 4.63 32.27
CA ARG A 227 -7.00 4.97 33.59
C ARG A 227 -5.92 5.61 34.47
N LEU A 228 -4.72 5.01 34.52
CA LEU A 228 -3.62 5.51 35.36
C LEU A 228 -3.18 6.90 34.94
N GLY A 229 -3.08 7.14 33.63
CA GLY A 229 -2.68 8.44 33.13
C GLY A 229 -3.75 9.49 33.33
N ARG A 230 -5.02 9.10 33.21
CA ARG A 230 -6.14 10.02 33.38
C ARG A 230 -6.35 10.46 34.85
N ARG A 231 -5.80 9.71 35.82
CA ARG A 231 -5.90 10.09 37.22
C ARG A 231 -5.13 11.38 37.55
N HIS A 232 -4.02 11.59 36.86
CA HIS A 232 -3.12 12.70 37.11
C HIS A 232 -3.39 13.91 36.16
N ASN A 233 -4.00 13.66 34.99
CA ASN A 233 -4.24 14.70 34.00
C ASN A 233 -5.69 15.06 33.84
N THR A 234 -5.95 16.34 33.58
CA THR A 234 -7.31 16.81 33.29
C THR A 234 -7.23 17.45 31.90
N PRO A 235 -7.04 16.68 30.81
CA PRO A 235 -6.79 17.32 29.50
C PRO A 235 -8.03 17.93 28.88
N VAL A 236 -7.79 18.68 27.81
CA VAL A 236 -8.82 19.32 26.99
C VAL A 236 -9.83 18.25 26.49
N ARG A 237 -9.28 17.12 26.06
CA ARG A 237 -9.98 15.93 25.56
C ARG A 237 -9.10 14.71 25.81
N SER A 238 -9.68 13.52 25.82
CA SER A 238 -8.90 12.29 25.89
C SER A 238 -9.57 11.20 25.04
N PHE A 239 -8.82 10.14 24.73
CA PHE A 239 -9.36 9.05 23.94
C PHE A 239 -8.62 7.76 24.25
N LEU A 240 -9.29 6.67 23.93
CA LEU A 240 -8.83 5.30 24.07
C LEU A 240 -9.53 4.52 22.96
N LEU A 241 -8.77 3.86 22.08
CA LEU A 241 -9.38 3.18 20.96
C LEU A 241 -8.72 1.86 20.60
N GLN A 242 -9.49 1.00 19.95
CA GLN A 242 -9.03 -0.22 19.32
C GLN A 242 -9.78 -0.28 18.02
N LEU A 243 -9.13 0.12 16.95
CA LEU A 243 -9.81 0.27 15.68
C LEU A 243 -8.95 -0.11 14.49
N GLY A 244 -9.42 -1.11 13.72
CA GLY A 244 -8.73 -1.56 12.52
C GLY A 244 -7.30 -1.99 12.74
N GLY A 245 -7.05 -2.70 13.83
CA GLY A 245 -5.69 -3.14 14.17
C GLY A 245 -4.83 -2.11 14.89
N ILE A 246 -5.37 -0.92 15.16
CA ILE A 246 -4.62 0.11 15.89
C ILE A 246 -5.15 0.25 17.31
N ARG A 247 -4.28 0.20 18.30
CA ARG A 247 -4.65 0.56 19.66
C ARG A 247 -4.00 1.90 19.95
N ALA A 248 -4.75 2.84 20.54
CA ALA A 248 -4.19 4.13 20.88
C ALA A 248 -4.91 4.77 22.06
N LEU A 249 -4.20 5.61 22.79
CA LEU A 249 -4.74 6.38 23.89
C LEU A 249 -4.00 7.71 23.91
N GLY A 250 -4.61 8.73 24.47
CA GLY A 250 -3.95 10.02 24.59
C GLY A 250 -4.72 11.04 25.38
N TYR A 251 -4.00 12.08 25.83
CA TYR A 251 -4.49 13.22 26.59
C TYR A 251 -4.19 14.42 25.73
N SER A 252 -5.19 14.86 24.99
CA SER A 252 -5.06 15.97 24.05
CA SER A 252 -5.05 15.95 24.04
C SER A 252 -4.84 17.29 24.72
N PRO A 253 -3.73 17.95 24.39
CA PRO A 253 -3.47 19.26 25.02
C PRO A 253 -4.10 20.41 24.25
N GLU A 254 -4.89 20.16 23.21
CA GLU A 254 -5.38 21.24 22.38
C GLU A 254 -6.59 20.86 21.58
N LEU A 255 -7.54 21.77 21.46
CA LEU A 255 -8.71 21.59 20.63
C LEU A 255 -8.41 22.18 19.24
N VAL A 256 -8.33 21.34 18.21
CA VAL A 256 -8.06 21.82 16.85
C VAL A 256 -9.28 22.60 16.35
N THR A 257 -10.48 22.00 16.43
CA THR A 257 -11.71 22.62 15.98
C THR A 257 -12.91 22.03 16.65
N ALA A 258 -13.88 22.88 17.00
CA ALA A 258 -15.17 22.43 17.45
C ALA A 258 -16.20 23.19 16.64
N VAL A 259 -17.11 22.49 15.99
CA VAL A 259 -18.19 23.11 15.22
C VAL A 259 -19.49 22.73 15.91
N ARG A 260 -20.35 23.71 16.25
CA ARG A 260 -21.63 23.40 16.88
C ARG A 260 -22.77 23.37 15.85
N ALA A 261 -23.92 22.74 16.21
CA ALA A 261 -25.09 22.70 15.34
C ALA A 261 -25.59 24.10 14.99
N ASP A 262 -25.43 25.08 15.92
CA ASP A 262 -25.86 26.46 15.66
C ASP A 262 -24.88 27.25 14.76
N GLY A 263 -23.81 26.62 14.28
CA GLY A 263 -22.86 27.28 13.39
C GLY A 263 -21.63 27.87 14.04
N VAL A 264 -21.56 27.92 15.38
CA VAL A 264 -20.38 28.49 16.04
C VAL A 264 -19.17 27.55 15.87
N VAL A 265 -18.05 28.10 15.37
CA VAL A 265 -16.80 27.37 15.18
C VAL A 265 -15.79 27.91 16.20
N ILE A 266 -15.08 27.00 16.90
CA ILE A 266 -14.06 27.39 17.87
C ILE A 266 -12.73 26.67 17.58
N THR A 267 -11.62 27.35 17.87
CA THR A 267 -10.29 26.76 17.79
C THR A 267 -9.50 27.34 18.97
N GLU A 268 -8.73 26.49 19.67
CA GLU A 268 -8.01 26.97 20.86
C GLU A 268 -6.52 26.64 20.83
N PRO A 269 -5.73 27.38 20.03
CA PRO A 269 -4.29 27.12 20.00
C PRO A 269 -3.62 27.50 21.31
N LEU A 270 -2.65 26.69 21.67
CA LEU A 270 -1.83 26.92 22.83
C LEU A 270 -0.46 27.40 22.40
N ALA A 271 0.28 27.98 23.32
CA ALA A 271 1.65 28.41 23.07
C ALA A 271 2.35 28.57 24.40
N GLY A 272 2.78 27.44 24.95
CA GLY A 272 3.44 27.41 26.25
C GLY A 272 2.75 26.45 27.20
N GLY A 279 5.19 22.33 43.47
CA GLY A 279 4.46 22.82 44.63
C GLY A 279 3.57 24.01 44.34
N PRO A 280 2.86 24.54 45.33
CA PRO A 280 1.97 25.70 45.08
C PRO A 280 2.73 26.98 44.74
N ALA A 281 3.87 27.21 45.40
CA ALA A 281 4.71 28.37 45.14
C ALA A 281 5.51 28.17 43.85
N ILE A 282 5.92 26.92 43.54
CA ILE A 282 6.65 26.61 42.33
C ILE A 282 5.74 26.69 41.09
N ASP A 283 4.47 26.30 41.24
CA ASP A 283 3.47 26.36 40.16
C ASP A 283 3.05 27.79 39.88
N ARG A 284 2.96 28.63 40.94
CA ARG A 284 2.60 30.04 40.78
C ARG A 284 3.73 30.80 40.07
N LEU A 285 4.99 30.43 40.33
CA LEU A 285 6.15 31.06 39.69
C LEU A 285 6.20 30.68 38.21
N ALA A 286 5.86 29.42 37.89
CA ALA A 286 5.80 28.92 36.51
C ALA A 286 4.69 29.61 35.73
N ARG A 287 3.55 29.92 36.40
CA ARG A 287 2.42 30.62 35.81
C ARG A 287 2.81 32.06 35.46
N ASP A 288 3.58 32.72 36.34
CA ASP A 288 4.05 34.08 36.13
C ASP A 288 5.02 34.16 34.94
N ASP A 289 5.84 33.12 34.74
CA ASP A 289 6.78 33.07 33.63
C ASP A 289 6.03 32.81 32.33
N LEU A 290 5.03 31.93 32.37
CA LEU A 290 4.18 31.59 31.23
C LEU A 290 3.47 32.85 30.69
N GLU A 291 3.08 33.78 31.57
CA GLU A 291 2.37 35.00 31.20
C GLU A 291 3.31 36.17 30.83
N SER A 292 4.63 36.04 31.05
CA SER A 292 5.55 37.13 30.75
C SER A 292 6.66 36.78 29.74
N ASN A 293 6.79 35.50 29.37
CA ASN A 293 7.81 35.04 28.43
C ASN A 293 7.65 35.69 27.07
N SER A 294 8.56 36.58 26.70
CA SER A 294 8.52 37.29 25.41
C SER A 294 8.49 36.36 24.21
N LYS A 295 9.35 35.33 24.17
CA LYS A 295 9.38 34.39 23.05
C LYS A 295 8.05 33.65 22.90
N GLU A 296 7.42 33.26 24.01
CA GLU A 296 6.15 32.57 23.96
C GLU A 296 5.02 33.52 23.54
N ILE A 297 5.07 34.80 24.00
CA ILE A 297 4.07 35.80 23.65
C ILE A 297 4.12 36.10 22.14
N VAL A 298 5.33 36.34 21.56
CA VAL A 298 5.47 36.61 20.12
C VAL A 298 4.91 35.47 19.29
N GLU A 299 5.28 34.21 19.61
CA GLU A 299 4.80 33.05 18.87
C GLU A 299 3.31 32.88 19.02
N HIS A 300 2.77 33.14 20.22
CA HIS A 300 1.34 33.04 20.43
C HIS A 300 0.59 34.07 19.59
N ALA A 301 1.10 35.31 19.50
CA ALA A 301 0.44 36.34 18.70
C ALA A 301 0.41 35.94 17.23
N ILE A 302 1.54 35.39 16.70
CA ILE A 302 1.64 34.93 15.31
C ILE A 302 0.67 33.78 15.08
N SER A 303 0.63 32.83 16.03
CA SER A 303 -0.25 31.67 15.94
C SER A 303 -1.73 32.11 15.96
N VAL A 304 -2.12 33.04 16.87
CA VAL A 304 -3.49 33.55 16.95
C VAL A 304 -3.84 34.25 15.62
N ARG A 305 -2.92 35.05 15.09
CA ARG A 305 -3.12 35.69 13.79
C ARG A 305 -3.30 34.65 12.64
N SER A 306 -2.53 33.55 12.67
CA SER A 306 -2.67 32.45 11.70
C SER A 306 -4.05 31.77 11.83
N SER A 307 -4.49 31.46 13.06
CA SER A 307 -5.82 30.88 13.32
C SER A 307 -6.92 31.78 12.79
N LEU A 308 -6.80 33.11 13.03
CA LEU A 308 -7.77 34.08 12.58
C LEU A 308 -7.81 34.16 11.05
N GLU A 309 -6.66 34.19 10.37
CA GLU A 309 -6.64 34.24 8.91
C GLU A 309 -7.25 32.98 8.31
N GLU A 310 -6.98 31.82 8.92
CA GLU A 310 -7.50 30.55 8.45
C GLU A 310 -9.01 30.41 8.65
N ILE A 311 -9.52 30.74 9.85
CA ILE A 311 -10.95 30.62 10.19
C ILE A 311 -11.79 31.58 9.33
N THR A 312 -11.21 32.70 8.87
CA THR A 312 -11.91 33.70 8.07
C THR A 312 -12.29 33.13 6.68
N ASP A 313 -11.54 32.16 6.15
CA ASP A 313 -11.83 31.56 4.84
C ASP A 313 -13.09 30.68 4.85
N ILE A 314 -13.55 30.23 6.03
CA ILE A 314 -14.76 29.40 6.14
C ILE A 314 -15.89 30.11 6.93
N ALA A 315 -15.62 31.29 7.48
CA ALA A 315 -16.56 31.99 8.33
C ALA A 315 -17.39 33.02 7.59
N GLU A 316 -18.55 33.39 8.18
CA GLU A 316 -19.36 34.53 7.75
C GLU A 316 -18.52 35.77 7.89
N PRO A 317 -18.50 36.66 6.88
CA PRO A 317 -17.68 37.88 7.00
C PRO A 317 -17.97 38.69 8.27
N GLY A 318 -16.91 39.07 8.98
CA GLY A 318 -17.00 39.85 10.21
C GLY A 318 -17.32 39.08 11.49
N SER A 319 -17.43 37.75 11.40
CA SER A 319 -17.76 36.94 12.58
C SER A 319 -16.53 36.41 13.34
N ALA A 320 -15.33 36.42 12.72
CA ALA A 320 -14.12 35.90 13.37
C ALA A 320 -13.60 36.87 14.47
N ALA A 321 -13.33 36.32 15.68
CA ALA A 321 -12.87 37.12 16.82
C ALA A 321 -12.08 36.29 17.84
N VAL A 322 -11.21 36.95 18.62
CA VAL A 322 -10.48 36.29 19.70
C VAL A 322 -11.27 36.57 20.96
N ILE A 323 -11.88 35.56 21.58
CA ILE A 323 -12.74 35.80 22.76
C ILE A 323 -12.01 35.59 24.10
N ASP A 324 -10.94 34.86 24.11
CA ASP A 324 -10.11 34.70 25.29
C ASP A 324 -8.73 34.83 24.76
N PHE A 325 -8.03 35.87 25.14
CA PHE A 325 -6.70 36.11 24.60
C PHE A 325 -5.63 35.91 25.67
N MET A 326 -4.70 34.97 25.42
CA MET A 326 -3.54 34.66 26.27
C MET A 326 -3.87 34.41 27.77
N THR A 327 -4.65 33.38 28.07
CA THR A 327 -4.97 33.04 29.46
C THR A 327 -4.48 31.63 29.78
N VAL A 328 -4.23 31.42 31.07
CA VAL A 328 -3.75 30.14 31.55
C VAL A 328 -4.90 29.18 31.81
N ARG A 329 -4.75 27.95 31.36
CA ARG A 329 -5.74 26.92 31.58
C ARG A 329 -5.05 25.78 32.29
N GLU A 330 -5.59 25.41 33.45
CA GLU A 330 -5.01 24.34 34.23
C GLU A 330 -5.62 23.01 33.88
N ARG A 331 -4.77 22.08 33.50
CA ARG A 331 -5.18 20.75 33.12
C ARG A 331 -4.65 19.69 34.12
N GLY A 332 -4.67 20.02 35.41
CA GLY A 332 -4.22 19.09 36.44
C GLY A 332 -2.71 19.04 36.62
N SER A 333 -2.01 18.18 35.84
CA SER A 333 -0.54 18.11 35.93
C SER A 333 0.17 19.06 34.93
N VAL A 334 -0.58 19.80 34.08
CA VAL A 334 0.02 20.73 33.12
C VAL A 334 -0.79 22.03 33.03
N GLN A 335 -0.11 23.19 32.96
CA GLN A 335 -0.80 24.47 32.80
C GLN A 335 -0.41 25.06 31.44
N HIS A 336 -1.42 25.45 30.64
CA HIS A 336 -1.15 25.96 29.29
C HIS A 336 -1.51 27.43 29.08
N LEU A 337 -0.73 28.19 28.29
CA LEU A 337 -1.11 29.54 27.88
C LEU A 337 -1.83 29.40 26.54
N GLY A 338 -3.04 29.94 26.42
CA GLY A 338 -3.81 29.79 25.19
C GLY A 338 -4.84 30.86 24.90
N SER A 339 -5.45 30.77 23.71
CA SER A 339 -6.47 31.71 23.24
C SER A 339 -7.61 30.98 22.58
N THR A 340 -8.80 31.56 22.56
CA THR A 340 -9.95 30.96 21.90
C THR A 340 -10.37 31.85 20.72
N ILE A 341 -10.31 31.30 19.50
CA ILE A 341 -10.70 31.99 18.29
C ILE A 341 -12.08 31.45 17.90
N ARG A 342 -13.05 32.33 17.75
CA ARG A 342 -14.42 31.96 17.44
C ARG A 342 -14.88 32.60 16.12
N ALA A 343 -15.81 31.96 15.44
CA ALA A 343 -16.40 32.48 14.20
C ALA A 343 -17.76 31.77 13.94
N ARG A 344 -18.53 32.22 12.95
CA ARG A 344 -19.77 31.55 12.57
C ARG A 344 -19.50 30.90 11.21
N LEU A 345 -19.83 29.61 11.07
CA LEU A 345 -19.60 28.89 9.83
C LEU A 345 -20.44 29.49 8.71
N ASP A 346 -19.79 29.87 7.59
CA ASP A 346 -20.50 30.47 6.48
C ASP A 346 -21.46 29.47 5.85
N PRO A 347 -22.67 29.90 5.38
CA PRO A 347 -23.58 28.92 4.75
C PRO A 347 -22.97 28.18 3.55
N SER A 348 -22.02 28.83 2.83
CA SER A 348 -21.31 28.23 1.69
C SER A 348 -20.19 27.25 2.11
N SER A 349 -19.91 27.13 3.41
CA SER A 349 -18.86 26.24 3.91
C SER A 349 -19.47 25.08 4.73
N ASP A 350 -18.63 24.15 5.21
CA ASP A 350 -19.09 23.01 6.00
C ASP A 350 -18.06 22.66 7.11
N ARG A 351 -18.41 21.75 8.04
CA ARG A 351 -17.52 21.38 9.14
C ARG A 351 -16.20 20.74 8.66
N MET A 352 -16.20 20.03 7.51
CA MET A 352 -14.95 19.45 7.00
C MET A 352 -14.04 20.52 6.43
N ALA A 353 -14.62 21.55 5.79
CA ALA A 353 -13.84 22.66 5.29
C ALA A 353 -13.25 23.45 6.48
N ALA A 354 -13.98 23.54 7.61
CA ALA A 354 -13.51 24.23 8.81
C ALA A 354 -12.30 23.46 9.39
N LEU A 355 -12.41 22.12 9.44
CA LEU A 355 -11.31 21.26 9.91
C LEU A 355 -10.10 21.41 8.98
N GLU A 356 -10.31 21.37 7.66
CA GLU A 356 -9.24 21.56 6.69
C GLU A 356 -8.56 22.91 6.78
N ALA A 357 -9.34 23.96 7.08
CA ALA A 357 -8.80 25.30 7.22
C ALA A 357 -7.92 25.40 8.46
N LEU A 358 -8.20 24.65 9.53
CA LEU A 358 -7.46 24.76 10.78
C LEU A 358 -6.49 23.58 11.04
N PHE A 359 -6.31 22.68 10.05
CA PHE A 359 -5.47 21.50 10.18
C PHE A 359 -4.36 21.56 9.15
N PRO A 360 -3.12 21.17 9.49
CA PRO A 360 -2.67 20.75 10.83
C PRO A 360 -2.48 21.93 11.77
N ALA A 361 -2.47 21.67 13.08
CA ALA A 361 -2.29 22.72 14.07
C ALA A 361 -0.88 23.34 13.95
N VAL A 362 -0.70 24.62 14.33
CA VAL A 362 0.63 25.26 14.34
C VAL A 362 1.55 24.45 15.30
N THR A 363 1.00 24.00 16.44
CA THR A 363 1.66 23.17 17.45
C THR A 363 2.17 21.83 16.87
N ALA A 364 1.56 21.35 15.79
CA ALA A 364 1.95 20.10 15.13
C ALA A 364 2.86 20.32 13.91
N SER A 365 2.99 21.56 13.43
CA SER A 365 3.67 21.81 12.17
C SER A 365 4.77 22.88 12.28
N GLY A 366 4.42 24.16 12.30
CA GLY A 366 5.40 25.24 12.37
C GLY A 366 4.93 26.50 11.69
N ILE A 367 5.85 27.49 11.53
CA ILE A 367 5.54 28.79 10.93
C ILE A 367 6.60 29.18 9.90
N PRO A 368 6.23 29.56 8.67
CA PRO A 368 4.89 29.46 8.08
C PRO A 368 4.47 27.97 8.04
N LYS A 369 3.17 27.69 8.20
CA LYS A 369 2.67 26.33 8.23
C LYS A 369 3.08 25.48 7.02
N ALA A 370 2.94 25.99 5.77
CA ALA A 370 3.34 25.27 4.56
C ALA A 370 4.82 24.84 4.60
N ALA A 371 5.70 25.75 5.07
CA ALA A 371 7.13 25.47 5.14
C ALA A 371 7.46 24.46 6.23
N GLY A 372 6.76 24.55 7.35
CA GLY A 372 6.91 23.63 8.47
C GLY A 372 6.49 22.23 8.06
N VAL A 373 5.36 22.11 7.34
CA VAL A 373 4.86 20.81 6.87
C VAL A 373 5.85 20.19 5.88
N GLU A 374 6.38 21.00 4.95
CA GLU A 374 7.36 20.54 3.98
C GLU A 374 8.63 20.06 4.69
N ALA A 375 9.13 20.82 5.69
CA ALA A 375 10.32 20.46 6.44
C ALA A 375 10.12 19.18 7.26
N ILE A 376 8.88 18.90 7.71
CA ILE A 376 8.55 17.67 8.44
C ILE A 376 8.70 16.42 7.53
N PHE A 377 8.36 16.53 6.24
CA PHE A 377 8.56 15.43 5.28
C PHE A 377 10.03 15.02 5.17
N ARG A 378 10.94 15.99 5.30
CA ARG A 378 12.37 15.73 5.15
C ARG A 378 13.10 15.45 6.45
N LEU A 379 12.65 16.07 7.55
CA LEU A 379 13.38 16.00 8.80
C LEU A 379 12.69 15.20 9.90
N ASP A 380 11.53 14.61 9.65
CA ASP A 380 10.84 13.76 10.63
C ASP A 380 10.51 12.38 10.05
N GLU A 381 10.25 11.37 10.91
CA GLU A 381 9.86 10.04 10.45
C GLU A 381 8.43 10.14 9.89
N CYS A 382 8.28 9.89 8.60
CA CYS A 382 6.99 10.03 7.93
C CYS A 382 6.58 8.69 7.29
N PRO A 383 5.27 8.38 7.26
CA PRO A 383 4.15 9.22 7.72
C PRO A 383 4.05 9.27 9.24
N ARG A 384 3.54 10.37 9.78
CA ARG A 384 3.31 10.50 11.22
C ARG A 384 2.06 9.71 11.67
N GLY A 385 1.08 9.59 10.80
CA GLY A 385 -0.16 8.89 11.12
C GLY A 385 -0.97 9.64 12.16
N LEU A 386 -1.38 8.95 13.22
CA LEU A 386 -2.17 9.55 14.29
C LEU A 386 -1.42 10.69 15.01
N TYR A 387 -0.10 10.55 15.20
CA TYR A 387 0.68 11.60 15.88
C TYR A 387 0.59 12.93 15.16
N SER A 388 0.21 13.96 15.94
CA SER A 388 0.00 15.36 15.54
C SER A 388 -1.22 15.50 14.56
N GLY A 389 -2.03 14.45 14.45
CA GLY A 389 -3.29 14.50 13.73
C GLY A 389 -4.38 14.83 14.74
N ALA A 390 -5.58 14.29 14.54
CA ALA A 390 -6.69 14.56 15.46
C ALA A 390 -7.54 13.33 15.72
N VAL A 391 -8.22 13.29 16.86
CA VAL A 391 -9.24 12.27 17.15
C VAL A 391 -10.54 13.05 17.09
N VAL A 392 -11.54 12.54 16.34
CA VAL A 392 -12.75 13.30 16.07
C VAL A 392 -14.04 12.60 16.48
N MET A 393 -15.03 13.43 16.78
CA MET A 393 -16.41 13.06 17.08
C MET A 393 -17.31 13.94 16.20
N LEU A 394 -18.13 13.34 15.33
CA LEU A 394 -19.06 14.09 14.48
C LEU A 394 -20.50 13.75 14.82
N SER A 395 -21.44 14.69 14.63
CA SER A 395 -22.85 14.45 14.95
CA SER A 395 -22.85 14.40 14.92
C SER A 395 -23.75 14.76 13.73
N ALA A 396 -24.91 14.10 13.63
CA ALA A 396 -25.85 14.28 12.52
C ALA A 396 -26.37 15.71 12.43
N ASP A 397 -26.44 16.43 13.55
CA ASP A 397 -26.89 17.83 13.52
C ASP A 397 -25.82 18.82 13.00
N GLY A 398 -24.67 18.32 12.55
CA GLY A 398 -23.60 19.16 12.01
C GLY A 398 -22.42 19.39 12.93
N GLY A 399 -22.45 18.81 14.12
CA GLY A 399 -21.38 18.98 15.08
C GLY A 399 -20.09 18.31 14.69
N LEU A 400 -18.98 18.88 15.20
CA LEU A 400 -17.64 18.35 15.00
C LEU A 400 -16.82 18.67 16.23
N ASP A 401 -16.04 17.72 16.71
CA ASP A 401 -15.13 17.97 17.80
C ASP A 401 -13.83 17.27 17.45
N ALA A 402 -12.73 18.05 17.29
CA ALA A 402 -11.44 17.47 16.87
C ALA A 402 -10.35 17.85 17.82
N ALA A 403 -9.80 16.84 18.52
CA ALA A 403 -8.75 17.05 19.52
C ALA A 403 -7.38 16.77 18.92
N LEU A 404 -6.39 17.63 19.16
CA LEU A 404 -5.03 17.42 18.67
C LEU A 404 -4.35 16.20 19.34
N THR A 405 -3.83 15.25 18.53
CA THR A 405 -3.19 14.06 19.07
C THR A 405 -1.71 14.23 19.33
N LEU A 406 -1.41 14.60 20.56
CA LEU A 406 -0.10 14.68 21.19
C LEU A 406 -0.30 14.01 22.57
N ARG A 407 0.81 13.61 23.23
CA ARG A 407 0.78 12.91 24.53
C ARG A 407 -0.06 11.62 24.39
N ALA A 408 0.31 10.80 23.41
CA ALA A 408 -0.40 9.58 23.05
C ALA A 408 0.54 8.36 22.94
N ALA A 409 -0.03 7.16 23.09
CA ALA A 409 0.69 5.87 22.97
C ALA A 409 0.01 5.06 21.86
N TYR A 410 0.76 4.25 21.10
CA TYR A 410 0.20 3.51 19.96
C TYR A 410 0.68 2.10 19.89
N GLN A 411 -0.15 1.22 19.32
CA GLN A 411 0.20 -0.16 19.08
C GLN A 411 -0.39 -0.61 17.77
N VAL A 412 0.47 -1.03 16.84
CA VAL A 412 0.08 -1.51 15.52
C VAL A 412 0.94 -2.71 15.22
N GLY A 413 0.32 -3.85 14.99
CA GLY A 413 0.97 -5.11 14.64
C GLY A 413 2.30 -5.52 15.25
N GLY A 414 2.31 -5.70 16.57
CA GLY A 414 3.54 -6.13 17.25
C GLY A 414 4.40 -4.98 17.76
N ARG A 415 4.20 -3.77 17.23
CA ARG A 415 4.97 -2.60 17.64
C ARG A 415 4.17 -1.66 18.56
N THR A 416 4.76 -1.33 19.70
CA THR A 416 4.18 -0.38 20.66
C THR A 416 5.14 0.80 20.78
N TRP A 417 4.64 2.04 20.73
CA TRP A 417 5.54 3.18 20.80
C TRP A 417 4.85 4.45 21.29
N LEU A 418 5.68 5.37 21.74
CA LEU A 418 5.35 6.73 22.14
C LEU A 418 5.95 7.69 21.11
N ARG A 419 5.48 8.93 21.08
CA ARG A 419 6.06 9.91 20.18
C ARG A 419 5.93 11.30 20.78
N ALA A 420 7.02 12.05 20.79
CA ALA A 420 7.00 13.40 21.31
C ALA A 420 7.95 14.28 20.54
N GLY A 421 7.60 15.55 20.45
CA GLY A 421 8.39 16.52 19.72
C GLY A 421 8.67 17.80 20.46
N ALA A 422 9.20 18.78 19.74
CA ALA A 422 9.51 20.09 20.26
C ALA A 422 9.47 21.14 19.15
N GLY A 423 9.09 22.35 19.50
CA GLY A 423 9.06 23.45 18.55
C GLY A 423 10.45 24.01 18.37
N ILE A 424 11.06 23.78 17.19
CA ILE A 424 12.41 24.22 16.91
C ILE A 424 12.41 25.59 16.26
N ILE A 425 13.20 26.50 16.84
CA ILE A 425 13.38 27.89 16.43
C ILE A 425 14.90 28.18 16.17
N GLU A 426 15.25 29.39 15.72
CA GLU A 426 16.64 29.73 15.41
C GLU A 426 17.58 29.53 16.61
N GLU A 427 17.10 29.81 17.82
CA GLU A 427 17.92 29.70 19.02
C GLU A 427 17.95 28.29 19.64
N SER A 428 17.25 27.31 19.05
CA SER A 428 17.21 25.95 19.59
C SER A 428 18.56 25.26 19.63
N GLU A 429 18.75 24.42 20.65
CA GLU A 429 19.95 23.65 20.85
C GLU A 429 19.56 22.16 20.89
N PRO A 430 20.18 21.31 20.07
CA PRO A 430 19.78 19.89 20.01
C PRO A 430 19.69 19.16 21.36
N GLU A 431 20.66 19.38 22.27
CA GLU A 431 20.63 18.71 23.57
C GLU A 431 19.42 19.18 24.40
N ARG A 432 19.16 20.50 24.39
CA ARG A 432 18.04 21.13 25.10
C ARG A 432 16.70 20.63 24.56
N GLU A 433 16.55 20.51 23.24
CA GLU A 433 15.30 20.06 22.63
C GLU A 433 15.11 18.55 22.85
N PHE A 434 16.21 17.76 22.93
CA PHE A 434 16.05 16.33 23.24
C PHE A 434 15.48 16.17 24.64
N GLU A 435 16.01 16.97 25.59
CA GLU A 435 15.53 16.93 26.97
C GLU A 435 14.08 17.41 27.06
N GLU A 436 13.66 18.33 26.19
CA GLU A 436 12.29 18.85 26.08
C GLU A 436 11.31 17.74 25.59
N THR A 437 11.75 16.83 24.68
CA THR A 437 10.90 15.70 24.30
C THR A 437 10.82 14.73 25.48
N CYS A 438 11.91 14.58 26.28
CA CYS A 438 11.95 13.75 27.47
C CYS A 438 10.89 14.22 28.49
N GLU A 439 10.71 15.56 28.63
CA GLU A 439 9.74 16.19 29.52
C GLU A 439 8.31 15.93 29.06
N LYS A 440 8.05 16.07 27.75
CA LYS A 440 6.73 15.78 27.20
C LYS A 440 6.40 14.29 27.32
N LEU A 441 7.42 13.40 27.16
CA LEU A 441 7.22 11.96 27.30
C LEU A 441 6.84 11.58 28.74
N SER A 442 7.29 12.36 29.76
CA SER A 442 6.97 12.13 31.18
C SER A 442 5.48 12.11 31.50
N THR A 443 4.63 12.55 30.56
CA THR A 443 3.17 12.54 30.69
C THR A 443 2.61 11.09 30.68
N LEU A 444 3.34 10.14 30.05
CA LEU A 444 2.88 8.76 29.92
C LEU A 444 3.84 7.74 30.47
N THR A 445 5.15 7.97 30.37
CA THR A 445 6.16 6.98 30.77
C THR A 445 6.00 6.40 32.21
N PRO A 446 5.57 7.14 33.27
CA PRO A 446 5.45 6.49 34.59
C PRO A 446 4.09 5.81 34.77
N TYR A 447 3.20 5.87 33.76
CA TYR A 447 1.83 5.38 33.84
C TYR A 447 1.51 4.29 32.84
N LEU A 448 2.53 3.56 32.37
CA LEU A 448 2.38 2.48 31.42
C LEU A 448 2.15 1.17 32.11
N VAL A 449 0.94 0.64 31.98
CA VAL A 449 0.61 -0.63 32.58
C VAL A 449 0.95 -1.73 31.57
N ALA A 450 1.73 -2.73 31.99
CA ALA A 450 2.09 -3.84 31.11
C ALA A 450 0.92 -4.83 30.95
N ARG A 451 0.75 -5.39 29.76
CA ARG A 451 -0.30 -6.36 29.49
C ARG A 451 0.17 -7.72 29.96
N GLY B 1 17.20 1.22 -32.10
CA GLY B 1 17.67 0.55 -30.90
C GLY B 1 18.00 -0.92 -31.11
N HIS B 2 18.36 -1.63 -30.02
CA HIS B 2 18.73 -3.05 -30.06
C HIS B 2 17.66 -3.97 -29.43
N MET B 3 17.34 -5.07 -30.11
CA MET B 3 16.39 -6.04 -29.59
C MET B 3 17.10 -7.35 -29.28
N SER B 4 16.81 -7.96 -28.14
CA SER B 4 17.41 -9.25 -27.79
C SER B 4 16.49 -10.05 -26.88
N GLU B 5 16.47 -11.37 -27.06
CA GLU B 5 15.66 -12.24 -26.22
C GLU B 5 16.18 -13.68 -26.27
N LEU B 6 16.05 -14.36 -25.12
CA LEU B 6 16.50 -15.73 -24.98
C LEU B 6 15.27 -16.66 -24.95
N SER B 7 15.38 -17.79 -25.62
CA SER B 7 14.36 -18.82 -25.65
C SER B 7 14.75 -19.90 -24.67
N VAL B 8 13.79 -20.39 -23.87
CA VAL B 8 14.09 -21.41 -22.88
C VAL B 8 14.23 -22.78 -23.55
N ALA B 9 13.28 -23.11 -24.44
CA ALA B 9 13.14 -24.40 -25.12
C ALA B 9 14.30 -24.76 -26.06
N THR B 10 15.02 -23.76 -26.58
CA THR B 10 16.09 -24.01 -27.55
C THR B 10 17.44 -23.39 -27.16
N GLY B 11 17.44 -22.44 -26.23
CA GLY B 11 18.66 -21.74 -25.86
C GLY B 11 19.03 -20.63 -26.84
N ALA B 12 18.13 -20.32 -27.78
CA ALA B 12 18.35 -19.32 -28.81
C ALA B 12 18.32 -17.89 -28.31
N VAL B 13 19.33 -17.12 -28.69
CA VAL B 13 19.40 -15.68 -28.42
C VAL B 13 19.20 -14.97 -29.77
N SER B 14 18.04 -14.35 -29.93
CA SER B 14 17.69 -13.66 -31.18
C SER B 14 17.89 -12.17 -31.07
N THR B 15 18.65 -11.58 -32.01
CA THR B 15 18.89 -10.15 -32.01
C THR B 15 18.45 -9.50 -33.34
N ALA B 16 18.16 -8.20 -33.28
CA ALA B 16 17.71 -7.41 -34.43
C ALA B 16 17.72 -5.90 -34.10
N SER B 17 17.66 -5.04 -35.12
CA SER B 17 17.50 -3.62 -34.93
C SER B 17 16.00 -3.32 -34.77
N SER B 18 15.63 -2.38 -33.89
CA SER B 18 14.23 -1.97 -33.74
C SER B 18 13.84 -0.84 -34.71
N SER B 19 14.74 -0.42 -35.60
CA SER B 19 14.45 0.61 -36.58
C SER B 19 14.77 0.07 -37.96
N ILE B 20 13.79 0.16 -38.85
CA ILE B 20 13.88 -0.35 -40.21
C ILE B 20 13.64 0.81 -41.15
N PRO B 21 14.50 1.04 -42.16
CA PRO B 21 14.22 2.12 -43.12
C PRO B 21 12.92 1.86 -43.88
N MET B 22 12.16 2.91 -44.18
CA MET B 22 10.92 2.76 -44.92
C MET B 22 11.25 2.47 -46.39
N PRO B 23 10.77 1.35 -46.95
CA PRO B 23 11.10 1.04 -48.35
C PRO B 23 10.41 2.03 -49.30
N ALA B 24 11.13 2.44 -50.34
CA ALA B 24 10.62 3.39 -51.32
C ALA B 24 9.45 2.81 -52.10
N GLY B 25 8.51 3.66 -52.46
CA GLY B 25 7.31 3.23 -53.17
C GLY B 25 6.26 2.59 -52.28
N VAL B 26 6.49 2.57 -50.96
CA VAL B 26 5.54 2.01 -50.02
C VAL B 26 4.91 3.14 -49.24
N ASN B 27 3.59 3.26 -49.31
CA ASN B 27 2.89 4.33 -48.64
C ASN B 27 2.70 4.00 -47.15
N PRO B 28 3.11 4.91 -46.25
CA PRO B 28 2.99 4.65 -44.81
C PRO B 28 1.59 4.24 -44.32
N ALA B 29 0.52 4.86 -44.84
CA ALA B 29 -0.85 4.54 -44.43
C ALA B 29 -1.20 3.08 -44.76
N ASP B 30 -0.76 2.63 -45.93
CA ASP B 30 -0.99 1.27 -46.42
C ASP B 30 -0.24 0.26 -45.58
N LEU B 31 1.04 0.51 -45.30
CA LEU B 31 1.86 -0.38 -44.50
C LEU B 31 1.35 -0.47 -43.06
N ALA B 32 1.01 0.67 -42.43
CA ALA B 32 0.53 0.68 -41.07
C ALA B 32 -0.81 -0.08 -40.94
N ALA B 33 -1.72 0.07 -41.91
CA ALA B 33 -3.00 -0.63 -41.88
C ALA B 33 -2.81 -2.14 -42.13
N GLU B 34 -1.85 -2.51 -42.99
CA GLU B 34 -1.55 -3.91 -43.26
C GLU B 34 -0.92 -4.57 -42.04
N LEU B 35 -0.05 -3.85 -41.32
CA LEU B 35 0.55 -4.36 -40.10
C LEU B 35 -0.55 -4.61 -39.05
N ALA B 36 -1.48 -3.66 -38.94
CA ALA B 36 -2.60 -3.73 -38.01
C ALA B 36 -3.48 -4.95 -38.33
N ALA B 37 -3.66 -5.25 -39.61
CA ALA B 37 -4.49 -6.36 -40.05
C ALA B 37 -3.79 -7.74 -39.94
N VAL B 38 -2.53 -7.87 -40.39
CA VAL B 38 -1.84 -9.14 -40.46
C VAL B 38 -1.07 -9.47 -39.17
N VAL B 39 -0.28 -8.52 -38.66
CA VAL B 39 0.56 -8.77 -37.49
C VAL B 39 -0.13 -8.34 -36.17
N THR B 40 -1.46 -8.43 -36.08
CA THR B 40 -2.16 -8.06 -34.84
C THR B 40 -3.52 -8.75 -34.75
N GLU B 41 -4.30 -8.75 -35.84
CA GLU B 41 -5.62 -9.38 -35.83
C GLU B 41 -5.49 -10.89 -35.86
N SER B 42 -4.57 -11.41 -36.68
CA SER B 42 -4.36 -12.84 -36.78
C SER B 42 -3.66 -13.41 -35.51
N VAL B 43 -3.11 -12.52 -34.64
CA VAL B 43 -2.50 -12.95 -33.36
C VAL B 43 -3.48 -12.53 -32.17
N ASP B 44 -4.81 -12.53 -32.46
CA ASP B 44 -5.99 -12.31 -31.60
C ASP B 44 -5.83 -11.19 -30.57
N GLU B 45 -5.35 -10.00 -31.02
CA GLU B 45 -5.27 -8.90 -30.08
C GLU B 45 -5.93 -7.65 -30.63
N ASP B 46 -6.26 -6.80 -29.69
CA ASP B 46 -6.88 -5.52 -29.96
C ASP B 46 -5.79 -4.52 -30.37
N TYR B 47 -6.19 -3.44 -31.03
CA TYR B 47 -5.25 -2.43 -31.47
C TYR B 47 -5.91 -1.09 -31.77
N LEU B 48 -5.08 -0.05 -31.87
CA LEU B 48 -5.49 1.26 -32.29
C LEU B 48 -4.36 1.85 -33.13
N LEU B 49 -4.67 2.24 -34.36
CA LEU B 49 -3.75 2.89 -35.29
C LEU B 49 -4.14 4.37 -35.33
N TYR B 50 -3.21 5.28 -35.01
CA TYR B 50 -3.50 6.69 -34.97
C TYR B 50 -2.55 7.46 -35.86
N GLU B 51 -3.09 8.25 -36.81
CA GLU B 51 -2.29 9.08 -37.68
C GLU B 51 -2.25 10.49 -37.10
N CYS B 52 -1.04 11.01 -36.94
CA CYS B 52 -0.86 12.34 -36.37
C CYS B 52 0.40 12.97 -36.94
N ASP B 53 0.25 14.03 -37.74
CA ASP B 53 1.35 14.80 -38.33
C ASP B 53 2.41 13.91 -39.07
N GLY B 54 1.95 13.12 -40.05
CA GLY B 54 2.82 12.25 -40.85
C GLY B 54 3.24 10.95 -40.20
N GLN B 55 2.89 10.77 -38.92
CA GLN B 55 3.27 9.59 -38.16
C GLN B 55 2.08 8.69 -37.90
N TRP B 56 2.18 7.40 -38.26
CA TRP B 56 1.14 6.42 -37.97
C TRP B 56 1.61 5.56 -36.82
N VAL B 57 0.97 5.63 -35.65
CA VAL B 57 1.38 4.81 -34.53
C VAL B 57 0.39 3.67 -34.36
N LEU B 58 0.87 2.43 -34.46
CA LEU B 58 0.05 1.26 -34.24
C LEU B 58 0.29 0.79 -32.82
N ALA B 59 -0.71 0.92 -31.97
CA ALA B 59 -0.67 0.47 -30.58
C ALA B 59 -1.30 -0.92 -30.56
N ALA B 60 -0.49 -1.97 -30.46
CA ALA B 60 -0.94 -3.35 -30.56
C ALA B 60 -0.91 -4.12 -29.26
N GLY B 61 -2.03 -4.74 -28.93
CA GLY B 61 -2.17 -5.54 -27.72
C GLY B 61 -2.49 -4.67 -26.52
N VAL B 62 -3.27 -5.20 -25.59
CA VAL B 62 -3.66 -4.44 -24.40
C VAL B 62 -2.82 -4.90 -23.22
N GLN B 63 -1.88 -4.07 -22.79
CA GLN B 63 -1.08 -4.35 -21.61
C GLN B 63 -1.93 -4.06 -20.37
N ALA B 64 -2.64 -2.92 -20.39
CA ALA B 64 -3.54 -2.51 -19.32
C ALA B 64 -4.64 -1.65 -19.92
N MET B 65 -5.87 -1.84 -19.46
CA MET B 65 -7.01 -1.11 -20.00
C MET B 65 -7.68 -0.29 -18.90
N VAL B 66 -8.03 0.95 -19.22
CA VAL B 66 -8.80 1.82 -18.34
C VAL B 66 -10.18 1.98 -18.95
N GLU B 67 -11.20 1.54 -18.23
CA GLU B 67 -12.56 1.66 -18.69
C GLU B 67 -13.28 2.61 -17.80
N LEU B 68 -13.64 3.78 -18.35
CA LEU B 68 -14.40 4.74 -17.59
C LEU B 68 -15.83 4.68 -18.07
N ASP B 69 -16.72 4.26 -17.18
CA ASP B 69 -18.14 4.23 -17.42
C ASP B 69 -18.79 5.33 -16.57
N SER B 70 -20.06 5.59 -16.81
CA SER B 70 -20.81 6.60 -16.07
C SER B 70 -20.87 6.30 -14.56
N ASP B 71 -20.88 5.03 -14.19
CA ASP B 71 -21.03 4.60 -12.82
C ASP B 71 -19.83 3.90 -12.24
N GLU B 72 -18.75 3.68 -13.00
CA GLU B 72 -17.63 2.91 -12.50
C GLU B 72 -16.38 3.15 -13.31
N LEU B 73 -15.25 3.01 -12.65
CA LEU B 73 -13.95 3.07 -13.27
C LEU B 73 -13.29 1.72 -13.06
N ARG B 74 -12.82 1.10 -14.14
CA ARG B 74 -12.15 -0.19 -14.05
C ARG B 74 -10.76 -0.10 -14.63
N VAL B 75 -9.80 -0.76 -13.98
CA VAL B 75 -8.44 -0.87 -14.49
C VAL B 75 -8.16 -2.36 -14.60
N ILE B 76 -7.98 -2.85 -15.84
CA ILE B 76 -7.80 -4.27 -16.08
C ILE B 76 -6.38 -4.54 -16.53
N ARG B 77 -5.70 -5.43 -15.81
CA ARG B 77 -4.34 -5.77 -16.16
C ARG B 77 -4.01 -7.20 -15.79
N ASP B 78 -3.57 -8.02 -16.78
CA ASP B 78 -3.16 -9.41 -16.58
C ASP B 78 -4.25 -10.22 -15.85
N GLY B 79 -5.49 -10.10 -16.28
CA GLY B 79 -6.60 -10.85 -15.69
C GLY B 79 -7.14 -10.28 -14.39
N VAL B 80 -6.49 -9.25 -13.83
CA VAL B 80 -6.96 -8.65 -12.58
C VAL B 80 -7.72 -7.34 -12.88
N THR B 81 -8.98 -7.26 -12.44
CA THR B 81 -9.80 -6.08 -12.65
C THR B 81 -9.99 -5.35 -11.32
N ARG B 82 -9.59 -4.08 -11.28
CA ARG B 82 -9.81 -3.23 -10.11
C ARG B 82 -11.01 -2.34 -10.41
N ARG B 83 -12.09 -2.45 -9.63
CA ARG B 83 -13.30 -1.65 -9.83
C ARG B 83 -13.40 -0.55 -8.79
N GLN B 84 -13.77 0.63 -9.21
CA GLN B 84 -13.91 1.78 -8.32
C GLN B 84 -15.10 2.63 -8.67
N GLN B 85 -15.82 3.14 -7.68
CA GLN B 85 -16.83 4.16 -7.92
C GLN B 85 -16.09 5.50 -8.05
N TRP B 86 -16.67 6.47 -8.74
CA TRP B 86 -16.05 7.78 -8.89
C TRP B 86 -17.15 8.87 -8.87
N SER B 87 -16.78 10.08 -8.48
CA SER B 87 -17.71 11.21 -8.50
C SER B 87 -16.95 12.46 -8.96
N GLY B 88 -17.70 13.48 -9.35
CA GLY B 88 -17.10 14.74 -9.77
C GLY B 88 -16.76 14.69 -11.23
N ARG B 89 -15.60 15.21 -11.62
CA ARG B 89 -15.25 15.31 -13.03
C ARG B 89 -14.73 14.02 -13.61
N PRO B 90 -15.27 13.60 -14.78
CA PRO B 90 -14.79 12.35 -15.41
C PRO B 90 -13.32 12.45 -15.83
N GLY B 91 -12.87 13.64 -16.19
CA GLY B 91 -11.48 13.88 -16.58
C GLY B 91 -10.50 13.63 -15.45
N ALA B 92 -10.90 13.94 -14.19
CA ALA B 92 -10.03 13.71 -13.05
C ALA B 92 -9.90 12.20 -12.79
N ALA B 93 -11.01 11.45 -12.93
CA ALA B 93 -11.02 10.01 -12.74
C ALA B 93 -10.19 9.34 -13.85
N LEU B 94 -10.38 9.77 -15.09
CA LEU B 94 -9.64 9.22 -16.23
C LEU B 94 -8.16 9.55 -16.13
N GLY B 95 -7.84 10.81 -15.86
CA GLY B 95 -6.48 11.28 -15.76
C GLY B 95 -5.65 10.58 -14.70
N GLU B 96 -6.24 10.33 -13.52
CA GLU B 96 -5.52 9.65 -12.44
C GLU B 96 -5.15 8.22 -12.87
N ALA B 97 -6.11 7.51 -13.48
CA ALA B 97 -5.89 6.14 -13.93
C ALA B 97 -4.91 6.09 -15.12
N VAL B 98 -5.02 6.99 -16.09
CA VAL B 98 -4.13 7.00 -17.26
C VAL B 98 -2.69 7.43 -16.84
N ASP B 99 -2.55 8.35 -15.87
CA ASP B 99 -1.21 8.72 -15.39
C ASP B 99 -0.50 7.51 -14.79
N ARG B 100 -1.24 6.62 -14.12
CA ARG B 100 -0.67 5.39 -13.55
C ARG B 100 -0.18 4.45 -14.67
N LEU B 101 -0.95 4.30 -15.77
CA LEU B 101 -0.53 3.49 -16.92
C LEU B 101 0.75 4.03 -17.55
N LEU B 102 0.87 5.36 -17.63
CA LEU B 102 1.99 6.03 -18.28
C LEU B 102 3.28 6.00 -17.44
N LEU B 103 3.24 5.51 -16.20
CA LEU B 103 4.46 5.31 -15.42
C LEU B 103 5.25 4.12 -15.98
N GLU B 104 4.57 3.13 -16.60
CA GLU B 104 5.19 1.91 -17.11
C GLU B 104 5.34 1.88 -18.64
N THR B 105 4.50 2.64 -19.38
CA THR B 105 4.58 2.70 -20.85
C THR B 105 4.60 4.18 -21.28
N ASP B 106 5.32 4.50 -22.34
CA ASP B 106 5.46 5.86 -22.82
C ASP B 106 4.19 6.47 -23.41
N GLN B 107 3.28 5.64 -23.94
CA GLN B 107 2.08 6.16 -24.60
C GLN B 107 0.85 5.34 -24.31
N ALA B 108 -0.31 5.99 -24.35
CA ALA B 108 -1.59 5.36 -24.12
C ALA B 108 -2.57 5.87 -25.19
N PHE B 109 -3.50 5.03 -25.61
CA PHE B 109 -4.40 5.34 -26.72
C PHE B 109 -5.81 4.95 -26.40
N GLY B 110 -6.76 5.57 -27.07
CA GLY B 110 -8.13 5.16 -26.91
C GLY B 110 -9.14 6.10 -27.51
N TRP B 111 -10.33 6.05 -26.96
CA TRP B 111 -11.41 6.88 -27.44
C TRP B 111 -12.19 7.42 -26.27
N VAL B 112 -12.80 8.56 -26.49
CA VAL B 112 -13.62 9.25 -25.53
C VAL B 112 -15.01 9.40 -26.16
N ALA B 113 -16.04 8.94 -25.46
CA ALA B 113 -17.41 9.02 -25.96
C ALA B 113 -17.93 10.46 -25.88
N PHE B 114 -18.94 10.81 -26.69
CA PHE B 114 -19.62 12.12 -26.59
C PHE B 114 -20.15 12.35 -25.15
N GLU B 115 -20.61 11.24 -24.51
CA GLU B 115 -21.19 11.21 -23.16
C GLU B 115 -20.19 11.68 -22.08
N PHE B 116 -18.87 11.64 -22.36
CA PHE B 116 -17.87 12.19 -21.44
C PHE B 116 -18.06 13.72 -21.25
N GLY B 117 -18.60 14.40 -22.27
CA GLY B 117 -18.77 15.85 -22.24
C GLY B 117 -20.03 16.38 -21.60
N VAL B 118 -20.94 15.51 -21.08
CA VAL B 118 -22.20 16.02 -20.52
C VAL B 118 -22.08 16.44 -19.05
N HIS B 119 -21.10 15.88 -18.30
CA HIS B 119 -20.91 16.14 -16.88
C HIS B 119 -20.61 17.62 -16.60
N ARG B 120 -19.81 18.28 -17.45
CA ARG B 120 -19.52 19.73 -17.24
C ARG B 120 -20.80 20.58 -17.31
N TYR B 121 -21.88 20.06 -17.91
CA TYR B 121 -23.16 20.77 -17.97
C TYR B 121 -24.20 20.21 -16.96
N GLY B 122 -23.77 19.34 -16.04
CA GLY B 122 -24.63 18.74 -15.02
C GLY B 122 -25.68 17.81 -15.59
N LEU B 123 -25.42 17.19 -16.74
CA LEU B 123 -26.43 16.35 -17.40
C LEU B 123 -26.18 14.84 -17.26
N GLN B 124 -25.20 14.41 -16.46
CA GLN B 124 -24.83 13.00 -16.30
C GLN B 124 -25.94 12.12 -15.71
N GLN B 125 -26.93 12.69 -14.97
CA GLN B 125 -28.07 11.90 -14.46
C GLN B 125 -28.92 11.31 -15.59
N ARG B 126 -28.84 11.86 -16.79
CA ARG B 126 -29.57 11.34 -17.93
C ARG B 126 -28.93 10.06 -18.51
N LEU B 127 -27.71 9.73 -18.06
CA LEU B 127 -27.02 8.57 -18.53
C LEU B 127 -27.44 7.31 -17.77
N ALA B 128 -27.77 6.27 -18.52
CA ALA B 128 -28.11 4.98 -17.92
C ALA B 128 -26.89 4.40 -17.26
N PRO B 129 -27.06 3.46 -16.31
CA PRO B 129 -25.89 2.77 -15.76
C PRO B 129 -25.09 2.06 -16.86
N HIS B 130 -23.79 1.97 -16.64
CA HIS B 130 -22.83 1.30 -17.51
C HIS B 130 -22.68 2.03 -18.84
N THR B 131 -22.91 3.35 -18.90
CA THR B 131 -22.70 4.11 -20.14
C THR B 131 -21.21 4.33 -20.33
N PRO B 132 -20.64 3.86 -21.44
CA PRO B 132 -19.21 4.09 -21.67
C PRO B 132 -18.86 5.57 -21.84
N LEU B 133 -17.81 6.03 -21.17
CA LEU B 133 -17.34 7.41 -21.31
C LEU B 133 -15.98 7.44 -21.98
N ALA B 134 -15.11 6.46 -21.67
CA ALA B 134 -13.78 6.43 -22.26
C ALA B 134 -13.15 5.05 -22.13
N ARG B 135 -12.34 4.70 -23.11
CA ARG B 135 -11.57 3.47 -23.12
C ARG B 135 -10.16 3.86 -23.48
N VAL B 136 -9.21 3.70 -22.56
CA VAL B 136 -7.82 4.10 -22.82
C VAL B 136 -6.91 2.95 -22.39
N PHE B 137 -6.01 2.52 -23.28
CA PHE B 137 -5.13 1.40 -22.95
C PHE B 137 -3.67 1.73 -23.20
N SER B 138 -2.78 1.04 -22.48
CA SER B 138 -1.37 1.09 -22.75
C SER B 138 -1.08 -0.14 -23.61
N PRO B 139 -0.45 0.04 -24.77
CA PRO B 139 -0.23 -1.11 -25.65
C PRO B 139 0.95 -1.98 -25.23
N ARG B 140 0.93 -3.24 -25.67
CA ARG B 140 2.06 -4.14 -25.43
C ARG B 140 3.19 -3.76 -26.34
N THR B 141 2.89 -3.33 -27.57
CA THR B 141 3.88 -2.97 -28.57
C THR B 141 3.39 -1.77 -29.36
N ARG B 142 4.35 -0.96 -29.83
CA ARG B 142 4.08 0.17 -30.67
C ARG B 142 4.95 0.11 -31.89
N ILE B 143 4.34 0.31 -33.06
CA ILE B 143 5.07 0.36 -34.30
C ILE B 143 4.77 1.70 -34.91
N MET B 144 5.78 2.54 -35.11
CA MET B 144 5.57 3.84 -35.70
C MET B 144 6.00 3.79 -37.13
N VAL B 145 5.08 4.13 -38.04
CA VAL B 145 5.34 4.11 -39.47
C VAL B 145 5.26 5.52 -40.02
N SER B 146 6.30 5.94 -40.72
CA SER B 146 6.32 7.24 -41.38
C SER B 146 7.01 7.09 -42.74
N GLU B 147 7.09 8.18 -43.54
CA GLU B 147 7.79 8.13 -44.82
C GLU B 147 9.27 7.82 -44.64
N LYS B 148 9.85 8.18 -43.49
CA LYS B 148 11.26 7.98 -43.23
C LYS B 148 11.59 6.58 -42.71
N GLU B 149 10.83 6.05 -41.72
CA GLU B 149 11.21 4.78 -41.12
C GLU B 149 10.06 4.07 -40.41
N ILE B 150 10.34 2.82 -40.00
CA ILE B 150 9.49 1.97 -39.18
C ILE B 150 10.23 1.77 -37.86
N ARG B 151 9.63 2.17 -36.72
CA ARG B 151 10.32 2.02 -35.44
C ARG B 151 9.49 1.18 -34.47
N LEU B 152 10.11 0.19 -33.84
CA LEU B 152 9.44 -0.70 -32.90
C LEU B 152 9.74 -0.28 -31.47
N PHE B 153 8.73 -0.37 -30.63
CA PHE B 153 8.81 -0.06 -29.22
C PHE B 153 8.21 -1.18 -28.41
N ASP B 154 8.96 -1.70 -27.41
CA ASP B 154 8.53 -2.80 -26.55
C ASP B 154 8.12 -4.01 -27.38
N ALA B 155 8.80 -4.27 -28.50
CA ALA B 155 8.48 -5.37 -29.38
C ALA B 155 9.34 -6.58 -29.09
N GLY B 156 8.84 -7.75 -29.46
CA GLY B 156 9.64 -8.95 -29.46
C GLY B 156 10.29 -9.08 -30.83
N ILE B 157 11.24 -10.00 -30.98
CA ILE B 157 11.85 -10.32 -32.26
C ILE B 157 10.75 -10.75 -33.29
N ARG B 158 9.63 -11.36 -32.80
CA ARG B 158 8.52 -11.82 -33.63
C ARG B 158 7.81 -10.66 -34.29
N HIS B 159 7.72 -9.47 -33.64
CA HIS B 159 7.10 -8.29 -34.30
C HIS B 159 7.98 -7.80 -35.45
N ARG B 160 9.30 -7.82 -35.25
CA ARG B 160 10.27 -7.41 -36.24
C ARG B 160 10.22 -8.38 -37.43
N GLU B 161 10.15 -9.69 -37.16
CA GLU B 161 10.06 -10.72 -38.20
C GLU B 161 8.75 -10.61 -38.99
N ALA B 162 7.65 -10.27 -38.33
CA ALA B 162 6.37 -10.11 -38.99
C ALA B 162 6.42 -8.94 -39.99
N ILE B 163 7.04 -7.80 -39.59
CA ILE B 163 7.23 -6.63 -40.44
C ILE B 163 8.06 -7.00 -41.68
N ASP B 164 9.21 -7.69 -41.50
CA ASP B 164 10.05 -8.09 -42.63
C ASP B 164 9.32 -9.01 -43.61
N ARG B 165 8.52 -9.95 -43.07
CA ARG B 165 7.77 -10.91 -43.91
C ARG B 165 6.71 -10.19 -44.73
N LEU B 166 6.05 -9.20 -44.13
CA LEU B 166 5.03 -8.40 -44.80
C LEU B 166 5.64 -7.50 -45.87
N LEU B 167 6.81 -6.91 -45.59
CA LEU B 167 7.53 -6.07 -46.54
C LEU B 167 8.02 -6.87 -47.76
N ALA B 168 8.38 -8.16 -47.58
CA ALA B 168 8.86 -8.98 -48.70
C ALA B 168 7.69 -9.42 -49.59
N THR B 169 6.54 -9.74 -48.97
CA THR B 169 5.34 -10.17 -49.67
C THR B 169 4.71 -8.98 -50.41
N GLY B 170 4.66 -7.83 -49.73
CA GLY B 170 4.07 -6.60 -50.24
C GLY B 170 2.68 -6.40 -49.70
N VAL B 171 2.20 -5.15 -49.69
CA VAL B 171 0.84 -4.87 -49.19
C VAL B 171 -0.21 -5.44 -50.16
N ARG B 172 -1.34 -5.89 -49.62
CA ARG B 172 -2.43 -6.42 -50.44
C ARG B 172 -3.00 -5.34 -51.35
N GLU B 173 -3.49 -5.76 -52.51
CA GLU B 173 -4.19 -4.84 -53.39
C GLU B 173 -5.55 -4.56 -52.76
N VAL B 174 -5.99 -3.31 -52.80
CA VAL B 174 -7.27 -2.93 -52.24
C VAL B 174 -8.33 -3.31 -53.27
N PRO B 175 -9.26 -4.19 -52.89
CA PRO B 175 -10.30 -4.59 -53.84
C PRO B 175 -11.33 -3.50 -54.13
N GLN B 176 -12.18 -3.71 -55.14
CA GLN B 176 -13.23 -2.76 -55.49
C GLN B 176 -14.21 -2.60 -54.33
N SER B 177 -14.69 -1.38 -54.10
CA SER B 177 -15.62 -1.12 -53.02
C SER B 177 -17.06 -1.56 -53.41
N ARG B 178 -17.92 -1.67 -52.40
CA ARG B 178 -19.33 -2.03 -52.57
C ARG B 178 -20.17 -0.84 -52.13
N SER B 179 -21.10 -0.41 -52.97
CA SER B 179 -21.91 0.77 -52.70
C SER B 179 -22.96 0.56 -51.59
N VAL B 180 -23.34 1.66 -50.95
CA VAL B 180 -24.37 1.66 -49.91
C VAL B 180 -25.38 2.78 -50.19
N ASP B 181 -26.68 2.50 -50.02
CA ASP B 181 -27.71 3.51 -50.23
C ASP B 181 -27.91 4.33 -48.95
N VAL B 182 -27.73 5.65 -49.04
CA VAL B 182 -27.90 6.55 -47.89
C VAL B 182 -29.13 7.51 -48.05
N SER B 183 -29.97 7.29 -49.08
CA SER B 183 -31.10 8.18 -49.37
C SER B 183 -32.32 7.97 -48.48
N ASP B 184 -32.39 6.85 -47.74
CA ASP B 184 -33.54 6.61 -46.87
C ASP B 184 -33.41 7.38 -45.55
N ASP B 185 -34.53 7.63 -44.87
CA ASP B 185 -34.51 8.33 -43.60
C ASP B 185 -35.35 7.59 -42.54
N PRO B 186 -34.93 6.38 -42.12
CA PRO B 186 -35.74 5.63 -41.15
C PRO B 186 -35.83 6.26 -39.75
N SER B 187 -34.82 7.06 -39.34
CA SER B 187 -34.87 7.69 -38.00
C SER B 187 -35.61 9.04 -37.98
N GLY B 188 -36.11 9.51 -39.11
CA GLY B 188 -36.85 10.76 -39.20
C GLY B 188 -35.99 11.98 -38.89
N PHE B 189 -34.77 12.01 -39.43
CA PHE B 189 -33.84 13.14 -39.33
C PHE B 189 -34.52 14.46 -39.75
N ARG B 190 -35.26 14.46 -40.87
CA ARG B 190 -35.95 15.67 -41.34
C ARG B 190 -36.99 16.15 -40.31
N ARG B 191 -37.76 15.20 -39.72
CA ARG B 191 -38.73 15.57 -38.69
C ARG B 191 -38.03 16.13 -37.45
N ARG B 192 -36.94 15.47 -37.02
CA ARG B 192 -36.19 15.90 -35.85
C ARG B 192 -35.53 17.28 -36.06
N VAL B 193 -35.06 17.57 -37.28
CA VAL B 193 -34.49 18.89 -37.63
C VAL B 193 -35.58 19.95 -37.49
N ALA B 194 -36.81 19.65 -37.94
CA ALA B 194 -37.91 20.60 -37.84
C ALA B 194 -38.23 20.93 -36.37
N VAL B 195 -38.07 19.97 -35.46
CA VAL B 195 -38.29 20.20 -34.03
C VAL B 195 -37.21 21.16 -33.50
N ALA B 196 -35.94 20.89 -33.85
CA ALA B 196 -34.82 21.75 -33.46
C ALA B 196 -35.00 23.18 -33.99
N VAL B 197 -35.40 23.35 -35.26
CA VAL B 197 -35.62 24.67 -35.88
C VAL B 197 -36.67 25.46 -35.06
N ASP B 198 -37.78 24.80 -34.65
CA ASP B 198 -38.81 25.43 -33.83
C ASP B 198 -38.27 25.85 -32.46
N GLU B 199 -37.43 25.00 -31.84
CA GLU B 199 -36.84 25.32 -30.55
C GLU B 199 -35.87 26.52 -30.66
N ILE B 200 -35.10 26.58 -31.76
CA ILE B 200 -34.17 27.69 -31.99
C ILE B 200 -34.98 28.99 -32.19
N ALA B 201 -36.07 28.93 -32.99
CA ALA B 201 -36.95 30.07 -33.25
C ALA B 201 -37.59 30.58 -31.94
N ALA B 202 -37.85 29.68 -30.99
CA ALA B 202 -38.41 30.06 -29.69
C ALA B 202 -37.33 30.59 -28.70
N GLY B 203 -36.07 30.67 -29.11
CA GLY B 203 -34.98 31.20 -28.32
C GLY B 203 -34.35 30.25 -27.32
N ARG B 204 -34.62 28.94 -27.43
CA ARG B 204 -34.09 27.92 -26.54
C ARG B 204 -32.55 27.78 -26.66
N TYR B 205 -32.01 27.99 -27.87
CA TYR B 205 -30.57 27.95 -28.22
C TYR B 205 -30.39 28.47 -29.67
N HIS B 206 -29.14 28.69 -30.09
CA HIS B 206 -28.80 29.24 -31.40
C HIS B 206 -28.53 28.13 -32.43
N LYS B 207 -27.90 27.03 -31.98
CA LYS B 207 -27.54 25.94 -32.89
C LYS B 207 -27.45 24.58 -32.17
N VAL B 208 -27.82 23.50 -32.88
CA VAL B 208 -27.67 22.14 -32.38
C VAL B 208 -27.25 21.23 -33.53
N ILE B 209 -26.35 20.29 -33.25
CA ILE B 209 -25.93 19.33 -34.25
C ILE B 209 -26.77 18.06 -34.06
N LEU B 210 -27.58 17.72 -35.07
CA LEU B 210 -28.37 16.49 -35.09
C LEU B 210 -27.76 15.57 -36.15
N SER B 211 -27.96 14.26 -36.00
CA SER B 211 -27.33 13.29 -36.88
C SER B 211 -28.26 12.10 -37.21
N ARG B 212 -27.80 11.21 -38.08
CA ARG B 212 -28.55 10.01 -38.42
C ARG B 212 -27.58 8.87 -38.69
N CYS B 213 -28.00 7.65 -38.36
CA CYS B 213 -27.21 6.46 -38.63
C CYS B 213 -27.63 5.92 -39.98
N VAL B 214 -26.68 5.34 -40.70
CA VAL B 214 -26.96 4.67 -41.96
C VAL B 214 -26.42 3.26 -41.80
N GLU B 215 -27.30 2.26 -41.84
CA GLU B 215 -26.89 0.88 -41.68
C GLU B 215 -26.19 0.39 -42.92
N VAL B 216 -25.09 -0.37 -42.74
CA VAL B 216 -24.38 -0.97 -43.86
C VAL B 216 -24.82 -2.43 -43.88
N PRO B 217 -25.51 -2.87 -44.94
CA PRO B 217 -26.08 -4.24 -44.92
C PRO B 217 -25.08 -5.37 -45.15
N PHE B 218 -23.78 -5.09 -45.09
CA PHE B 218 -22.76 -6.11 -45.29
C PHE B 218 -21.57 -5.85 -44.38
N ALA B 219 -20.85 -6.91 -43.99
CA ALA B 219 -19.67 -6.76 -43.15
C ALA B 219 -18.55 -6.13 -43.97
N ILE B 220 -17.85 -5.15 -43.43
CA ILE B 220 -16.76 -4.51 -44.16
C ILE B 220 -15.40 -4.92 -43.59
N ASP B 221 -14.38 -4.83 -44.42
CA ASP B 221 -13.02 -5.08 -44.00
C ASP B 221 -12.49 -3.73 -43.53
N PHE B 222 -12.29 -3.55 -42.22
CA PHE B 222 -11.90 -2.27 -41.67
C PHE B 222 -10.50 -1.81 -42.15
N PRO B 223 -9.41 -2.62 -42.09
CA PRO B 223 -8.12 -2.13 -42.61
C PRO B 223 -8.13 -1.80 -44.12
N LEU B 224 -8.81 -2.61 -44.97
CA LEU B 224 -8.84 -2.33 -46.39
C LEU B 224 -9.70 -1.08 -46.67
N THR B 225 -10.84 -0.92 -45.96
CA THR B 225 -11.68 0.27 -46.11
C THR B 225 -10.91 1.52 -45.68
N TYR B 226 -10.17 1.42 -44.56
CA TYR B 226 -9.34 2.51 -44.07
C TYR B 226 -8.34 2.96 -45.14
N ARG B 227 -7.65 1.99 -45.76
CA ARG B 227 -6.67 2.29 -46.78
C ARG B 227 -7.31 2.98 -47.99
N LEU B 228 -8.45 2.49 -48.47
CA LEU B 228 -9.12 3.06 -49.66
C LEU B 228 -9.60 4.47 -49.38
N GLY B 229 -10.27 4.68 -48.25
CA GLY B 229 -10.73 6.00 -47.87
C GLY B 229 -9.58 6.98 -47.64
N ARG B 230 -8.44 6.50 -47.11
CA ARG B 230 -7.26 7.34 -46.84
C ARG B 230 -6.58 7.82 -48.14
N ARG B 231 -6.79 7.09 -49.25
CA ARG B 231 -6.28 7.50 -50.55
C ARG B 231 -7.07 8.70 -51.10
N HIS B 232 -8.31 8.93 -50.65
CA HIS B 232 -9.16 10.02 -51.14
C HIS B 232 -9.57 11.02 -50.05
N ASN B 233 -8.90 11.00 -48.91
CA ASN B 233 -9.14 11.88 -47.78
C ASN B 233 -7.80 12.25 -47.17
N THR B 234 -7.55 13.53 -46.94
CA THR B 234 -6.33 13.99 -46.27
C THR B 234 -6.82 14.70 -45.03
N PRO B 235 -7.11 13.96 -43.96
CA PRO B 235 -7.73 14.58 -42.77
C PRO B 235 -6.73 15.21 -41.80
N VAL B 236 -7.27 15.87 -40.75
CA VAL B 236 -6.46 16.45 -39.68
C VAL B 236 -5.71 15.32 -38.94
N ARG B 237 -6.43 14.25 -38.67
CA ARG B 237 -5.98 13.02 -38.04
C ARG B 237 -6.78 11.88 -38.65
N SER B 238 -6.37 10.64 -38.41
CA SER B 238 -7.15 9.50 -38.84
C SER B 238 -6.88 8.34 -37.88
N PHE B 239 -7.78 7.36 -37.88
CA PHE B 239 -7.64 6.22 -36.99
C PHE B 239 -8.29 4.98 -37.57
N LEU B 240 -7.84 3.84 -37.06
CA LEU B 240 -8.35 2.51 -37.35
C LEU B 240 -8.16 1.72 -36.09
N LEU B 241 -9.23 1.10 -35.56
CA LEU B 241 -9.09 0.37 -34.31
C LEU B 241 -10.00 -0.84 -34.25
N GLN B 242 -9.63 -1.78 -33.38
CA GLN B 242 -10.39 -2.92 -32.95
C GLN B 242 -10.17 -3.00 -31.45
N LEU B 243 -11.15 -2.56 -30.67
CA LEU B 243 -10.96 -2.49 -29.23
C LEU B 243 -12.24 -2.80 -28.47
N GLY B 244 -12.16 -3.81 -27.61
CA GLY B 244 -13.28 -4.24 -26.78
C GLY B 244 -14.56 -4.55 -27.53
N GLY B 245 -14.45 -5.25 -28.65
CA GLY B 245 -15.62 -5.59 -29.45
C GLY B 245 -16.09 -4.51 -30.41
N ILE B 246 -15.40 -3.35 -30.44
CA ILE B 246 -15.75 -2.30 -31.36
C ILE B 246 -14.72 -2.19 -32.47
N ARG B 247 -15.16 -2.21 -33.73
CA ARG B 247 -14.29 -1.92 -34.85
C ARG B 247 -14.66 -0.52 -35.31
N ALA B 248 -13.65 0.34 -35.56
CA ALA B 248 -13.94 1.68 -36.05
C ALA B 248 -12.79 2.23 -36.88
N LEU B 249 -13.10 3.12 -37.80
CA LEU B 249 -12.14 3.85 -38.61
C LEU B 249 -12.73 5.23 -38.86
N GLY B 250 -11.88 6.22 -39.07
CA GLY B 250 -12.38 7.56 -39.36
C GLY B 250 -11.32 8.50 -39.87
N TYR B 251 -11.77 9.56 -40.52
CA TYR B 251 -10.93 10.65 -41.06
C TYR B 251 -11.39 11.88 -40.31
N SER B 252 -10.68 12.22 -39.25
CA SER B 252 -11.09 13.28 -38.33
C SER B 252 -10.90 14.64 -38.96
N PRO B 253 -11.99 15.40 -39.07
CA PRO B 253 -11.91 16.71 -39.73
C PRO B 253 -11.56 17.85 -38.79
N GLU B 254 -11.18 17.57 -37.53
CA GLU B 254 -10.93 18.64 -36.58
C GLU B 254 -10.12 18.18 -35.39
N LEU B 255 -9.21 19.04 -34.93
CA LEU B 255 -8.42 18.78 -33.72
C LEU B 255 -9.18 19.38 -32.53
N VAL B 256 -9.67 18.53 -31.61
CA VAL B 256 -10.36 19.01 -30.43
C VAL B 256 -9.36 19.72 -29.51
N THR B 257 -8.25 19.03 -29.17
CA THR B 257 -7.22 19.59 -28.32
C THR B 257 -5.90 18.89 -28.52
N ALA B 258 -4.83 19.68 -28.44
CA ALA B 258 -3.50 19.15 -28.42
C ALA B 258 -2.78 19.83 -27.24
N VAL B 259 -2.22 19.05 -26.34
CA VAL B 259 -1.45 19.56 -25.21
C VAL B 259 -0.01 19.10 -25.40
N ARG B 260 0.97 20.02 -25.35
CA ARG B 260 2.37 19.63 -25.48
C ARG B 260 3.04 19.49 -24.10
N ALA B 261 4.20 18.80 -24.05
CA ALA B 261 4.98 18.63 -22.83
C ALA B 261 5.40 19.97 -22.24
N ASP B 262 5.65 21.00 -23.09
CA ASP B 262 6.02 22.33 -22.61
C ASP B 262 4.83 23.17 -22.09
N GLY B 263 3.63 22.61 -22.08
CA GLY B 263 2.47 23.32 -21.57
C GLY B 263 1.60 24.03 -22.58
N VAL B 264 2.01 24.09 -23.86
CA VAL B 264 1.21 24.77 -24.87
C VAL B 264 -0.05 23.93 -25.20
N VAL B 265 -1.22 24.55 -25.12
CA VAL B 265 -2.50 23.92 -25.42
C VAL B 265 -3.06 24.55 -26.71
N ILE B 266 -3.53 23.74 -27.66
CA ILE B 266 -4.09 24.23 -28.92
C ILE B 266 -5.45 23.59 -29.21
N THR B 267 -6.33 24.32 -29.88
CA THR B 267 -7.61 23.83 -30.35
C THR B 267 -7.85 24.50 -31.71
N GLU B 268 -8.36 23.70 -32.70
CA GLU B 268 -8.51 24.26 -34.04
C GLU B 268 -9.91 24.02 -34.62
N PRO B 269 -10.90 24.78 -34.15
CA PRO B 269 -12.26 24.65 -34.74
C PRO B 269 -12.27 25.10 -36.20
N LEU B 270 -12.95 24.34 -37.05
CA LEU B 270 -12.98 24.67 -38.48
C LEU B 270 -14.37 25.13 -38.89
N ALA B 271 -14.42 26.09 -39.80
CA ALA B 271 -15.66 26.71 -40.27
C ALA B 271 -16.36 25.86 -41.35
N ASN B 293 -18.25 34.07 -47.19
CA ASN B 293 -19.56 33.55 -46.80
C ASN B 293 -19.96 34.06 -45.41
N SER B 294 -20.93 34.99 -45.37
CA SER B 294 -21.40 35.60 -44.13
C SER B 294 -21.88 34.58 -43.10
N LYS B 295 -22.72 33.62 -43.51
CA LYS B 295 -23.26 32.62 -42.59
C LYS B 295 -22.15 31.77 -41.97
N GLU B 296 -21.14 31.41 -42.77
CA GLU B 296 -20.04 30.60 -42.28
C GLU B 296 -19.14 31.42 -41.35
N ILE B 297 -18.92 32.71 -41.68
CA ILE B 297 -18.09 33.61 -40.87
C ILE B 297 -18.74 33.85 -39.52
N VAL B 298 -20.06 34.15 -39.45
CA VAL B 298 -20.74 34.38 -38.16
C VAL B 298 -20.60 33.18 -37.26
N GLU B 299 -20.89 31.98 -37.78
CA GLU B 299 -20.83 30.76 -36.99
C GLU B 299 -19.40 30.43 -36.56
N HIS B 300 -18.42 30.65 -37.45
CA HIS B 300 -17.02 30.41 -37.10
C HIS B 300 -16.58 31.39 -36.00
N ALA B 301 -16.96 32.68 -36.09
CA ALA B 301 -16.59 33.69 -35.09
C ALA B 301 -17.19 33.35 -33.73
N ILE B 302 -18.48 32.96 -33.68
CA ILE B 302 -19.16 32.55 -32.45
C ILE B 302 -18.44 31.33 -31.84
N SER B 303 -17.98 30.41 -32.69
CA SER B 303 -17.26 29.24 -32.26
C SER B 303 -15.87 29.61 -31.69
N VAL B 304 -15.12 30.49 -32.38
CA VAL B 304 -13.81 30.97 -31.93
C VAL B 304 -13.94 31.64 -30.55
N ARG B 305 -14.99 32.47 -30.36
CA ARG B 305 -15.24 33.11 -29.07
C ARG B 305 -15.48 32.05 -27.98
N SER B 306 -16.23 30.98 -28.30
CA SER B 306 -16.49 29.89 -27.36
C SER B 306 -15.17 29.17 -26.99
N SER B 307 -14.32 28.87 -27.99
CA SER B 307 -13.02 28.21 -27.74
C SER B 307 -12.13 29.06 -26.82
N LEU B 308 -12.16 30.39 -27.03
CA LEU B 308 -11.36 31.32 -26.25
C LEU B 308 -11.86 31.39 -24.82
N GLU B 309 -13.18 31.44 -24.61
CA GLU B 309 -13.74 31.49 -23.25
C GLU B 309 -13.43 30.20 -22.50
N GLU B 310 -13.54 29.06 -23.18
CA GLU B 310 -13.29 27.77 -22.58
C GLU B 310 -11.82 27.54 -22.19
N ILE B 311 -10.90 27.85 -23.12
CA ILE B 311 -9.48 27.63 -22.90
C ILE B 311 -8.94 28.56 -21.77
N THR B 312 -9.57 29.72 -21.55
CA THR B 312 -9.18 30.68 -20.51
C THR B 312 -9.34 30.07 -19.10
N ASP B 313 -10.25 29.10 -18.90
CA ASP B 313 -10.45 28.49 -17.59
C ASP B 313 -9.31 27.58 -17.15
N ILE B 314 -8.55 27.02 -18.11
CA ILE B 314 -7.44 26.13 -17.79
C ILE B 314 -6.07 26.77 -18.10
N ALA B 315 -6.05 28.06 -18.51
CA ALA B 315 -4.85 28.73 -18.94
C ALA B 315 -4.23 29.61 -17.89
N GLU B 316 -2.89 29.79 -17.98
CA GLU B 316 -2.15 30.81 -17.23
C GLU B 316 -2.75 32.16 -17.60
N PRO B 317 -3.08 33.03 -16.64
CA PRO B 317 -3.71 34.31 -16.99
C PRO B 317 -2.91 35.11 -18.03
N GLY B 318 -3.59 35.59 -19.06
CA GLY B 318 -2.96 36.37 -20.13
C GLY B 318 -2.32 35.56 -21.25
N SER B 319 -2.39 34.22 -21.19
CA SER B 319 -1.77 33.38 -22.22
C SER B 319 -2.72 32.96 -23.35
N ALA B 320 -4.04 33.07 -23.17
CA ALA B 320 -5.00 32.65 -24.18
C ALA B 320 -5.09 33.66 -25.32
N ALA B 321 -5.07 33.15 -26.57
CA ALA B 321 -5.09 34.01 -27.75
C ALA B 321 -5.51 33.25 -29.02
N VAL B 322 -6.00 33.98 -30.03
CA VAL B 322 -6.29 33.42 -31.34
C VAL B 322 -5.06 33.72 -32.19
N ILE B 323 -4.28 32.70 -32.60
CA ILE B 323 -3.05 32.97 -33.34
C ILE B 323 -3.22 32.87 -34.86
N ASP B 324 -4.20 32.10 -35.33
CA ASP B 324 -4.45 32.01 -36.78
C ASP B 324 -5.91 32.28 -36.91
N PHE B 325 -6.30 33.53 -37.18
CA PHE B 325 -7.71 33.86 -37.22
C PHE B 325 -8.24 33.80 -38.63
N MET B 326 -9.25 32.93 -38.88
CA MET B 326 -9.92 32.74 -40.17
C MET B 326 -8.93 32.65 -41.34
N THR B 327 -7.99 31.71 -41.23
CA THR B 327 -7.00 31.43 -42.25
C THR B 327 -7.46 30.19 -43.03
N VAL B 328 -7.13 30.14 -44.33
CA VAL B 328 -7.51 29.01 -45.17
C VAL B 328 -6.44 27.95 -45.10
N ARG B 329 -6.86 26.70 -44.86
CA ARG B 329 -5.95 25.56 -44.78
C ARG B 329 -6.29 24.58 -45.89
N LEU B 337 -11.17 26.68 -44.14
CA LEU B 337 -11.24 27.84 -43.24
C LEU B 337 -11.28 27.45 -41.76
N GLY B 338 -10.38 28.01 -40.97
CA GLY B 338 -10.33 27.71 -39.55
C GLY B 338 -9.49 28.66 -38.75
N SER B 339 -9.52 28.47 -37.42
CA SER B 339 -8.74 29.30 -36.51
C SER B 339 -8.00 28.43 -35.52
N THR B 340 -6.86 28.93 -35.01
CA THR B 340 -6.09 28.23 -33.99
C THR B 340 -6.15 29.04 -32.70
N ILE B 341 -6.67 28.43 -31.65
CA ILE B 341 -6.75 29.05 -30.33
C ILE B 341 -5.67 28.39 -29.47
N ARG B 342 -4.80 29.22 -28.88
CA ARG B 342 -3.67 28.74 -28.11
C ARG B 342 -3.69 29.31 -26.69
N ALA B 343 -3.06 28.60 -25.75
CA ALA B 343 -2.89 29.05 -24.37
C ALA B 343 -1.76 28.22 -23.70
N ARG B 344 -1.33 28.61 -22.49
CA ARG B 344 -0.36 27.87 -21.70
CA ARG B 344 -0.37 27.85 -21.73
C ARG B 344 -1.13 27.21 -20.59
N LEU B 345 -0.97 25.91 -20.40
CA LEU B 345 -1.67 25.18 -19.34
C LEU B 345 -1.27 25.72 -17.98
N ASP B 346 -2.24 26.15 -17.18
CA ASP B 346 -1.95 26.67 -15.86
C ASP B 346 -1.36 25.57 -14.95
N PRO B 347 -0.41 25.88 -14.04
CA PRO B 347 0.12 24.82 -13.15
C PRO B 347 -0.96 24.11 -12.31
N SER B 348 -2.06 24.80 -12.01
CA SER B 348 -3.19 24.24 -11.25
C SER B 348 -4.12 23.37 -12.13
N SER B 349 -3.89 23.31 -13.44
CA SER B 349 -4.69 22.53 -14.37
C SER B 349 -3.86 21.34 -14.94
N ASP B 350 -4.48 20.50 -15.73
CA ASP B 350 -3.82 19.34 -16.34
C ASP B 350 -4.40 19.06 -17.73
N ARG B 351 -3.79 18.12 -18.49
CA ARG B 351 -4.25 17.82 -19.84
C ARG B 351 -5.70 17.30 -19.89
N MET B 352 -6.16 16.59 -18.86
CA MET B 352 -7.54 16.10 -18.84
C MET B 352 -8.51 17.24 -18.61
N ALA B 353 -8.14 18.22 -17.78
CA ALA B 353 -8.98 19.39 -17.56
C ALA B 353 -9.04 20.23 -18.88
N ALA B 354 -7.96 20.26 -19.65
CA ALA B 354 -7.92 20.97 -20.93
C ALA B 354 -8.87 20.29 -21.92
N LEU B 355 -8.85 18.96 -21.97
CA LEU B 355 -9.76 18.19 -22.81
C LEU B 355 -11.22 18.43 -22.38
N GLU B 356 -11.50 18.39 -21.07
CA GLU B 356 -12.84 18.67 -20.53
C GLU B 356 -13.31 20.07 -20.85
N ALA B 357 -12.40 21.05 -20.83
CA ALA B 357 -12.75 22.43 -21.12
C ALA B 357 -13.13 22.61 -22.59
N LEU B 358 -12.56 21.79 -23.49
CA LEU B 358 -12.80 21.98 -24.92
C LEU B 358 -13.67 20.88 -25.54
N PHE B 359 -14.23 19.98 -24.72
CA PHE B 359 -15.02 18.84 -25.16
C PHE B 359 -16.44 18.99 -24.62
N PRO B 360 -17.47 18.69 -25.41
CA PRO B 360 -17.41 18.27 -26.81
C PRO B 360 -17.13 19.45 -27.73
N ALA B 361 -16.73 19.20 -28.97
CA ALA B 361 -16.50 20.30 -29.92
C ALA B 361 -17.84 20.98 -30.24
N VAL B 362 -17.81 22.27 -30.65
CA VAL B 362 -19.02 22.99 -31.08
C VAL B 362 -19.63 22.23 -32.30
N THR B 363 -18.76 21.78 -33.22
CA THR B 363 -19.10 21.01 -34.41
C THR B 363 -19.88 19.69 -34.06
N ALA B 364 -19.79 19.23 -32.81
CA ALA B 364 -20.46 18.04 -32.33
C ALA B 364 -21.65 18.34 -31.42
N SER B 365 -21.81 19.59 -30.93
CA SER B 365 -22.87 19.89 -29.94
C SER B 365 -23.82 21.02 -30.38
N GLY B 366 -23.38 22.28 -30.28
CA GLY B 366 -24.15 23.45 -30.67
C GLY B 366 -23.77 24.67 -29.86
N ILE B 367 -24.63 25.71 -29.89
CA ILE B 367 -24.42 26.99 -29.21
C ILE B 367 -25.74 27.49 -28.62
N PRO B 368 -25.78 27.88 -27.34
CA PRO B 368 -24.74 27.64 -26.32
C PRO B 368 -24.53 26.12 -26.18
N LYS B 369 -23.29 25.70 -25.95
CA LYS B 369 -22.94 24.28 -25.88
C LYS B 369 -23.77 23.46 -24.87
N ALA B 370 -24.08 23.99 -23.66
CA ALA B 370 -24.89 23.29 -22.68
C ALA B 370 -26.30 22.98 -23.22
N ALA B 371 -26.92 23.98 -23.91
CA ALA B 371 -28.24 23.88 -24.53
C ALA B 371 -28.24 22.90 -25.70
N GLY B 372 -27.16 22.89 -26.47
CA GLY B 372 -27.01 21.97 -27.59
C GLY B 372 -26.91 20.54 -27.12
N VAL B 373 -26.08 20.29 -26.08
CA VAL B 373 -25.94 18.94 -25.52
C VAL B 373 -27.28 18.46 -24.93
N GLU B 374 -28.01 19.32 -24.24
CA GLU B 374 -29.30 18.98 -23.65
C GLU B 374 -30.30 18.58 -24.75
N ALA B 375 -30.38 19.37 -25.82
CA ALA B 375 -31.33 19.09 -26.90
C ALA B 375 -30.95 17.80 -27.64
N ILE B 376 -29.65 17.44 -27.69
CA ILE B 376 -29.18 16.20 -28.33
C ILE B 376 -29.76 14.98 -27.59
N PHE B 377 -29.88 15.04 -26.24
CA PHE B 377 -30.49 13.97 -25.47
C PHE B 377 -31.92 13.68 -25.91
N ARG B 378 -32.65 14.71 -26.30
CA ARG B 378 -34.06 14.54 -26.66
C ARG B 378 -34.30 14.36 -28.18
N LEU B 379 -33.45 14.95 -29.02
CA LEU B 379 -33.68 14.98 -30.46
C LEU B 379 -32.72 14.12 -31.30
N ASP B 380 -31.74 13.45 -30.68
CA ASP B 380 -30.82 12.56 -31.41
C ASP B 380 -30.82 11.15 -30.80
N GLU B 381 -30.32 10.13 -31.54
CA GLU B 381 -30.24 8.77 -30.99
C GLU B 381 -29.08 8.73 -29.98
N CYS B 382 -29.40 8.51 -28.72
CA CYS B 382 -28.42 8.54 -27.64
C CYS B 382 -28.41 7.22 -26.90
N PRO B 383 -27.26 6.80 -26.34
CA PRO B 383 -25.95 7.49 -26.38
C PRO B 383 -25.30 7.47 -27.76
N ARG B 384 -24.54 8.51 -28.10
CA ARG B 384 -23.82 8.58 -29.37
C ARG B 384 -22.56 7.69 -29.36
N GLY B 385 -21.94 7.50 -28.20
CA GLY B 385 -20.73 6.71 -28.08
C GLY B 385 -19.55 7.37 -28.76
N LEU B 386 -18.87 6.64 -29.65
CA LEU B 386 -17.70 7.17 -30.37
C LEU B 386 -18.06 8.39 -31.27
N TYR B 387 -19.22 8.36 -31.92
CA TYR B 387 -19.65 9.45 -32.80
C TYR B 387 -19.72 10.77 -32.07
N SER B 388 -19.01 11.77 -32.63
CA SER B 388 -18.83 13.13 -32.14
C SER B 388 -18.02 13.20 -30.81
N GLY B 389 -17.40 12.08 -30.44
CA GLY B 389 -16.47 12.03 -29.34
C GLY B 389 -15.06 12.29 -29.89
N ALA B 390 -14.04 11.67 -29.28
CA ALA B 390 -12.67 11.87 -29.76
C ALA B 390 -11.85 10.58 -29.74
N VAL B 391 -10.82 10.49 -30.58
CA VAL B 391 -9.84 9.42 -30.53
C VAL B 391 -8.58 10.09 -29.98
N VAL B 392 -7.96 9.48 -28.93
CA VAL B 392 -6.86 10.15 -28.25
C VAL B 392 -5.56 9.38 -28.17
N MET B 393 -4.46 10.15 -28.09
CA MET B 393 -3.10 9.66 -27.92
C MET B 393 -2.48 10.46 -26.78
N LEU B 394 -2.01 9.77 -25.73
CA LEU B 394 -1.42 10.41 -24.58
C LEU B 394 0.00 9.95 -24.38
N SER B 395 0.87 10.83 -23.91
CA SER B 395 2.27 10.51 -23.70
C SER B 395 2.67 10.72 -22.25
N ALA B 396 3.67 9.97 -21.78
CA ALA B 396 4.15 10.05 -20.41
C ALA B 396 4.71 11.44 -20.08
N ASP B 397 5.23 12.18 -21.08
CA ASP B 397 5.75 13.54 -20.84
C ASP B 397 4.63 14.60 -20.67
N GLY B 398 3.35 14.19 -20.65
CA GLY B 398 2.24 15.11 -20.48
C GLY B 398 1.47 15.45 -21.74
N GLY B 399 1.90 14.91 -22.87
CA GLY B 399 1.25 15.18 -24.15
C GLY B 399 -0.13 14.57 -24.27
N LEU B 400 -1.00 15.25 -25.02
CA LEU B 400 -2.35 14.80 -25.33
C LEU B 400 -2.70 15.24 -26.75
N ASP B 401 -3.24 14.34 -27.55
CA ASP B 401 -3.70 14.67 -28.89
C ASP B 401 -5.09 14.07 -29.04
N ALA B 402 -6.12 14.91 -29.26
CA ALA B 402 -7.49 14.43 -29.34
C ALA B 402 -8.14 14.90 -30.65
N ALA B 403 -8.49 13.93 -31.51
CA ALA B 403 -9.12 14.20 -32.80
C ALA B 403 -10.63 14.03 -32.71
N LEU B 404 -11.40 14.95 -33.28
CA LEU B 404 -12.87 14.84 -33.29
C LEU B 404 -13.35 13.66 -34.16
N THR B 405 -14.21 12.77 -33.60
CA THR B 405 -14.69 11.61 -34.35
C THR B 405 -15.97 11.90 -35.12
N LEU B 406 -15.78 12.30 -36.36
CA LEU B 406 -16.78 12.47 -37.41
C LEU B 406 -16.17 11.78 -38.65
N ARG B 407 -16.99 11.47 -39.66
CA ARG B 407 -16.57 10.78 -40.88
C ARG B 407 -15.99 9.41 -40.50
N ALA B 408 -16.79 8.63 -39.76
CA ALA B 408 -16.31 7.35 -39.29
C ALA B 408 -17.31 6.21 -39.56
N ALA B 409 -16.80 4.98 -39.60
CA ALA B 409 -17.60 3.76 -39.75
C ALA B 409 -17.42 2.93 -38.47
N TYR B 410 -18.45 2.19 -38.07
CA TYR B 410 -18.41 1.41 -36.84
C TYR B 410 -18.98 0.02 -37.04
N GLN B 411 -18.49 -0.92 -36.25
CA GLN B 411 -19.02 -2.27 -36.21
C GLN B 411 -19.00 -2.77 -34.78
N VAL B 412 -20.17 -3.11 -34.25
CA VAL B 412 -20.37 -3.63 -32.90
C VAL B 412 -21.35 -4.76 -33.01
N GLY B 413 -20.93 -5.95 -32.62
CA GLY B 413 -21.74 -7.15 -32.73
C GLY B 413 -21.87 -7.48 -34.20
N GLY B 414 -23.10 -7.67 -34.62
CA GLY B 414 -23.38 -7.93 -36.02
C GLY B 414 -23.80 -6.69 -36.80
N ARG B 415 -23.69 -5.52 -36.17
CA ARG B 415 -24.15 -4.28 -36.78
C ARG B 415 -23.00 -3.41 -37.29
N THR B 416 -23.09 -3.00 -38.56
CA THR B 416 -22.13 -2.09 -39.19
C THR B 416 -22.89 -0.84 -39.60
N TRP B 417 -22.35 0.35 -39.29
CA TRP B 417 -23.06 1.58 -39.63
C TRP B 417 -22.13 2.78 -39.76
N LEU B 418 -22.67 3.80 -40.44
CA LEU B 418 -22.10 5.12 -40.62
C LEU B 418 -22.97 6.12 -39.85
N ARG B 419 -22.45 7.31 -39.55
CA ARG B 419 -23.23 8.32 -38.86
C ARG B 419 -22.77 9.69 -39.30
N ALA B 420 -23.72 10.55 -39.66
CA ALA B 420 -23.41 11.90 -40.10
C ALA B 420 -24.49 12.86 -39.64
N GLY B 421 -24.08 14.09 -39.38
CA GLY B 421 -25.00 15.12 -38.92
C GLY B 421 -24.82 16.45 -39.60
N ALA B 422 -25.50 17.46 -39.06
CA ALA B 422 -25.46 18.81 -39.58
C ALA B 422 -25.76 19.81 -38.48
N GLY B 423 -25.18 21.00 -38.58
CA GLY B 423 -25.45 22.06 -37.63
C GLY B 423 -26.74 22.75 -38.00
N ILE B 424 -27.77 22.59 -37.16
CA ILE B 424 -29.08 23.19 -37.40
C ILE B 424 -29.16 24.58 -36.77
N ILE B 425 -29.55 25.55 -37.58
CA ILE B 425 -29.71 26.94 -37.17
C ILE B 425 -31.17 27.39 -37.49
N GLU B 426 -31.56 28.63 -37.10
CA GLU B 426 -32.94 29.09 -37.27
C GLU B 426 -33.43 29.01 -38.72
N GLU B 427 -32.52 29.28 -39.68
CA GLU B 427 -32.87 29.29 -41.10
C GLU B 427 -32.78 27.92 -41.77
N SER B 428 -32.38 26.86 -41.04
CA SER B 428 -32.25 25.51 -41.60
C SER B 428 -33.54 24.97 -42.14
N GLU B 429 -33.41 24.17 -43.19
CA GLU B 429 -34.49 23.51 -43.90
C GLU B 429 -34.22 21.99 -43.85
N PRO B 430 -35.19 21.20 -43.37
CA PRO B 430 -34.95 19.75 -43.23
C PRO B 430 -34.40 19.05 -44.49
N GLU B 431 -34.91 19.39 -45.69
CA GLU B 431 -34.44 18.74 -46.91
C GLU B 431 -32.98 19.07 -47.22
N ARG B 432 -32.59 20.34 -47.08
CA ARG B 432 -31.20 20.77 -47.31
C ARG B 432 -30.26 20.15 -46.29
N GLU B 433 -30.70 20.10 -45.01
CA GLU B 433 -29.87 19.50 -43.97
C GLU B 433 -29.73 17.99 -44.18
N PHE B 434 -30.76 17.31 -44.68
CA PHE B 434 -30.67 15.89 -45.00
C PHE B 434 -29.61 15.66 -46.11
N GLU B 435 -29.65 16.48 -47.18
CA GLU B 435 -28.69 16.41 -48.28
C GLU B 435 -27.27 16.69 -47.80
N GLU B 436 -27.11 17.59 -46.81
CA GLU B 436 -25.83 17.90 -46.19
C GLU B 436 -25.24 16.66 -45.51
N THR B 437 -26.08 15.84 -44.83
CA THR B 437 -25.59 14.61 -44.23
C THR B 437 -25.12 13.64 -45.34
N CYS B 438 -25.79 13.61 -46.50
CA CYS B 438 -25.43 12.78 -47.65
C CYS B 438 -24.04 13.16 -48.15
N GLU B 439 -23.78 14.48 -48.25
CA GLU B 439 -22.49 15.01 -48.69
C GLU B 439 -21.40 14.58 -47.73
N LYS B 440 -21.67 14.64 -46.42
CA LYS B 440 -20.70 14.24 -45.41
C LYS B 440 -20.44 12.73 -45.43
N LEU B 441 -21.47 11.93 -45.73
CA LEU B 441 -21.32 10.48 -45.83
C LEU B 441 -20.46 10.08 -47.05
N SER B 442 -20.46 10.92 -48.12
CA SER B 442 -19.69 10.67 -49.35
C SER B 442 -18.16 10.62 -49.13
N THR B 443 -17.69 11.00 -47.94
CA THR B 443 -16.29 10.87 -47.52
C THR B 443 -15.94 9.36 -47.38
N LEU B 444 -16.94 8.52 -47.08
CA LEU B 444 -16.74 7.11 -46.84
C LEU B 444 -17.50 6.19 -47.75
N THR B 445 -18.77 6.53 -48.08
CA THR B 445 -19.68 5.65 -48.84
C THR B 445 -19.07 5.11 -50.17
N PRO B 446 -18.21 5.82 -50.94
CA PRO B 446 -17.66 5.19 -52.16
C PRO B 446 -16.45 4.28 -51.88
N TYR B 447 -16.04 4.12 -50.60
CA TYR B 447 -14.80 3.40 -50.26
C TYR B 447 -14.96 2.24 -49.28
N LEU B 448 -16.16 1.65 -49.20
CA LEU B 448 -16.38 0.55 -48.28
C LEU B 448 -15.98 -0.78 -48.91
N VAL B 449 -14.95 -1.42 -48.38
CA VAL B 449 -14.48 -2.69 -48.89
C VAL B 449 -15.18 -3.80 -48.14
N ALA B 450 -15.95 -4.64 -48.85
CA ALA B 450 -16.68 -5.72 -48.23
C ALA B 450 -15.72 -6.80 -47.69
N ARG B 451 -16.03 -7.34 -46.51
CA ARG B 451 -15.24 -8.39 -45.89
C ARG B 451 -15.59 -9.73 -46.53
N ILE C 20 61.34 -3.77 -8.99
CA ILE C 20 61.59 -4.21 -10.35
C ILE C 20 61.51 -3.01 -11.28
N PRO C 21 62.52 -2.76 -12.14
CA PRO C 21 62.42 -1.60 -13.04
C PRO C 21 61.25 -1.76 -14.02
N MET C 22 60.59 -0.65 -14.35
CA MET C 22 59.47 -0.70 -15.30
C MET C 22 60.03 -0.87 -16.71
N PRO C 23 59.61 -1.92 -17.44
CA PRO C 23 60.15 -2.11 -18.80
C PRO C 23 59.69 -1.00 -19.73
N ALA C 24 60.60 -0.53 -20.60
CA ALA C 24 60.33 0.57 -21.52
C ALA C 24 59.18 0.27 -22.48
N GLY C 25 58.37 1.28 -22.76
CA GLY C 25 57.23 1.16 -23.64
C GLY C 25 56.00 0.63 -22.92
N PRO C 28 51.85 1.01 -17.92
CA PRO C 28 51.62 1.33 -16.50
C PRO C 28 50.20 0.94 -16.10
N ALA C 29 49.18 1.50 -16.77
CA ALA C 29 47.78 1.16 -16.51
C ALA C 29 47.47 -0.22 -17.07
N ASP C 30 48.10 -0.62 -18.20
CA ASP C 30 47.88 -1.94 -18.76
C ASP C 30 48.54 -2.98 -17.88
N LEU C 31 49.76 -2.70 -17.36
CA LEU C 31 50.45 -3.63 -16.49
C LEU C 31 49.72 -3.80 -15.14
N ALA C 32 49.32 -2.68 -14.51
CA ALA C 32 48.63 -2.75 -13.23
C ALA C 32 47.28 -3.47 -13.36
N ALA C 33 46.52 -3.24 -14.45
CA ALA C 33 45.25 -3.93 -14.62
C ALA C 33 45.45 -5.42 -14.93
N GLU C 34 46.54 -5.78 -15.64
CA GLU C 34 46.86 -7.17 -15.96
C GLU C 34 47.29 -7.95 -14.71
N LEU C 35 48.03 -7.29 -13.78
CA LEU C 35 48.49 -7.91 -12.55
C LEU C 35 47.34 -8.37 -11.66
N ALA C 36 46.24 -7.59 -11.65
CA ALA C 36 45.06 -7.81 -10.82
C ALA C 36 44.56 -9.25 -10.84
N ALA C 37 44.43 -9.84 -9.61
CA ALA C 37 43.99 -11.20 -9.28
C ALA C 37 44.92 -12.27 -9.87
N VAL C 38 46.21 -11.96 -10.00
CA VAL C 38 47.22 -12.87 -10.54
C VAL C 38 48.53 -12.72 -9.73
N GLU C 45 40.91 -13.93 -5.64
CA GLU C 45 40.62 -13.16 -4.44
C GLU C 45 40.18 -11.73 -4.77
N ASP C 46 39.59 -11.05 -3.77
CA ASP C 46 39.17 -9.67 -3.90
C ASP C 46 40.36 -8.74 -4.03
N TYR C 47 40.16 -7.55 -4.69
CA TYR C 47 41.25 -6.58 -4.88
C TYR C 47 40.74 -5.18 -5.24
N LEU C 48 41.60 -4.17 -5.12
CA LEU C 48 41.28 -2.82 -5.51
C LEU C 48 42.53 -2.18 -6.08
N LEU C 49 42.44 -1.68 -7.30
CA LEU C 49 43.50 -0.95 -8.02
C LEU C 49 43.13 0.53 -8.01
N TYR C 50 44.00 1.38 -7.47
CA TYR C 50 43.73 2.80 -7.36
C TYR C 50 44.81 3.62 -8.02
N GLU C 51 44.44 4.49 -8.97
CA GLU C 51 45.41 5.38 -9.63
C GLU C 51 45.37 6.72 -8.93
N CYS C 52 46.53 7.20 -8.52
CA CYS C 52 46.63 8.45 -7.80
C CYS C 52 47.98 9.10 -8.09
N ASP C 53 47.95 10.25 -8.79
CA ASP C 53 49.14 11.05 -9.14
C ASP C 53 50.30 10.22 -9.77
N GLY C 54 50.02 9.55 -10.89
CA GLY C 54 51.01 8.74 -11.60
C GLY C 54 51.29 7.36 -11.03
N GLN C 55 50.75 7.07 -9.85
CA GLN C 55 50.97 5.80 -9.17
C GLN C 55 49.74 4.91 -9.19
N TRP C 56 49.89 3.66 -9.62
CA TRP C 56 48.79 2.69 -9.59
C TRP C 56 49.05 1.71 -8.45
N VAL C 57 48.24 1.73 -7.39
CA VAL C 57 48.43 0.80 -6.28
C VAL C 57 47.41 -0.33 -6.36
N LEU C 58 47.91 -1.55 -6.47
CA LEU C 58 47.06 -2.73 -6.49
C LEU C 58 47.06 -3.33 -5.09
N ALA C 59 45.93 -3.28 -4.42
CA ALA C 59 45.74 -3.86 -3.09
C ALA C 59 45.09 -5.21 -3.29
N ALA C 60 45.86 -6.29 -3.15
CA ALA C 60 45.36 -7.63 -3.45
C ALA C 60 45.22 -8.52 -2.22
N GLY C 61 44.05 -9.13 -2.11
CA GLY C 61 43.76 -10.02 -1.00
C GLY C 61 43.18 -9.28 0.18
N VAL C 62 42.36 -9.95 0.99
CA VAL C 62 41.73 -9.30 2.13
C VAL C 62 42.25 -9.89 3.42
N GLN C 63 43.09 -9.12 4.10
CA GLN C 63 43.62 -9.50 5.40
C GLN C 63 42.54 -9.25 6.46
N ALA C 64 41.87 -8.10 6.38
CA ALA C 64 40.78 -7.72 7.28
C ALA C 64 39.82 -6.81 6.55
N MET C 65 38.53 -6.98 6.78
CA MET C 65 37.50 -6.18 6.12
C MET C 65 36.63 -5.45 7.12
N VAL C 66 36.36 -4.17 6.87
CA VAL C 66 35.47 -3.35 7.67
C VAL C 66 34.22 -3.11 6.85
N GLU C 67 33.08 -3.55 7.34
CA GLU C 67 31.81 -3.34 6.67
C GLU C 67 30.94 -2.43 7.50
N LEU C 68 30.72 -1.21 7.01
CA LEU C 68 29.85 -0.28 7.71
C LEU C 68 28.52 -0.24 7.00
N ASP C 69 27.48 -0.68 7.68
CA ASP C 69 26.11 -0.63 7.20
C ASP C 69 25.34 0.41 8.04
N SER C 70 24.14 0.77 7.59
CA SER C 70 23.31 1.74 8.27
C SER C 70 22.96 1.30 9.70
N ASP C 71 22.85 0.00 9.94
CA ASP C 71 22.44 -0.54 11.23
C ASP C 71 23.50 -1.36 11.96
N GLU C 72 24.69 -1.53 11.38
CA GLU C 72 25.70 -2.38 11.99
C GLU C 72 27.08 -2.12 11.43
N LEU C 73 28.10 -2.39 12.24
CA LEU C 73 29.48 -2.34 11.83
C LEU C 73 30.05 -3.74 12.02
N ARG C 74 30.68 -4.29 10.99
CA ARG C 74 31.30 -5.61 11.09
C ARG C 74 32.78 -5.53 10.77
N VAL C 75 33.57 -6.28 11.50
CA VAL C 75 35.00 -6.39 11.23
C VAL C 75 35.22 -7.87 11.02
N ILE C 76 35.64 -8.26 9.81
CA ILE C 76 35.84 -9.67 9.48
C ILE C 76 37.32 -9.93 9.28
N ARG C 77 37.87 -10.84 10.08
CA ARG C 77 39.29 -11.15 10.03
C ARG C 77 39.53 -12.59 10.40
N ASP C 78 40.22 -13.34 9.53
CA ASP C 78 40.59 -14.74 9.73
C ASP C 78 39.36 -15.61 10.09
N GLY C 79 38.27 -15.45 9.35
CA GLY C 79 37.05 -16.22 9.57
C GLY C 79 36.17 -15.75 10.74
N VAL C 80 36.63 -14.75 11.49
CA VAL C 80 35.88 -14.26 12.63
C VAL C 80 35.18 -12.95 12.25
N THR C 81 33.86 -12.90 12.45
CA THR C 81 33.09 -11.69 12.18
C THR C 81 32.64 -11.09 13.49
N ARG C 82 33.14 -9.90 13.82
CA ARG C 82 32.77 -9.25 15.07
C ARG C 82 31.75 -8.13 14.73
N ARG C 83 30.49 -8.30 15.20
CA ARG C 83 29.40 -7.37 14.90
C ARG C 83 29.23 -6.35 15.99
N GLN C 84 28.96 -5.12 15.61
CA GLN C 84 28.74 -4.03 16.55
C GLN C 84 27.63 -3.13 16.13
N GLN C 85 26.79 -2.68 17.08
CA GLN C 85 25.85 -1.61 16.79
C GLN C 85 26.64 -0.29 16.90
N TRP C 86 26.23 0.74 16.18
CA TRP C 86 26.90 2.03 16.25
C TRP C 86 25.87 3.15 16.23
N SER C 87 26.22 4.28 16.82
CA SER C 87 25.36 5.45 16.85
C SER C 87 26.19 6.70 16.59
N GLY C 88 25.53 7.79 16.25
CA GLY C 88 26.21 9.04 15.96
C GLY C 88 26.67 9.12 14.52
N ARG C 89 27.84 9.69 14.30
CA ARG C 89 28.36 9.90 12.97
C ARG C 89 28.96 8.63 12.36
N PRO C 90 28.62 8.34 11.11
CA PRO C 90 29.18 7.15 10.46
C PRO C 90 30.71 7.21 10.29
N GLY C 91 31.24 8.41 10.11
CA GLY C 91 32.67 8.65 9.99
C GLY C 91 33.43 8.27 11.25
N ALA C 92 32.82 8.49 12.43
CA ALA C 92 33.47 8.14 13.68
C ALA C 92 33.54 6.61 13.83
N ALA C 93 32.46 5.91 13.44
CA ALA C 93 32.42 4.44 13.52
C ALA C 93 33.41 3.86 12.50
N LEU C 94 33.44 4.41 11.28
CA LEU C 94 34.35 3.92 10.24
C LEU C 94 35.81 4.21 10.61
N GLY C 95 36.08 5.42 11.04
CA GLY C 95 37.42 5.86 11.43
C GLY C 95 38.03 5.05 12.55
N GLU C 96 37.26 4.73 13.59
CA GLU C 96 37.77 3.93 14.70
C GLU C 96 38.16 2.52 14.22
N ALA C 97 37.33 1.90 13.39
CA ALA C 97 37.60 0.57 12.85
C ALA C 97 38.77 0.59 11.86
N VAL C 98 38.84 1.61 10.99
CA VAL C 98 39.90 1.78 9.99
C VAL C 98 41.25 2.02 10.68
N ASP C 99 41.29 2.86 11.73
CA ASP C 99 42.52 3.14 12.46
C ASP C 99 43.09 1.86 13.08
N ARG C 100 42.21 0.94 13.53
CA ARG C 100 42.64 -0.34 14.10
C ARG C 100 43.33 -1.20 13.00
N LEU C 101 42.80 -1.20 11.76
CA LEU C 101 43.43 -1.93 10.64
C LEU C 101 44.81 -1.38 10.32
N LEU C 102 44.94 -0.04 10.33
CA LEU C 102 46.18 0.65 9.98
C LEU C 102 47.25 0.55 11.08
N LEU C 103 46.97 -0.10 12.22
CA LEU C 103 48.00 -0.38 13.22
C LEU C 103 48.90 -1.55 12.73
N GLU C 104 48.34 -2.46 11.89
CA GLU C 104 49.05 -3.64 11.39
C GLU C 104 49.50 -3.50 9.94
N THR C 105 48.83 -2.67 9.12
CA THR C 105 49.17 -2.50 7.70
C THR C 105 49.34 -1.00 7.36
N ASP C 106 50.20 -0.68 6.40
CA ASP C 106 50.47 0.71 6.05
C ASP C 106 49.33 1.40 5.30
N GLN C 107 48.51 0.63 4.55
CA GLN C 107 47.44 1.22 3.77
C GLN C 107 46.16 0.39 3.80
N ALA C 108 45.03 1.07 3.64
CA ALA C 108 43.71 0.45 3.57
C ALA C 108 42.96 1.07 2.37
N PHE C 109 42.10 0.28 1.72
CA PHE C 109 41.41 0.72 0.52
C PHE C 109 39.95 0.34 0.57
N GLY C 110 39.15 1.03 -0.23
CA GLY C 110 37.74 0.67 -0.31
C GLY C 110 36.88 1.68 -1.00
N TRP C 111 35.60 1.62 -0.66
CA TRP C 111 34.63 2.53 -1.25
C TRP C 111 33.65 3.00 -0.18
N VAL C 112 33.13 4.19 -0.40
CA VAL C 112 32.18 4.82 0.46
C VAL C 112 30.92 5.08 -0.37
N ALA C 113 29.77 4.61 0.10
CA ALA C 113 28.51 4.80 -0.63
C ALA C 113 28.02 6.23 -0.52
N PHE C 114 27.19 6.68 -1.48
CA PHE C 114 26.52 7.99 -1.40
C PHE C 114 25.74 8.12 -0.05
N GLU C 115 25.13 7.01 0.40
CA GLU C 115 24.33 6.90 1.63
C GLU C 115 25.12 7.23 2.90
N PHE C 116 26.45 7.19 2.85
CA PHE C 116 27.29 7.59 3.98
C PHE C 116 27.09 9.10 4.32
N GLY C 117 26.81 9.92 3.31
CA GLY C 117 26.66 11.35 3.51
C GLY C 117 25.26 11.85 3.83
N VAL C 118 24.28 10.95 4.05
CA VAL C 118 22.91 11.40 4.30
C VAL C 118 22.68 11.71 5.81
N HIS C 119 23.48 11.09 6.72
CA HIS C 119 23.37 11.26 8.18
C HIS C 119 23.52 12.73 8.58
N ARG C 120 24.47 13.44 7.95
CA ARG C 120 24.74 14.86 8.19
C ARG C 120 23.51 15.74 7.95
N TYR C 121 22.68 15.35 6.98
CA TYR C 121 21.46 16.08 6.65
C TYR C 121 20.21 15.52 7.35
N GLY C 122 20.40 14.71 8.38
CA GLY C 122 19.29 14.16 9.15
C GLY C 122 18.38 13.21 8.40
N LEU C 123 18.94 12.44 7.46
CA LEU C 123 18.14 11.50 6.69
C LEU C 123 18.43 10.01 7.03
N GLN C 124 19.13 9.73 8.13
CA GLN C 124 19.50 8.36 8.50
C GLN C 124 18.28 7.38 8.58
N GLN C 125 17.11 7.85 9.09
CA GLN C 125 15.89 7.04 9.22
C GLN C 125 15.24 6.70 7.88
N ARG C 126 15.60 7.40 6.78
CA ARG C 126 15.12 7.10 5.42
C ARG C 126 15.83 5.89 4.80
N LEU C 127 16.92 5.37 5.45
CA LEU C 127 17.67 4.23 4.95
C LEU C 127 17.07 2.93 5.41
N ALA C 128 16.84 2.02 4.45
CA ALA C 128 16.36 0.67 4.73
C ALA C 128 17.39 -0.07 5.57
N PRO C 129 16.98 -1.09 6.35
CA PRO C 129 17.99 -1.85 7.10
C PRO C 129 19.02 -2.49 6.18
N HIS C 130 20.24 -2.67 6.69
CA HIS C 130 21.36 -3.30 5.99
C HIS C 130 21.82 -2.48 4.78
N THR C 131 21.64 -1.15 4.81
CA THR C 131 22.11 -0.30 3.71
C THR C 131 23.61 -0.12 3.82
N PRO C 132 24.37 -0.54 2.80
CA PRO C 132 25.83 -0.37 2.86
C PRO C 132 26.25 1.10 2.86
N LEU C 133 27.16 1.47 3.75
CA LEU C 133 27.69 2.83 3.81
C LEU C 133 29.17 2.84 3.41
N ALA C 134 29.94 1.78 3.76
CA ALA C 134 31.35 1.75 3.40
C ALA C 134 31.93 0.36 3.52
N ARG C 135 32.91 0.07 2.69
CA ARG C 135 33.64 -1.18 2.69
C ARG C 135 35.12 -0.83 2.61
N VAL C 136 35.89 -1.09 3.68
CA VAL C 136 37.33 -0.75 3.68
C VAL C 136 38.11 -1.97 4.13
N PHE C 137 39.15 -2.35 3.38
CA PHE C 137 39.95 -3.52 3.75
C PHE C 137 41.45 -3.21 3.79
N SER C 138 42.17 -3.98 4.59
CA SER C 138 43.62 -3.94 4.59
C SER C 138 44.06 -5.11 3.70
N PRO C 139 44.94 -4.82 2.72
CA PRO C 139 45.32 -5.87 1.77
C PRO C 139 46.44 -6.79 2.25
N ARG C 140 46.50 -7.99 1.69
CA ARG C 140 47.58 -8.93 1.99
C ARG C 140 48.87 -8.56 1.23
N THR C 141 48.72 -8.02 0.02
CA THR C 141 49.85 -7.65 -0.84
C THR C 141 49.57 -6.34 -1.60
N ARG C 142 50.57 -5.46 -1.72
CA ARG C 142 50.44 -4.24 -2.47
C ARG C 142 51.51 -4.19 -3.55
N ILE C 143 51.09 -3.85 -4.76
CA ILE C 143 52.03 -3.70 -5.88
C ILE C 143 51.83 -2.29 -6.41
N MET C 144 52.88 -1.46 -6.39
CA MET C 144 52.79 -0.08 -6.87
C MET C 144 53.46 0.06 -8.23
N VAL C 145 52.67 0.34 -9.27
CA VAL C 145 53.15 0.45 -10.63
C VAL C 145 53.18 1.89 -11.09
N SER C 146 54.32 2.33 -11.60
CA SER C 146 54.46 3.67 -12.16
C SER C 146 55.35 3.60 -13.40
N GLU C 147 55.54 4.73 -14.11
CA GLU C 147 56.44 4.77 -15.27
C GLU C 147 57.88 4.39 -14.91
N LYS C 148 58.29 4.65 -13.66
CA LYS C 148 59.66 4.38 -13.23
C LYS C 148 59.87 2.94 -12.75
N GLU C 149 58.97 2.38 -11.92
CA GLU C 149 59.22 1.06 -11.36
C GLU C 149 57.96 0.32 -10.88
N ILE C 150 58.13 -0.95 -10.53
CA ILE C 150 57.15 -1.82 -9.92
C ILE C 150 57.64 -2.12 -8.51
N ARG C 151 56.92 -1.69 -7.47
CA ARG C 151 57.35 -1.93 -6.09
C ARG C 151 56.45 -2.96 -5.42
N LEU C 152 57.04 -3.95 -4.75
CA LEU C 152 56.29 -5.01 -4.09
C LEU C 152 56.30 -4.86 -2.56
N PHE C 153 55.13 -5.01 -1.93
CA PHE C 153 54.96 -4.89 -0.49
C PHE C 153 54.23 -6.11 0.06
N ASP C 154 54.90 -6.90 0.91
CA ASP C 154 54.34 -8.09 1.55
C ASP C 154 53.94 -9.15 0.51
N HIS C 159 52.20 -12.98 -6.91
CA HIS C 159 53.55 -13.20 -6.41
C HIS C 159 54.63 -12.85 -7.47
N ARG C 160 55.89 -12.67 -7.01
CA ARG C 160 57.05 -12.28 -7.83
C ARG C 160 57.23 -13.09 -9.12
N GLU C 161 57.20 -14.44 -9.06
CA GLU C 161 57.37 -15.28 -10.26
C GLU C 161 56.25 -15.07 -11.27
N ALA C 162 55.01 -14.88 -10.79
CA ALA C 162 53.87 -14.63 -11.66
C ALA C 162 54.01 -13.28 -12.37
N ILE C 163 54.50 -12.26 -11.65
CA ILE C 163 54.75 -10.91 -12.19
C ILE C 163 55.80 -10.98 -13.31
N ASP C 164 56.93 -11.68 -13.06
CA ASP C 164 57.97 -11.81 -14.06
C ASP C 164 57.48 -12.57 -15.28
N ARG C 165 56.62 -13.58 -15.10
CA ARG C 165 56.12 -14.37 -16.23
C ARG C 165 55.15 -13.55 -17.08
N LEU C 166 54.38 -12.64 -16.44
CA LEU C 166 53.49 -11.74 -17.16
C LEU C 166 54.31 -10.73 -17.96
N LEU C 167 55.39 -10.21 -17.39
CA LEU C 167 56.28 -9.27 -18.05
C LEU C 167 57.00 -9.90 -19.27
N ALA C 168 57.36 -11.19 -19.19
CA ALA C 168 58.04 -11.88 -20.28
C ALA C 168 57.08 -12.23 -21.42
N THR C 169 55.85 -12.61 -21.06
CA THR C 169 54.81 -12.97 -22.04
C THR C 169 54.29 -11.71 -22.73
N GLY C 170 54.12 -10.64 -21.96
CA GLY C 170 53.58 -9.38 -22.46
C GLY C 170 52.13 -9.24 -22.08
N VAL C 171 51.64 -7.99 -21.97
CA VAL C 171 50.23 -7.76 -21.64
C VAL C 171 49.35 -8.24 -22.80
N ARG C 172 48.14 -8.70 -22.48
CA ARG C 172 47.19 -9.14 -23.50
C ARG C 172 46.80 -8.00 -24.40
N GLU C 173 46.51 -8.30 -25.66
CA GLU C 173 46.01 -7.30 -26.59
C GLU C 173 44.58 -6.99 -26.18
N VAL C 174 44.21 -5.70 -26.18
CA VAL C 174 42.84 -5.34 -25.83
C VAL C 174 41.99 -5.60 -27.05
N PRO C 175 40.98 -6.48 -26.92
CA PRO C 175 40.12 -6.75 -28.08
C PRO C 175 39.19 -5.58 -28.41
N GLN C 176 38.55 -5.62 -29.59
CA GLN C 176 37.58 -4.59 -29.96
C GLN C 176 36.40 -4.60 -29.00
N SER C 177 35.89 -3.43 -28.68
CA SER C 177 34.78 -3.30 -27.76
C SER C 177 33.45 -3.70 -28.41
N ARG C 178 32.43 -3.92 -27.59
CA ARG C 178 31.09 -4.27 -28.03
C ARG C 178 30.18 -3.12 -27.66
N SER C 179 29.42 -2.62 -28.63
CA SER C 179 28.56 -1.46 -28.44
C SER C 179 27.35 -1.73 -27.56
N VAL C 180 26.88 -0.70 -26.88
CA VAL C 180 25.72 -0.78 -26.01
C VAL C 180 24.71 0.30 -26.37
N ASP C 181 23.45 -0.04 -26.30
CA ASP C 181 22.37 0.91 -26.56
C ASP C 181 22.02 1.65 -25.27
N VAL C 182 22.15 2.98 -25.27
CA VAL C 182 21.82 3.80 -24.09
C VAL C 182 20.58 4.72 -24.37
N SER C 183 19.88 4.55 -25.50
CA SER C 183 18.76 5.40 -25.88
C SER C 183 17.44 5.11 -25.13
N ASP C 184 17.33 3.94 -24.46
CA ASP C 184 16.11 3.59 -23.74
C ASP C 184 16.05 4.31 -22.39
N ASP C 185 14.84 4.50 -21.87
CA ASP C 185 14.64 5.17 -20.60
C ASP C 185 13.65 4.37 -19.72
N PRO C 186 14.01 3.15 -19.27
CA PRO C 186 13.07 2.36 -18.47
C PRO C 186 12.78 2.92 -17.07
N SER C 187 13.70 3.72 -16.49
CA SER C 187 13.48 4.29 -15.16
C SER C 187 12.75 5.65 -15.18
N GLY C 188 12.39 6.15 -16.36
CA GLY C 188 11.67 7.41 -16.49
C GLY C 188 12.44 8.62 -16.02
N PHE C 189 13.72 8.71 -16.40
CA PHE C 189 14.60 9.84 -16.11
C PHE C 189 13.97 11.16 -16.56
N ARG C 190 13.38 11.20 -17.77
CA ARG C 190 12.77 12.42 -18.29
C ARG C 190 11.59 12.86 -17.40
N ARG C 191 10.76 11.90 -16.94
CA ARG C 191 9.66 12.20 -16.05
C ARG C 191 10.19 12.73 -14.70
N ARG C 192 11.20 12.08 -14.11
CA ARG C 192 11.77 12.49 -12.83
C ARG C 192 12.45 13.86 -12.91
N VAL C 193 13.03 14.21 -14.07
CA VAL C 193 13.64 15.53 -14.27
C VAL C 193 12.53 16.60 -14.28
N ALA C 194 11.39 16.30 -14.93
CA ALA C 194 10.28 17.26 -14.98
C ALA C 194 9.74 17.56 -13.58
N VAL C 195 9.72 16.55 -12.69
CA VAL C 195 9.27 16.75 -11.31
C VAL C 195 10.27 17.66 -10.58
N ALA C 196 11.59 17.40 -10.74
CA ALA C 196 12.63 18.21 -10.12
C ALA C 196 12.55 19.68 -10.59
N VAL C 197 12.36 19.91 -11.90
CA VAL C 197 12.23 21.26 -12.47
C VAL C 197 11.07 22.01 -11.79
N ASP C 198 9.91 21.36 -11.61
CA ASP C 198 8.75 21.95 -10.94
C ASP C 198 9.08 22.30 -9.48
N GLU C 199 9.78 21.41 -8.78
CA GLU C 199 10.16 21.65 -7.38
C GLU C 199 11.14 22.83 -7.27
N ILE C 200 12.10 22.94 -8.22
CA ILE C 200 13.05 24.04 -8.22
C ILE C 200 12.31 25.36 -8.48
N ALA C 201 11.38 25.36 -9.46
CA ALA C 201 10.56 26.53 -9.80
C ALA C 201 9.74 26.99 -8.61
N ALA C 202 9.30 26.05 -7.75
CA ALA C 202 8.54 26.38 -6.54
C ALA C 202 9.44 26.85 -5.36
N GLY C 203 10.76 26.86 -5.55
CA GLY C 203 11.73 27.31 -4.55
C GLY C 203 12.18 26.27 -3.54
N ARG C 204 11.92 24.98 -3.79
CA ARG C 204 12.29 23.92 -2.84
C ARG C 204 13.81 23.83 -2.66
N TYR C 205 14.53 23.99 -3.79
CA TYR C 205 15.99 23.94 -3.86
C TYR C 205 16.44 24.56 -5.22
N HIS C 206 17.74 24.77 -5.39
CA HIS C 206 18.33 25.39 -6.56
C HIS C 206 18.76 24.37 -7.64
N LYS C 207 19.32 23.24 -7.21
CA LYS C 207 19.86 22.26 -8.13
C LYS C 207 19.83 20.85 -7.56
N VAL C 208 19.55 19.84 -8.38
CA VAL C 208 19.61 18.45 -7.93
C VAL C 208 20.22 17.61 -9.02
N ILE C 209 21.08 16.65 -8.66
CA ILE C 209 21.67 15.76 -9.64
C ILE C 209 20.81 14.51 -9.66
N LEU C 210 20.18 14.23 -10.81
CA LEU C 210 19.39 13.01 -11.00
C LEU C 210 20.15 12.13 -12.00
N SER C 211 19.93 10.82 -11.95
CA SER C 211 20.68 9.89 -12.76
C SER C 211 19.82 8.74 -13.31
N ARG C 212 20.42 7.89 -14.17
CA ARG C 212 19.73 6.73 -14.68
C ARG C 212 20.73 5.61 -14.87
N CYS C 213 20.27 4.39 -14.66
CA CYS C 213 21.06 3.21 -14.90
C CYS C 213 20.86 2.76 -16.32
N VAL C 214 21.90 2.24 -16.93
CA VAL C 214 21.83 1.66 -18.27
C VAL C 214 22.32 0.25 -18.14
N GLU C 215 21.45 -0.73 -18.39
CA GLU C 215 21.82 -2.13 -18.29
C GLU C 215 22.72 -2.53 -19.43
N VAL C 216 23.77 -3.30 -19.15
CA VAL C 216 24.66 -3.79 -20.20
C VAL C 216 24.24 -5.24 -20.42
N PRO C 217 23.71 -5.58 -21.61
CA PRO C 217 23.15 -6.92 -21.81
C PRO C 217 24.17 -8.06 -21.96
N PHE C 218 25.44 -7.81 -21.64
CA PHE C 218 26.46 -8.84 -21.74
C PHE C 218 27.47 -8.66 -20.62
N ALA C 219 28.11 -9.75 -20.19
CA ALA C 219 29.14 -9.69 -19.17
C ALA C 219 30.38 -9.02 -19.75
N ILE C 220 30.98 -8.07 -19.00
CA ILE C 220 32.16 -7.40 -19.51
C ILE C 220 33.40 -7.90 -18.77
N ASP C 221 34.55 -7.76 -19.41
CA ASP C 221 35.82 -8.07 -18.78
C ASP C 221 36.27 -6.77 -18.14
N PHE C 222 36.24 -6.71 -16.80
CA PHE C 222 36.54 -5.49 -16.07
C PHE C 222 37.99 -5.02 -16.30
N PRO C 223 39.06 -5.83 -16.13
CA PRO C 223 40.41 -5.31 -16.40
C PRO C 223 40.64 -4.85 -17.85
N LEU C 224 40.12 -5.58 -18.86
CA LEU C 224 40.33 -5.18 -20.26
C LEU C 224 39.54 -3.91 -20.56
N THR C 225 38.30 -3.78 -20.04
CA THR C 225 37.49 -2.57 -20.22
C THR C 225 38.18 -1.38 -19.56
N TYR C 226 38.71 -1.59 -18.34
CA TYR C 226 39.44 -0.56 -17.61
C TYR C 226 40.66 -0.07 -18.45
N ARG C 227 41.40 -0.99 -19.08
CA ARG C 227 42.56 -0.63 -19.89
C ARG C 227 42.15 0.19 -21.11
N LEU C 228 41.09 -0.23 -21.81
CA LEU C 228 40.66 0.44 -23.04
C LEU C 228 40.17 1.86 -22.74
N GLY C 229 39.31 2.02 -21.74
CA GLY C 229 38.81 3.31 -21.32
C GLY C 229 39.91 4.22 -20.78
N ARG C 230 40.93 3.64 -20.12
CA ARG C 230 42.04 4.44 -19.60
C ARG C 230 42.93 5.02 -20.73
N ARG C 231 42.91 4.39 -21.91
CA ARG C 231 43.63 4.90 -23.07
C ARG C 231 42.95 6.17 -23.64
N HIS C 232 41.65 6.37 -23.39
CA HIS C 232 40.92 7.51 -23.92
C HIS C 232 40.32 8.43 -22.84
N ASN C 233 40.80 8.30 -21.60
CA ASN C 233 40.39 9.10 -20.46
C ASN C 233 41.61 9.40 -19.62
N THR C 234 41.84 10.66 -19.27
CA THR C 234 42.95 11.03 -18.38
C THR C 234 42.29 11.66 -17.16
N PRO C 235 41.80 10.84 -16.21
CA PRO C 235 41.01 11.39 -15.11
C PRO C 235 41.83 11.92 -13.93
N VAL C 236 41.13 12.50 -12.93
CA VAL C 236 41.75 12.97 -11.68
C VAL C 236 42.36 11.75 -10.93
N ARG C 237 41.60 10.69 -10.89
CA ARG C 237 41.90 9.39 -10.29
C ARG C 237 41.21 8.33 -11.11
N SER C 238 41.55 7.07 -10.89
CA SER C 238 40.83 5.97 -11.54
C SER C 238 40.91 4.73 -10.67
N PHE C 239 40.01 3.77 -10.90
CA PHE C 239 40.00 2.56 -10.09
C PHE C 239 39.44 1.39 -10.86
N LEU C 240 39.78 0.20 -10.39
CA LEU C 240 39.33 -1.10 -10.86
C LEU C 240 39.30 -2.01 -9.64
N LEU C 241 38.17 -2.64 -9.34
CA LEU C 241 38.06 -3.46 -8.15
C LEU C 241 37.11 -4.63 -8.31
N GLN C 242 37.28 -5.61 -7.42
CA GLN C 242 36.38 -6.74 -7.22
C GLN C 242 36.34 -6.94 -5.71
N LEU C 243 35.34 -6.38 -5.04
CA LEU C 243 35.25 -6.42 -3.58
C LEU C 243 33.84 -6.76 -3.13
N GLY C 244 33.73 -7.77 -2.27
CA GLY C 244 32.48 -8.21 -1.65
C GLY C 244 31.35 -8.49 -2.63
N GLY C 245 31.66 -9.16 -3.72
CA GLY C 245 30.67 -9.48 -4.74
C GLY C 245 30.42 -8.37 -5.75
N ILE C 246 31.11 -7.23 -5.62
CA ILE C 246 30.94 -6.12 -6.55
C ILE C 246 32.17 -5.97 -7.42
N ARG C 247 31.99 -5.95 -8.74
CA ARG C 247 33.06 -5.59 -9.68
C ARG C 247 32.79 -4.17 -10.13
N ALA C 248 33.82 -3.30 -10.15
CA ALA C 248 33.62 -1.91 -10.58
C ALA C 248 34.90 -1.32 -11.15
N LEU C 249 34.74 -0.37 -12.05
CA LEU C 249 35.82 0.40 -12.64
C LEU C 249 35.33 1.82 -12.86
N GLY C 250 36.23 2.79 -12.89
CA GLY C 250 35.83 4.18 -13.09
C GLY C 250 36.94 5.15 -13.35
N TYR C 251 36.59 6.31 -13.94
CA TYR C 251 37.52 7.41 -14.24
C TYR C 251 36.95 8.59 -13.49
N SER C 252 37.52 8.87 -12.33
CA SER C 252 37.00 9.86 -11.42
C SER C 252 37.25 11.26 -11.89
N PRO C 253 36.18 12.03 -12.08
CA PRO C 253 36.37 13.38 -12.59
C PRO C 253 36.55 14.41 -11.46
N GLU C 254 36.78 14.00 -10.19
CA GLU C 254 36.89 14.98 -9.11
C GLU C 254 37.46 14.41 -7.83
N LEU C 255 38.31 15.18 -7.15
CA LEU C 255 38.84 14.82 -5.85
C LEU C 255 37.91 15.33 -4.74
N VAL C 256 37.18 14.42 -4.06
CA VAL C 256 36.28 14.80 -2.96
C VAL C 256 37.09 15.39 -1.81
N THR C 257 38.13 14.65 -1.37
CA THR C 257 38.99 15.10 -0.28
C THR C 257 40.33 14.41 -0.32
N ALA C 258 41.37 15.16 -0.01
CA ALA C 258 42.69 14.61 0.21
C ALA C 258 43.18 15.18 1.53
N VAL C 259 43.57 14.31 2.47
CA VAL C 259 44.14 14.70 3.74
C VAL C 259 45.58 14.24 3.75
N ARG C 260 46.54 15.12 4.05
CA ARG C 260 47.95 14.73 4.11
C ARG C 260 48.39 14.47 5.56
N ALA C 261 49.51 13.75 5.74
CA ALA C 261 50.07 13.47 7.06
C ALA C 261 50.42 14.77 7.80
N ASP C 262 50.80 15.84 7.07
CA ASP C 262 51.12 17.12 7.70
C ASP C 262 49.85 17.96 8.09
N GLY C 263 48.67 17.42 7.89
CA GLY C 263 47.43 18.09 8.25
C GLY C 263 46.74 18.90 7.17
N VAL C 264 47.37 19.07 5.99
CA VAL C 264 46.73 19.84 4.91
C VAL C 264 45.56 19.04 4.32
N VAL C 265 44.37 19.67 4.26
CA VAL C 265 43.16 19.09 3.70
C VAL C 265 42.84 19.82 2.40
N ILE C 266 42.48 19.09 1.35
CA ILE C 266 42.18 19.69 0.06
C ILE C 266 40.89 19.12 -0.51
N THR C 267 40.14 19.92 -1.26
CA THR C 267 38.93 19.51 -1.98
C THR C 267 38.93 20.27 -3.29
N GLU C 268 38.61 19.60 -4.41
CA GLU C 268 38.68 20.27 -5.71
C GLU C 268 37.40 20.15 -6.53
N PRO C 269 36.36 20.91 -6.17
CA PRO C 269 35.13 20.89 -6.98
C PRO C 269 35.37 21.46 -8.37
N LEU C 270 34.82 20.82 -9.40
CA LEU C 270 35.03 21.24 -10.77
C LEU C 270 33.75 21.87 -11.35
N ALA C 271 33.95 22.87 -12.19
CA ALA C 271 32.86 23.65 -12.74
C ALA C 271 32.43 23.22 -14.16
N GLY C 272 33.36 23.14 -15.12
CA GLY C 272 33.01 22.83 -16.48
C GLY C 272 34.10 22.07 -17.22
N THR C 273 33.76 21.59 -18.41
CA THR C 273 34.68 20.81 -19.22
C THR C 273 34.51 21.17 -20.69
N ARG C 274 35.62 21.23 -21.42
CA ARG C 274 35.67 21.48 -22.84
C ARG C 274 36.65 20.47 -23.48
N ALA C 275 36.54 20.24 -24.79
CA ALA C 275 37.44 19.33 -25.48
C ALA C 275 38.85 19.95 -25.57
N LEU C 276 39.86 19.11 -25.75
CA LEU C 276 41.24 19.58 -25.81
C LEU C 276 42.07 18.74 -26.80
N LEU C 285 39.74 28.68 -28.06
CA LEU C 285 38.38 29.22 -28.09
C LEU C 285 37.54 28.59 -26.99
N ALA C 286 37.68 27.27 -26.82
CA ALA C 286 36.97 26.51 -25.80
C ALA C 286 37.42 26.93 -24.39
N ARG C 287 38.71 27.27 -24.23
CA ARG C 287 39.27 27.71 -22.96
C ARG C 287 38.70 29.08 -22.58
N ASP C 288 38.53 29.97 -23.58
CA ASP C 288 37.95 31.30 -23.37
C ASP C 288 36.48 31.21 -22.96
N ASP C 289 35.73 30.24 -23.51
CA ASP C 289 34.33 30.04 -23.15
C ASP C 289 34.22 29.45 -21.76
N LEU C 290 35.09 28.50 -21.43
CA LEU C 290 35.15 27.84 -20.12
C LEU C 290 35.36 28.88 -19.00
N GLU C 291 36.16 29.93 -19.27
CA GLU C 291 36.47 30.98 -18.31
C GLU C 291 35.47 32.14 -18.29
N SER C 292 34.52 32.18 -19.22
CA SER C 292 33.56 33.29 -19.29
C SER C 292 32.08 32.84 -19.17
N ASN C 293 31.80 31.53 -19.22
CA ASN C 293 30.43 30.99 -19.14
C ASN C 293 29.75 31.38 -17.83
N SER C 294 28.80 32.33 -17.90
CA SER C 294 28.08 32.85 -16.75
C SER C 294 27.41 31.75 -15.91
N LYS C 295 26.68 30.83 -16.55
CA LYS C 295 25.99 29.76 -15.85
C LYS C 295 26.96 28.86 -15.10
N GLU C 296 28.10 28.53 -15.71
CA GLU C 296 29.11 27.70 -15.06
C GLU C 296 29.79 28.45 -13.90
N ILE C 297 30.06 29.75 -14.09
CA ILE C 297 30.69 30.57 -13.07
C ILE C 297 29.79 30.71 -11.84
N VAL C 298 28.48 31.02 -12.02
CA VAL C 298 27.55 31.16 -10.88
C VAL C 298 27.49 29.87 -10.07
N GLU C 299 27.31 28.73 -10.75
CA GLU C 299 27.22 27.44 -10.06
C GLU C 299 28.51 27.07 -9.38
N HIS C 300 29.65 27.38 -10.01
CA HIS C 300 30.95 27.09 -9.40
C HIS C 300 31.18 27.95 -8.16
N ALA C 301 30.75 29.21 -8.17
CA ALA C 301 30.91 30.12 -7.04
C ALA C 301 30.05 29.68 -5.86
N ILE C 302 28.83 29.23 -6.14
CA ILE C 302 27.93 28.75 -5.10
C ILE C 302 28.54 27.47 -4.47
N SER C 303 29.12 26.59 -5.30
CA SER C 303 29.75 25.36 -4.86
C SER C 303 31.05 25.62 -4.07
N VAL C 304 31.90 26.59 -4.51
CA VAL C 304 33.14 26.94 -3.81
C VAL C 304 32.77 27.48 -2.41
N ARG C 305 31.75 28.36 -2.34
CA ARG C 305 31.30 28.90 -1.06
C ARG C 305 30.82 27.78 -0.12
N SER C 306 30.09 26.80 -0.68
CA SER C 306 29.60 25.66 0.08
C SER C 306 30.78 24.81 0.62
N SER C 307 31.79 24.56 -0.23
CA SER C 307 32.98 23.83 0.15
C SER C 307 33.73 24.51 1.30
N LEU C 308 33.88 25.86 1.20
CA LEU C 308 34.53 26.68 2.21
C LEU C 308 33.77 26.63 3.53
N GLU C 309 32.44 26.72 3.50
CA GLU C 309 31.64 26.65 4.74
C GLU C 309 31.79 25.28 5.40
N GLU C 310 31.80 24.22 4.59
CA GLU C 310 31.94 22.85 5.09
C GLU C 310 33.33 22.56 5.69
N ILE C 311 34.41 22.93 4.97
CA ILE C 311 35.78 22.67 5.40
C ILE C 311 36.10 23.45 6.68
N THR C 312 35.44 24.59 6.94
CA THR C 312 35.65 25.42 8.12
C THR C 312 35.24 24.66 9.42
N ASP C 313 34.29 23.72 9.33
CA ASP C 313 33.85 22.97 10.51
C ASP C 313 34.92 21.95 11.02
N ILE C 314 35.89 21.58 10.18
CA ILE C 314 36.95 20.64 10.58
C ILE C 314 38.36 21.29 10.59
N ALA C 315 38.47 22.56 10.21
CA ALA C 315 39.74 23.22 10.05
C ALA C 315 40.15 24.05 11.24
N GLU C 316 41.47 24.26 11.39
CA GLU C 316 42.05 25.21 12.33
C GLU C 316 41.50 26.58 12.00
N PRO C 317 41.02 27.35 12.99
CA PRO C 317 40.45 28.68 12.68
C PRO C 317 41.37 29.55 11.82
N GLY C 318 40.83 30.11 10.74
CA GLY C 318 41.59 30.97 9.84
C GLY C 318 42.43 30.28 8.77
N SER C 319 42.40 28.94 8.73
CA SER C 319 43.21 28.19 7.75
C SER C 319 42.48 27.89 6.44
N ALA C 320 41.14 28.00 6.40
CA ALA C 320 40.40 27.69 5.17
C ALA C 320 40.56 28.79 4.11
N ALA C 321 40.89 28.41 2.87
CA ALA C 321 41.13 29.36 1.79
C ALA C 321 40.96 28.72 0.41
N VAL C 322 40.68 29.55 -0.61
CA VAL C 322 40.61 29.08 -1.97
C VAL C 322 41.96 29.39 -2.59
N ILE C 323 42.74 28.38 -2.95
CA ILE C 323 44.02 28.56 -3.66
C ILE C 323 43.71 28.11 -5.12
N ASP C 324 44.23 28.76 -6.17
CA ASP C 324 43.94 28.34 -7.58
C ASP C 324 42.42 28.39 -7.96
N PHE C 325 41.78 29.55 -7.74
CA PHE C 325 40.37 29.82 -8.00
C PHE C 325 40.10 29.92 -9.49
N MET C 326 39.16 29.08 -9.99
CA MET C 326 38.71 29.00 -11.38
C MET C 326 39.87 28.92 -12.36
N THR C 327 40.73 27.93 -12.19
CA THR C 327 41.86 27.72 -13.08
C THR C 327 41.55 26.57 -14.04
N VAL C 328 42.16 26.62 -15.22
CA VAL C 328 41.97 25.58 -16.21
C VAL C 328 43.03 24.50 -15.98
N ARG C 329 42.58 23.26 -15.92
CA ARG C 329 43.43 22.11 -15.72
C ARG C 329 43.36 21.25 -16.99
N GLU C 330 44.50 21.03 -17.65
CA GLU C 330 44.51 20.26 -18.89
C GLU C 330 44.85 18.80 -18.61
N ARG C 331 43.96 17.87 -19.03
CA ARG C 331 44.18 16.45 -18.79
C ARG C 331 43.87 15.61 -20.05
N GLY C 332 44.84 15.54 -20.95
CA GLY C 332 44.70 14.78 -22.18
C GLY C 332 43.72 15.38 -23.17
N SER C 333 42.61 14.68 -23.43
CA SER C 333 41.59 15.11 -24.38
C SER C 333 40.55 16.08 -23.78
N VAL C 334 40.68 16.46 -22.48
CA VAL C 334 39.72 17.37 -21.86
C VAL C 334 40.41 18.47 -21.03
N GLN C 335 39.84 19.68 -21.03
CA GLN C 335 40.32 20.79 -20.21
C GLN C 335 39.19 21.16 -19.22
N HIS C 336 39.52 21.22 -17.92
CA HIS C 336 38.53 21.46 -16.88
C HIS C 336 38.69 22.78 -16.15
N LEU C 337 37.57 23.40 -15.78
CA LEU C 337 37.59 24.57 -14.92
C LEU C 337 37.32 24.11 -13.50
N GLY C 338 38.02 24.66 -12.51
CA GLY C 338 37.78 24.29 -11.13
C GLY C 338 38.57 25.09 -10.14
N SER C 339 38.34 24.83 -8.86
CA SER C 339 39.07 25.51 -7.79
C SER C 339 39.54 24.50 -6.74
N THR C 340 40.56 24.88 -5.99
CA THR C 340 41.09 24.06 -4.93
C THR C 340 40.85 24.78 -3.61
N ILE C 341 40.12 24.13 -2.69
CA ILE C 341 39.84 24.67 -1.37
C ILE C 341 40.74 23.93 -0.40
N ARG C 342 41.53 24.68 0.36
CA ARG C 342 42.50 24.13 1.28
C ARG C 342 42.23 24.56 2.71
N ALA C 343 42.68 23.77 3.66
CA ALA C 343 42.59 24.08 5.08
C ALA C 343 43.59 23.19 5.88
N ARG C 344 43.80 23.48 7.15
CA ARG C 344 44.62 22.67 8.04
CA ARG C 344 44.63 22.64 8.00
C ARG C 344 43.69 21.91 8.95
N LEU C 345 43.84 20.59 9.05
CA LEU C 345 42.98 19.78 9.91
C LEU C 345 43.15 20.20 11.36
N ASP C 346 42.05 20.56 12.02
CA ASP C 346 42.10 20.97 13.41
C ASP C 346 42.53 19.80 14.30
N PRO C 347 43.32 20.02 15.38
CA PRO C 347 43.69 18.89 16.26
C PRO C 347 42.48 18.14 16.85
N SER C 348 41.34 18.83 17.02
CA SER C 348 40.11 18.22 17.54
C SER C 348 39.33 17.42 16.46
N SER C 349 39.77 17.46 15.20
CA SER C 349 39.13 16.78 14.10
C SER C 349 40.02 15.63 13.57
N ASP C 350 39.54 14.87 12.59
CA ASP C 350 40.27 13.74 12.01
C ASP C 350 39.93 13.62 10.50
N ARG C 351 40.64 12.76 9.77
CA ARG C 351 40.42 12.58 8.33
C ARG C 351 39.00 12.10 8.00
N MET C 352 38.37 11.30 8.88
CA MET C 352 37.00 10.85 8.61
C MET C 352 36.01 11.98 8.77
N ALA C 353 36.24 12.87 9.75
CA ALA C 353 35.38 14.03 9.92
C ALA C 353 35.54 14.97 8.73
N ALA C 354 36.75 15.06 8.14
CA ALA C 354 37.01 15.90 6.97
C ALA C 354 36.25 15.34 5.77
N LEU C 355 36.30 14.00 5.59
CA LEU C 355 35.55 13.34 4.52
C LEU C 355 34.05 13.56 4.70
N GLU C 356 33.56 13.39 5.91
CA GLU C 356 32.15 13.60 6.22
C GLU C 356 31.71 15.03 5.94
N ALA C 357 32.55 16.00 6.30
CA ALA C 357 32.25 17.39 6.09
C ALA C 357 32.13 17.72 4.60
N LEU C 358 32.86 17.02 3.73
CA LEU C 358 32.87 17.33 2.31
C LEU C 358 32.11 16.31 1.45
N PHE C 359 31.32 15.44 2.07
CA PHE C 359 30.57 14.39 1.39
C PHE C 359 29.07 14.51 1.65
N PRO C 360 28.20 14.23 0.68
CA PRO C 360 28.52 13.93 -0.72
C PRO C 360 28.98 15.18 -1.46
N ALA C 361 29.70 15.02 -2.56
CA ALA C 361 30.13 16.16 -3.36
C ALA C 361 28.88 16.91 -3.93
N VAL C 362 28.99 18.24 -4.14
CA VAL C 362 27.93 19.05 -4.76
C VAL C 362 27.58 18.48 -6.15
N THR C 363 28.61 18.14 -6.95
CA THR C 363 28.50 17.54 -8.31
C THR C 363 27.63 16.27 -8.35
N ALA C 364 27.54 15.58 -7.24
CA ALA C 364 26.79 14.36 -7.14
C ALA C 364 25.45 14.54 -6.43
N SER C 365 25.21 15.70 -5.78
CA SER C 365 24.02 15.84 -4.93
C SER C 365 23.12 17.07 -5.29
N GLY C 366 23.39 18.24 -4.75
CA GLY C 366 22.58 19.42 -5.03
C GLY C 366 22.85 20.58 -4.10
N ILE C 367 22.09 21.67 -4.30
CA ILE C 367 22.20 22.92 -3.55
C ILE C 367 20.79 23.46 -3.22
N PRO C 368 20.45 23.81 -1.96
CA PRO C 368 21.21 23.52 -0.71
C PRO C 368 21.36 22.00 -0.56
N LYS C 369 22.49 21.55 0.00
CA LYS C 369 22.82 20.14 0.02
C LYS C 369 21.79 19.25 0.71
N ALA C 370 21.24 19.68 1.84
CA ALA C 370 20.28 18.86 2.56
C ALA C 370 19.02 18.60 1.72
N ALA C 371 18.41 19.65 1.12
CA ALA C 371 17.20 19.52 0.31
C ALA C 371 17.46 18.75 -0.98
N GLY C 372 18.67 18.91 -1.54
CA GLY C 372 19.12 18.19 -2.73
C GLY C 372 19.30 16.70 -2.50
N VAL C 373 19.96 16.31 -1.39
CA VAL C 373 20.12 14.89 -1.00
C VAL C 373 18.74 14.27 -0.71
N GLU C 374 17.85 15.05 -0.07
CA GLU C 374 16.51 14.57 0.24
C GLU C 374 15.72 14.34 -1.06
N ALA C 375 15.82 15.26 -2.03
CA ALA C 375 15.12 15.10 -3.30
C ALA C 375 15.63 13.87 -4.05
N ILE C 376 16.92 13.52 -3.94
CA ILE C 376 17.49 12.32 -4.57
C ILE C 376 16.79 11.05 -4.04
N PHE C 377 16.43 10.99 -2.73
CA PHE C 377 15.71 9.85 -2.17
C PHE C 377 14.38 9.61 -2.88
N ARG C 378 13.70 10.68 -3.29
CA ARG C 378 12.39 10.59 -3.90
C ARG C 378 12.43 10.53 -5.43
N LEU C 379 13.39 11.19 -6.05
CA LEU C 379 13.43 11.33 -7.50
C LEU C 379 14.51 10.52 -8.20
N ASP C 380 15.33 9.77 -7.45
CA ASP C 380 16.37 8.92 -8.05
C ASP C 380 16.25 7.49 -7.54
N GLU C 381 16.85 6.50 -8.25
CA GLU C 381 16.82 5.11 -7.80
C GLU C 381 17.78 4.98 -6.62
N CYS C 382 17.24 4.68 -5.45
CA CYS C 382 18.02 4.58 -4.23
C CYS C 382 17.92 3.19 -3.61
N PRO C 383 18.97 2.71 -2.94
CA PRO C 383 20.25 3.39 -2.67
C PRO C 383 21.13 3.48 -3.92
N ARG C 384 21.93 4.54 -4.02
CA ARG C 384 22.86 4.73 -5.12
C ARG C 384 24.09 3.82 -4.97
N GLY C 385 24.49 3.52 -3.74
CA GLY C 385 25.66 2.70 -3.48
C GLY C 385 26.93 3.40 -3.89
N LEU C 386 27.76 2.74 -4.70
CA LEU C 386 29.03 3.28 -5.18
C LEU C 386 28.84 4.54 -6.03
N TYR C 387 27.80 4.59 -6.86
CA TYR C 387 27.55 5.74 -7.72
C TYR C 387 27.36 7.02 -6.91
N SER C 388 28.16 8.04 -7.25
CA SER C 388 28.26 9.35 -6.63
C SER C 388 28.82 9.29 -5.18
N GLY C 389 29.37 8.15 -4.80
CA GLY C 389 30.08 7.97 -3.55
C GLY C 389 31.56 8.21 -3.84
N ALA C 390 32.45 7.52 -3.12
CA ALA C 390 33.88 7.71 -3.35
C ALA C 390 34.66 6.41 -3.29
N VAL C 391 35.83 6.36 -3.96
CA VAL C 391 36.76 5.26 -3.83
C VAL C 391 37.91 5.84 -3.02
N VAL C 392 38.32 5.15 -1.94
CA VAL C 392 39.28 5.72 -1.01
C VAL C 392 40.56 4.89 -0.80
N MET C 393 41.63 5.61 -0.47
CA MET C 393 42.92 5.09 -0.10
C MET C 393 43.34 5.78 1.20
N LEU C 394 43.61 4.99 2.23
CA LEU C 394 44.00 5.53 3.54
C LEU C 394 45.38 5.02 3.95
N SER C 395 46.15 5.86 4.65
CA SER C 395 47.50 5.49 5.07
C SER C 395 47.65 5.58 6.58
N ALA C 396 48.55 4.78 7.14
CA ALA C 396 48.82 4.74 8.58
C ALA C 396 49.31 6.09 9.11
N ASP C 397 49.99 6.89 8.28
CA ASP C 397 50.47 8.21 8.70
C ASP C 397 49.32 9.28 8.77
N GLY C 398 48.07 8.89 8.55
CA GLY C 398 46.94 9.80 8.61
C GLY C 398 46.41 10.27 7.26
N GLY C 399 47.03 9.82 6.18
CA GLY C 399 46.60 10.19 4.84
C GLY C 399 45.27 9.62 4.42
N LEU C 400 44.55 10.38 3.59
CA LEU C 400 43.27 9.99 3.01
C LEU C 400 43.18 10.56 1.61
N ASP C 401 42.78 9.75 0.63
CA ASP C 401 42.56 10.19 -0.74
C ASP C 401 41.24 9.63 -1.17
N ALA C 402 40.26 10.52 -1.47
CA ALA C 402 38.92 10.09 -1.84
C ALA C 402 38.49 10.68 -3.20
N ALA C 403 38.28 9.80 -4.18
CA ALA C 403 37.91 10.21 -5.52
C ALA C 403 36.40 10.05 -5.72
N LEU C 404 35.74 11.03 -6.31
CA LEU C 404 34.30 10.98 -6.59
C LEU C 404 33.99 9.90 -7.64
N THR C 405 33.05 9.00 -7.32
CA THR C 405 32.73 7.93 -8.26
C THR C 405 31.60 8.29 -9.17
N LEU C 406 31.96 8.78 -10.32
CA LEU C 406 31.14 9.04 -11.48
C LEU C 406 31.93 8.42 -12.66
N ARG C 407 31.29 8.21 -13.81
CA ARG C 407 31.92 7.59 -14.99
C ARG C 407 32.42 6.19 -14.63
N ALA C 408 31.51 5.37 -14.11
CA ALA C 408 31.89 4.04 -13.66
C ALA C 408 30.95 2.93 -14.20
N ALA C 409 31.45 1.70 -14.22
CA ALA C 409 30.70 0.52 -14.60
C ALA C 409 30.64 -0.43 -13.41
N TYR C 410 29.54 -1.19 -13.25
CA TYR C 410 29.36 -2.06 -12.09
C TYR C 410 28.82 -3.42 -12.49
N GLN C 411 29.15 -4.44 -11.70
CA GLN C 411 28.61 -5.77 -11.85
C GLN C 411 28.38 -6.36 -10.48
N VAL C 412 27.13 -6.72 -10.19
CA VAL C 412 26.69 -7.32 -8.92
C VAL C 412 25.73 -8.42 -9.27
N GLY C 413 26.04 -9.64 -8.86
CA GLY C 413 25.26 -10.82 -9.20
C GLY C 413 25.43 -11.05 -10.68
N GLY C 414 24.31 -11.23 -11.36
CA GLY C 414 24.33 -11.36 -12.81
C GLY C 414 24.04 -10.06 -13.55
N ARG C 415 24.03 -8.93 -12.84
CA ARG C 415 23.68 -7.64 -13.44
C ARG C 415 24.88 -6.75 -13.67
N THR C 416 25.04 -6.27 -14.91
CA THR C 416 26.09 -5.32 -15.31
C THR C 416 25.43 -4.03 -15.74
N TRP C 417 25.91 -2.88 -15.25
CA TRP C 417 25.27 -1.63 -15.61
C TRP C 417 26.21 -0.42 -15.50
N LEU C 418 25.80 0.64 -16.16
CA LEU C 418 26.42 1.95 -16.13
C LEU C 418 25.44 2.89 -15.44
N ARG C 419 25.91 4.04 -14.96
CA ARG C 419 25.03 5.02 -14.34
C ARG C 419 25.56 6.41 -14.61
N ALA C 420 24.69 7.29 -15.08
CA ALA C 420 25.10 8.66 -15.36
C ALA C 420 23.97 9.61 -15.05
N GLY C 421 24.33 10.81 -14.65
CA GLY C 421 23.35 11.82 -14.29
C GLY C 421 23.60 13.18 -14.87
N ALA C 422 22.85 14.15 -14.40
CA ALA C 422 22.95 15.53 -14.85
C ALA C 422 22.49 16.48 -13.75
N GLY C 423 23.09 17.66 -13.68
CA GLY C 423 22.70 18.68 -12.72
C GLY C 423 21.43 19.36 -13.22
N ILE C 424 20.32 19.12 -12.54
CA ILE C 424 19.03 19.68 -12.92
C ILE C 424 18.82 21.04 -12.24
N ILE C 425 18.56 22.08 -13.05
CA ILE C 425 18.31 23.45 -12.59
C ILE C 425 16.93 23.93 -13.14
N GLU C 426 16.47 25.13 -12.75
CA GLU C 426 15.15 25.65 -13.14
C GLU C 426 14.93 25.65 -14.65
N GLU C 427 15.96 25.95 -15.44
CA GLU C 427 15.81 26.02 -16.89
C GLU C 427 15.98 24.67 -17.62
N SER C 428 16.27 23.58 -16.88
CA SER C 428 16.47 22.27 -17.47
C SER C 428 15.28 21.76 -18.28
N GLU C 429 15.57 21.01 -19.33
CA GLU C 429 14.60 20.38 -20.21
C GLU C 429 14.85 18.88 -20.22
N PRO C 430 13.83 18.05 -19.92
CA PRO C 430 14.06 16.59 -19.83
C PRO C 430 14.78 15.95 -21.01
N GLU C 431 14.44 16.34 -22.26
CA GLU C 431 15.09 15.77 -23.43
C GLU C 431 16.58 16.14 -23.50
N ARG C 432 16.92 17.41 -23.24
CA ARG C 432 18.31 17.87 -23.25
C ARG C 432 19.12 17.18 -22.14
N GLU C 433 18.54 17.04 -20.92
CA GLU C 433 19.26 16.40 -19.83
C GLU C 433 19.42 14.91 -20.09
N PHE C 434 18.47 14.27 -20.79
CA PHE C 434 18.61 12.86 -21.16
C PHE C 434 19.83 12.71 -22.11
N GLU C 435 19.94 13.60 -23.11
CA GLU C 435 21.06 13.62 -24.07
C GLU C 435 22.39 13.91 -23.34
N GLU C 436 22.36 14.74 -22.29
CA GLU C 436 23.51 15.05 -21.47
C GLU C 436 24.03 13.78 -20.74
N THR C 437 23.11 12.91 -20.25
CA THR C 437 23.55 11.65 -19.64
C THR C 437 24.21 10.76 -20.71
N CYS C 438 23.71 10.79 -21.97
CA CYS C 438 24.30 10.04 -23.07
C CYS C 438 25.74 10.47 -23.31
N GLU C 439 25.98 11.80 -23.31
CA GLU C 439 27.31 12.36 -23.47
C GLU C 439 28.24 11.92 -22.33
N LYS C 440 27.77 11.93 -21.08
CA LYS C 440 28.59 11.46 -19.95
C LYS C 440 28.86 9.94 -20.02
N LEU C 441 27.86 9.15 -20.49
CA LEU C 441 28.03 7.72 -20.65
C LEU C 441 29.09 7.40 -21.72
N SER C 442 29.30 8.33 -22.71
CA SER C 442 30.27 8.16 -23.81
C SER C 442 31.73 8.07 -23.35
N THR C 443 31.98 8.37 -22.07
CA THR C 443 33.28 8.18 -21.43
C THR C 443 33.60 6.66 -21.35
N LEU C 444 32.57 5.81 -21.30
CA LEU C 444 32.70 4.38 -21.16
C LEU C 444 32.10 3.57 -22.26
N THR C 445 30.92 3.96 -22.79
CA THR C 445 30.15 3.15 -23.75
C THR C 445 30.95 2.71 -25.00
N PRO C 446 31.95 3.47 -25.54
CA PRO C 446 32.69 2.93 -26.69
C PRO C 446 33.84 1.99 -26.28
N TYR C 447 34.02 1.71 -24.98
CA TYR C 447 35.17 0.95 -24.51
C TYR C 447 34.83 -0.30 -23.70
N LEU C 448 33.65 -0.87 -23.87
CA LEU C 448 33.23 -2.05 -23.09
C LEU C 448 33.72 -3.33 -23.75
N VAL C 449 34.66 -4.01 -23.11
CA VAL C 449 35.21 -5.25 -23.65
C VAL C 449 34.39 -6.42 -23.12
N ALA C 450 33.76 -7.17 -24.01
CA ALA C 450 32.92 -8.30 -23.60
C ALA C 450 33.77 -9.41 -23.01
N ARG C 451 33.27 -10.04 -21.94
CA ARG C 451 33.93 -11.16 -21.28
C ARG C 451 33.74 -12.40 -22.09
N SER D 18 -40.25 -20.90 6.31
CA SER D 18 -39.97 -20.27 5.02
C SER D 18 -38.74 -20.90 4.36
N SER D 19 -38.71 -20.92 3.02
CA SER D 19 -37.58 -21.47 2.29
C SER D 19 -37.22 -20.61 1.07
N ILE D 20 -35.92 -20.54 0.80
CA ILE D 20 -35.30 -19.81 -0.31
C ILE D 20 -34.45 -20.81 -1.09
N PRO D 21 -34.58 -20.91 -2.43
CA PRO D 21 -33.73 -21.86 -3.16
C PRO D 21 -32.25 -21.48 -3.05
N MET D 22 -31.37 -22.49 -2.97
CA MET D 22 -29.94 -22.23 -2.90
C MET D 22 -29.44 -21.78 -4.28
N PRO D 23 -28.82 -20.59 -4.38
CA PRO D 23 -28.34 -20.13 -5.70
C PRO D 23 -27.19 -21.00 -6.22
N VAL D 26 -22.99 -21.35 -5.52
CA VAL D 26 -22.71 -20.92 -4.16
C VAL D 26 -22.55 -22.14 -3.27
N ASN D 27 -21.43 -22.22 -2.57
CA ASN D 27 -21.15 -23.33 -1.68
C ASN D 27 -21.86 -23.14 -0.32
N PRO D 28 -22.57 -24.18 0.16
CA PRO D 28 -23.28 -24.06 1.45
C PRO D 28 -22.41 -23.64 2.66
N ALA D 29 -21.18 -24.16 2.82
CA ALA D 29 -20.33 -23.78 3.96
C ALA D 29 -20.00 -22.29 3.95
N ASP D 30 -19.73 -21.76 2.75
CA ASP D 30 -19.41 -20.35 2.51
C ASP D 30 -20.59 -19.44 2.84
N LEU D 31 -21.80 -19.76 2.33
CA LEU D 31 -22.98 -18.96 2.62
C LEU D 31 -23.34 -19.00 4.11
N ALA D 32 -23.31 -20.19 4.72
CA ALA D 32 -23.65 -20.31 6.15
C ALA D 32 -22.69 -19.53 7.03
N ALA D 33 -21.37 -19.56 6.71
CA ALA D 33 -20.38 -18.81 7.48
C ALA D 33 -20.54 -17.31 7.28
N GLU D 34 -20.93 -16.87 6.07
CA GLU D 34 -21.16 -15.44 5.78
C GLU D 34 -22.39 -14.94 6.52
N LEU D 35 -23.45 -15.77 6.58
CA LEU D 35 -24.67 -15.42 7.31
C LEU D 35 -24.33 -15.29 8.80
N ALA D 36 -23.54 -16.24 9.33
CA ALA D 36 -23.10 -16.25 10.72
C ALA D 36 -22.30 -15.01 11.05
N ALA D 37 -21.48 -14.52 10.12
CA ALA D 37 -20.66 -13.34 10.31
C ALA D 37 -21.46 -12.03 10.24
N VAL D 38 -22.26 -11.84 9.16
CA VAL D 38 -22.91 -10.59 8.88
C VAL D 38 -24.27 -10.41 9.58
N VAL D 39 -25.13 -11.43 9.54
CA VAL D 39 -26.47 -11.30 10.12
C VAL D 39 -26.43 -11.15 11.65
N THR D 40 -25.68 -11.98 12.37
CA THR D 40 -25.67 -11.93 13.84
C THR D 40 -25.03 -10.66 14.41
N GLU D 41 -23.95 -10.19 13.80
CA GLU D 41 -23.27 -9.02 14.30
C GLU D 41 -24.16 -7.77 14.19
N SER D 42 -24.94 -7.65 13.10
CA SER D 42 -25.81 -6.49 12.93
C SER D 42 -26.91 -6.44 13.99
N VAL D 43 -27.36 -7.58 14.54
CA VAL D 43 -28.38 -7.55 15.60
C VAL D 43 -27.83 -7.92 16.97
N ASP D 44 -26.49 -7.82 17.16
CA ASP D 44 -25.84 -8.05 18.44
C ASP D 44 -26.12 -9.45 19.02
N GLU D 45 -25.86 -10.50 18.24
CA GLU D 45 -26.16 -11.85 18.71
C GLU D 45 -25.00 -12.79 18.73
N ASP D 46 -24.97 -13.63 19.76
CA ASP D 46 -24.10 -14.81 19.86
C ASP D 46 -24.68 -15.88 18.91
N TYR D 47 -23.89 -16.87 18.52
CA TYR D 47 -24.36 -17.89 17.60
C TYR D 47 -23.52 -19.14 17.64
N LEU D 48 -24.06 -20.21 17.05
CA LEU D 48 -23.37 -21.45 16.85
C LEU D 48 -23.80 -22.00 15.47
N LEU D 49 -22.84 -22.25 14.58
CA LEU D 49 -23.04 -22.86 13.27
C LEU D 49 -22.54 -24.30 13.34
N TYR D 50 -23.41 -25.27 13.04
CA TYR D 50 -23.05 -26.67 13.13
C TYR D 50 -23.27 -27.39 11.81
N GLU D 51 -22.24 -28.04 11.27
CA GLU D 51 -22.38 -28.81 10.03
C GLU D 51 -22.61 -30.26 10.41
N CYS D 52 -23.67 -30.85 9.87
CA CYS D 52 -24.03 -32.22 10.17
C CYS D 52 -24.72 -32.82 8.98
N ASP D 53 -24.07 -33.81 8.33
CA ASP D 53 -24.62 -34.57 7.20
C ASP D 53 -25.21 -33.68 6.07
N GLY D 54 -24.37 -32.80 5.52
CA GLY D 54 -24.76 -31.91 4.43
C GLY D 54 -25.55 -30.68 4.82
N GLN D 55 -25.97 -30.59 6.08
CA GLN D 55 -26.76 -29.48 6.58
C GLN D 55 -25.95 -28.58 7.49
N TRP D 56 -25.96 -27.28 7.21
CA TRP D 56 -25.31 -26.29 8.10
C TRP D 56 -26.40 -25.56 8.85
N VAL D 57 -26.50 -25.76 10.17
CA VAL D 57 -27.52 -25.08 10.96
C VAL D 57 -26.90 -23.93 11.73
N LEU D 58 -27.38 -22.73 11.46
CA LEU D 58 -26.93 -21.54 12.17
C LEU D 58 -27.95 -21.25 13.26
N ALA D 59 -27.56 -21.39 14.52
CA ALA D 59 -28.40 -21.09 15.69
C ALA D 59 -28.01 -19.71 16.16
N ALA D 60 -28.83 -18.69 15.86
CA ALA D 60 -28.50 -17.31 16.12
C ALA D 60 -29.29 -16.68 17.23
N GLY D 61 -28.59 -16.12 18.20
CA GLY D 61 -29.25 -15.41 19.29
C GLY D 61 -29.56 -16.33 20.43
N VAL D 62 -29.30 -15.89 21.65
CA VAL D 62 -29.56 -16.72 22.83
C VAL D 62 -30.92 -16.39 23.39
N GLN D 63 -31.89 -17.28 23.19
CA GLN D 63 -33.20 -17.12 23.78
C GLN D 63 -33.10 -17.50 25.29
N ALA D 64 -32.45 -18.63 25.58
CA ALA D 64 -32.22 -19.09 26.95
C ALA D 64 -30.91 -19.85 26.99
N MET D 65 -30.12 -19.69 28.07
CA MET D 65 -28.81 -20.31 28.19
C MET D 65 -28.74 -21.21 29.43
N VAL D 66 -28.16 -22.38 29.28
CA VAL D 66 -27.89 -23.31 30.36
C VAL D 66 -26.38 -23.36 30.55
N GLU D 67 -25.93 -23.00 31.73
CA GLU D 67 -24.52 -23.06 32.05
C GLU D 67 -24.27 -24.07 33.15
N LEU D 68 -23.59 -25.16 32.80
CA LEU D 68 -23.28 -26.17 33.80
C LEU D 68 -21.82 -26.05 34.17
N ASP D 69 -21.56 -25.72 35.42
CA ASP D 69 -20.22 -25.66 35.99
C ASP D 69 -20.06 -26.83 36.98
N SER D 70 -18.83 -27.08 37.43
CA SER D 70 -18.53 -28.16 38.36
C SER D 70 -19.28 -28.00 39.68
N ASP D 71 -19.54 -26.76 40.08
CA ASP D 71 -20.16 -26.47 41.37
C ASP D 71 -21.52 -25.79 41.29
N GLU D 72 -22.04 -25.54 40.10
CA GLU D 72 -23.31 -24.83 39.96
C GLU D 72 -23.93 -25.02 38.59
N LEU D 73 -25.25 -24.92 38.53
CA LEU D 73 -26.02 -24.92 37.30
C LEU D 73 -26.75 -23.60 37.22
N ARG D 74 -26.64 -22.90 36.10
CA ARG D 74 -27.35 -21.63 35.91
C ARG D 74 -28.24 -21.71 34.69
N VAL D 75 -29.44 -21.13 34.80
CA VAL D 75 -30.35 -21.02 33.67
C VAL D 75 -30.62 -19.51 33.54
N ILE D 76 -30.19 -18.92 32.42
CA ILE D 76 -30.29 -17.49 32.22
C ILE D 76 -31.23 -17.22 31.09
N ARG D 77 -32.25 -16.42 31.36
CA ARG D 77 -33.22 -16.08 30.34
C ARG D 77 -33.71 -14.64 30.53
N ASP D 78 -33.53 -13.79 29.52
CA ASP D 78 -34.02 -12.40 29.54
C ASP D 78 -33.57 -11.62 30.81
N GLY D 79 -32.28 -11.71 31.14
CA GLY D 79 -31.74 -11.00 32.29
C GLY D 79 -32.01 -11.65 33.63
N VAL D 80 -32.77 -12.76 33.67
CA VAL D 80 -33.03 -13.46 34.92
C VAL D 80 -32.13 -14.70 35.02
N THR D 81 -31.31 -14.77 36.08
CA THR D 81 -30.40 -15.88 36.29
C THR D 81 -30.86 -16.71 37.46
N ARG D 82 -31.13 -17.98 37.22
CA ARG D 82 -31.49 -18.93 38.26
C ARG D 82 -30.28 -19.78 38.56
N ARG D 83 -29.71 -19.66 39.79
CA ARG D 83 -28.55 -20.44 40.19
C ARG D 83 -28.96 -21.62 41.02
N GLN D 84 -28.42 -22.80 40.74
CA GLN D 84 -28.77 -24.01 41.48
C GLN D 84 -27.55 -24.85 41.78
N GLN D 85 -27.54 -25.49 42.96
CA GLN D 85 -26.51 -26.48 43.23
C GLN D 85 -26.99 -27.80 42.58
N TRP D 86 -26.06 -28.68 42.24
CA TRP D 86 -26.40 -29.98 41.66
C TRP D 86 -25.46 -31.06 42.23
N SER D 87 -25.95 -32.28 42.27
CA SER D 87 -25.21 -33.43 42.76
C SER D 87 -25.39 -34.62 41.82
N GLY D 88 -24.50 -35.61 41.92
CA GLY D 88 -24.63 -36.82 41.12
C GLY D 88 -24.07 -36.64 39.73
N ARG D 89 -24.79 -37.16 38.72
CA ARG D 89 -24.30 -37.14 37.35
C ARG D 89 -24.50 -35.80 36.66
N PRO D 90 -23.47 -35.29 35.98
CA PRO D 90 -23.62 -33.99 35.28
C PRO D 90 -24.62 -34.06 34.13
N GLY D 91 -24.75 -35.23 33.50
CA GLY D 91 -25.71 -35.48 32.44
C GLY D 91 -27.14 -35.33 32.91
N ALA D 92 -27.44 -35.69 34.17
CA ALA D 92 -28.79 -35.55 34.73
C ALA D 92 -29.12 -34.09 34.93
N ALA D 93 -28.15 -33.31 35.45
CA ALA D 93 -28.34 -31.88 35.66
C ALA D 93 -28.49 -31.16 34.32
N LEU D 94 -27.63 -31.50 33.35
CA LEU D 94 -27.68 -30.86 32.04
C LEU D 94 -28.97 -31.24 31.30
N GLY D 95 -29.28 -32.53 31.28
CA GLY D 95 -30.45 -33.06 30.61
C GLY D 95 -31.76 -32.50 31.10
N GLU D 96 -31.93 -32.36 32.42
CA GLU D 96 -33.16 -31.81 32.97
C GLU D 96 -33.35 -30.36 32.52
N ALA D 97 -32.27 -29.55 32.55
CA ALA D 97 -32.33 -28.15 32.16
C ALA D 97 -32.54 -28.01 30.62
N VAL D 98 -31.86 -28.81 29.79
CA VAL D 98 -32.00 -28.72 28.34
C VAL D 98 -33.37 -29.27 27.88
N ASP D 99 -33.90 -30.33 28.54
CA ASP D 99 -35.24 -30.81 28.22
C ASP D 99 -36.29 -29.73 28.43
N ARG D 100 -36.11 -28.88 29.46
CA ARG D 100 -37.04 -27.78 29.77
C ARG D 100 -36.99 -26.73 28.64
N LEU D 101 -35.80 -26.43 28.10
CA LEU D 101 -35.70 -25.50 26.96
C LEU D 101 -36.42 -26.09 25.72
N LEU D 102 -36.21 -27.40 25.44
CA LEU D 102 -36.78 -28.06 24.26
C LEU D 102 -38.32 -28.21 24.33
N LEU D 103 -38.95 -27.84 25.45
CA LEU D 103 -40.40 -27.79 25.49
C LEU D 103 -40.91 -26.57 24.67
N GLU D 104 -40.08 -25.51 24.53
CA GLU D 104 -40.48 -24.30 23.83
C GLU D 104 -39.76 -24.09 22.49
N THR D 105 -38.64 -24.77 22.24
CA THR D 105 -37.89 -24.62 20.98
C THR D 105 -37.58 -26.01 20.39
N ASP D 106 -37.45 -26.12 19.07
CA ASP D 106 -37.22 -27.43 18.44
C ASP D 106 -35.80 -27.93 18.62
N GLN D 107 -34.82 -27.03 18.74
CA GLN D 107 -33.43 -27.44 18.84
C GLN D 107 -32.63 -26.59 19.84
N ALA D 108 -31.58 -27.18 20.40
CA ALA D 108 -30.66 -26.54 21.33
C ALA D 108 -29.23 -26.89 20.91
N PHE D 109 -28.30 -25.97 21.13
CA PHE D 109 -26.92 -26.13 20.66
C PHE D 109 -25.94 -25.72 21.72
N GLY D 110 -24.71 -26.22 21.61
CA GLY D 110 -23.68 -25.78 22.53
C GLY D 110 -22.43 -26.61 22.50
N TRP D 111 -21.72 -26.56 23.61
CA TRP D 111 -20.49 -27.30 23.74
C TRP D 111 -20.40 -27.94 25.11
N VAL D 112 -19.68 -29.03 25.16
CA VAL D 112 -19.45 -29.82 26.35
C VAL D 112 -17.95 -29.86 26.56
N ALA D 113 -17.49 -29.48 27.74
CA ALA D 113 -16.07 -29.48 28.04
C ALA D 113 -15.56 -30.90 28.24
N PHE D 114 -14.24 -31.11 28.08
CA PHE D 114 -13.59 -32.38 28.42
C PHE D 114 -13.91 -32.77 29.89
N GLU D 115 -13.94 -31.77 30.77
CA GLU D 115 -14.16 -31.91 32.22
C GLU D 115 -15.53 -32.51 32.56
N PHE D 116 -16.50 -32.46 31.64
CA PHE D 116 -17.79 -33.12 31.83
C PHE D 116 -17.62 -34.66 31.97
N GLY D 117 -16.58 -35.22 31.35
CA GLY D 117 -16.35 -36.65 31.34
C GLY D 117 -15.58 -37.23 32.51
N VAL D 118 -15.18 -36.42 33.50
CA VAL D 118 -14.38 -36.95 34.61
C VAL D 118 -15.27 -37.60 35.69
N HIS D 119 -16.52 -37.15 35.83
CA HIS D 119 -17.45 -37.62 36.86
C HIS D 119 -17.77 -39.11 36.78
N ARG D 120 -17.85 -39.68 35.56
CA ARG D 120 -18.10 -41.12 35.42
C ARG D 120 -16.95 -41.96 36.01
N TYR D 121 -15.76 -41.37 36.18
CA TYR D 121 -14.61 -42.05 36.78
C TYR D 121 -14.40 -41.62 38.24
N GLY D 122 -15.34 -40.88 38.84
CA GLY D 122 -15.26 -40.41 40.21
C GLY D 122 -14.12 -39.44 40.43
N LEU D 123 -13.72 -38.68 39.37
CA LEU D 123 -12.58 -37.77 39.48
C LEU D 123 -12.95 -36.29 39.59
N GLN D 124 -14.22 -35.96 39.76
CA GLN D 124 -14.70 -34.58 39.80
C GLN D 124 -14.11 -33.73 40.91
N GLN D 125 -13.68 -34.32 42.04
CA GLN D 125 -13.07 -33.51 43.12
C GLN D 125 -11.73 -32.90 42.69
N ARG D 126 -11.13 -33.42 41.62
CA ARG D 126 -9.88 -32.90 41.09
C ARG D 126 -10.09 -31.63 40.24
N LEU D 127 -11.33 -31.31 39.85
CA LEU D 127 -11.58 -30.08 39.12
C LEU D 127 -11.45 -28.89 40.05
N ALA D 128 -10.98 -27.75 39.54
CA ALA D 128 -10.96 -26.51 40.31
C ALA D 128 -12.42 -25.99 40.44
N PRO D 129 -12.73 -25.14 41.44
CA PRO D 129 -14.07 -24.54 41.50
C PRO D 129 -14.38 -23.74 40.25
N HIS D 130 -15.67 -23.64 39.90
CA HIS D 130 -16.17 -22.86 38.74
C HIS D 130 -15.66 -23.41 37.43
N THR D 131 -15.38 -24.72 37.36
CA THR D 131 -14.91 -25.31 36.12
C THR D 131 -16.08 -25.46 35.19
N PRO D 132 -16.03 -24.84 33.99
CA PRO D 132 -17.12 -25.05 33.01
C PRO D 132 -17.22 -26.50 32.55
N LEU D 133 -18.43 -27.05 32.51
CA LEU D 133 -18.67 -28.41 32.03
C LEU D 133 -19.49 -28.38 30.74
N ALA D 134 -20.45 -27.42 30.62
CA ALA D 134 -21.26 -27.34 29.40
C ALA D 134 -21.94 -26.03 29.28
N ARG D 135 -22.18 -25.62 28.03
CA ARG D 135 -22.92 -24.40 27.70
C ARG D 135 -23.88 -24.78 26.60
N VAL D 136 -25.21 -24.77 26.87
CA VAL D 136 -26.21 -25.16 25.88
C VAL D 136 -27.29 -24.09 25.83
N PHE D 137 -27.64 -23.61 24.62
CA PHE D 137 -28.65 -22.58 24.49
C PHE D 137 -29.74 -22.94 23.47
N SER D 138 -30.91 -22.35 23.66
CA SER D 138 -31.96 -22.42 22.65
C SER D 138 -31.85 -21.13 21.84
N PRO D 139 -31.79 -21.23 20.50
CA PRO D 139 -31.59 -20.02 19.70
C PRO D 139 -32.86 -19.21 19.45
N ARG D 140 -32.71 -17.92 19.14
CA ARG D 140 -33.84 -17.10 18.76
C ARG D 140 -34.26 -17.40 17.29
N THR D 141 -33.28 -17.72 16.45
CA THR D 141 -33.49 -17.98 15.04
C THR D 141 -32.61 -19.12 14.59
N ARG D 142 -33.07 -19.86 13.58
CA ARG D 142 -32.29 -20.92 12.98
C ARG D 142 -32.32 -20.76 11.46
N ILE D 143 -31.18 -20.91 10.82
CA ILE D 143 -31.10 -20.85 9.37
C ILE D 143 -30.41 -22.12 8.95
N MET D 144 -31.08 -22.98 8.18
CA MET D 144 -30.46 -24.21 7.72
C MET D 144 -30.06 -24.05 6.27
N VAL D 145 -28.78 -24.24 5.99
CA VAL D 145 -28.23 -24.08 4.65
C VAL D 145 -27.74 -25.42 4.15
N SER D 146 -28.18 -25.80 2.95
CA SER D 146 -27.72 -27.01 2.29
C SER D 146 -27.56 -26.72 0.80
N GLU D 147 -27.06 -27.69 0.01
CA GLU D 147 -26.91 -27.53 -1.43
C GLU D 147 -28.25 -27.26 -2.11
N LYS D 148 -29.37 -27.76 -1.54
CA LYS D 148 -30.68 -27.59 -2.14
C LYS D 148 -31.36 -26.29 -1.76
N GLU D 149 -31.34 -25.88 -0.48
CA GLU D 149 -32.10 -24.70 -0.08
C GLU D 149 -31.62 -24.05 1.22
N ILE D 150 -32.15 -22.87 1.51
CA ILE D 150 -31.97 -22.11 2.73
C ILE D 150 -33.31 -22.11 3.44
N ARG D 151 -33.40 -22.71 4.62
CA ARG D 151 -34.63 -22.75 5.40
C ARG D 151 -34.54 -21.81 6.59
N LEU D 152 -35.56 -20.97 6.80
CA LEU D 152 -35.58 -20.03 7.93
C LEU D 152 -36.56 -20.47 9.01
N PHE D 153 -36.13 -20.43 10.27
CA PHE D 153 -36.97 -20.80 11.42
C PHE D 153 -36.98 -19.64 12.40
N ASP D 154 -38.17 -19.06 12.68
CA ASP D 154 -38.35 -17.96 13.63
C ASP D 154 -37.48 -16.76 13.26
N ALA D 155 -37.34 -16.49 11.97
CA ALA D 155 -36.53 -15.38 11.48
C ALA D 155 -37.36 -14.13 11.32
N GLY D 156 -36.99 -13.11 12.10
CA GLY D 156 -37.66 -11.82 12.11
C GLY D 156 -37.29 -10.97 10.93
N ILE D 157 -37.89 -9.76 10.85
CA ILE D 157 -37.66 -8.83 9.75
C ILE D 157 -36.19 -8.41 9.67
N ARG D 158 -35.57 -8.06 10.80
CA ARG D 158 -34.17 -7.64 10.82
C ARG D 158 -33.24 -8.73 10.27
N HIS D 159 -33.51 -10.02 10.64
CA HIS D 159 -32.74 -11.18 10.14
C HIS D 159 -32.99 -11.37 8.64
N ARG D 160 -34.27 -11.40 8.22
CA ARG D 160 -34.70 -11.56 6.83
C ARG D 160 -34.09 -10.51 5.89
N GLU D 161 -34.04 -9.23 6.34
CA GLU D 161 -33.51 -8.12 5.53
C GLU D 161 -31.98 -8.22 5.43
N ALA D 162 -31.31 -8.67 6.51
CA ALA D 162 -29.86 -8.86 6.48
C ALA D 162 -29.49 -10.07 5.61
N ILE D 163 -30.34 -11.12 5.60
CA ILE D 163 -30.12 -12.32 4.78
C ILE D 163 -30.18 -11.93 3.32
N ASP D 164 -31.22 -11.16 2.95
CA ASP D 164 -31.52 -10.70 1.60
C ASP D 164 -30.38 -9.86 1.02
N ARG D 165 -29.84 -8.92 1.80
CA ARG D 165 -28.75 -8.05 1.36
C ARG D 165 -27.51 -8.88 0.99
N LEU D 166 -27.10 -9.83 1.88
CA LEU D 166 -25.94 -10.70 1.68
C LEU D 166 -26.06 -11.54 0.40
N LEU D 167 -27.24 -12.08 0.13
CA LEU D 167 -27.49 -12.89 -1.06
C LEU D 167 -27.33 -12.07 -2.34
N ALA D 168 -27.68 -10.77 -2.31
CA ALA D 168 -27.57 -9.92 -3.50
C ALA D 168 -26.12 -9.52 -3.77
N THR D 169 -25.35 -9.29 -2.71
CA THR D 169 -23.96 -8.89 -2.85
C THR D 169 -23.09 -10.10 -3.24
N GLY D 170 -23.37 -11.25 -2.64
CA GLY D 170 -22.59 -12.45 -2.83
C GLY D 170 -21.61 -12.65 -1.68
N VAL D 171 -20.96 -13.83 -1.58
CA VAL D 171 -20.04 -14.07 -0.46
C VAL D 171 -18.73 -13.31 -0.66
N ARG D 172 -18.12 -12.88 0.44
CA ARG D 172 -16.83 -12.19 0.38
C ARG D 172 -15.74 -13.12 -0.13
N GLU D 173 -14.76 -12.56 -0.83
CA GLU D 173 -13.60 -13.35 -1.24
C GLU D 173 -12.76 -13.61 0.01
N VAL D 174 -12.25 -14.83 0.16
CA VAL D 174 -11.43 -15.17 1.30
C VAL D 174 -10.04 -14.61 1.06
N PRO D 175 -9.57 -13.72 1.93
CA PRO D 175 -8.22 -13.14 1.73
C PRO D 175 -7.09 -14.15 2.00
N GLN D 176 -5.85 -13.79 1.63
CA GLN D 176 -4.70 -14.65 1.87
C GLN D 176 -4.50 -14.87 3.36
N SER D 177 -4.12 -16.10 3.74
CA SER D 177 -3.89 -16.43 5.13
C SER D 177 -2.53 -15.90 5.62
N ARG D 178 -2.35 -15.85 6.95
CA ARG D 178 -1.14 -15.40 7.60
C ARG D 178 -0.55 -16.58 8.36
N SER D 179 0.73 -16.87 8.16
CA SER D 179 1.39 -18.01 8.77
C SER D 179 1.62 -17.84 10.29
N VAL D 180 1.72 -18.96 10.98
CA VAL D 180 1.97 -18.98 12.43
C VAL D 180 3.08 -19.98 12.72
N ASP D 181 3.97 -19.62 13.63
CA ASP D 181 5.07 -20.50 14.02
C ASP D 181 4.59 -21.49 15.10
N VAL D 182 4.68 -22.79 14.82
CA VAL D 182 4.29 -23.82 15.79
C VAL D 182 5.52 -24.66 16.28
N SER D 183 6.75 -24.24 15.97
CA SER D 183 7.96 -24.98 16.33
C SER D 183 8.39 -24.81 17.79
N ASP D 184 7.89 -23.78 18.49
CA ASP D 184 8.27 -23.54 19.87
C ASP D 184 7.53 -24.50 20.81
N ASP D 185 8.10 -24.74 21.99
CA ASP D 185 7.49 -25.62 22.97
C ASP D 185 7.49 -24.97 24.37
N PRO D 186 6.76 -23.85 24.57
CA PRO D 186 6.81 -23.19 25.90
C PRO D 186 6.15 -24.00 27.03
N SER D 187 5.20 -24.91 26.72
CA SER D 187 4.57 -25.71 27.78
C SER D 187 5.32 -27.03 28.10
N GLY D 188 6.44 -27.29 27.43
CA GLY D 188 7.24 -28.47 27.67
C GLY D 188 6.53 -29.77 27.34
N PHE D 189 5.86 -29.82 26.18
CA PHE D 189 5.19 -31.02 25.66
C PHE D 189 6.15 -32.21 25.59
N ARG D 190 7.39 -32.00 25.09
CA ARG D 190 8.36 -33.09 25.00
C ARG D 190 8.72 -33.64 26.38
N ARG D 191 8.90 -32.76 27.37
CA ARG D 191 9.18 -33.17 28.73
C ARG D 191 7.97 -33.93 29.31
N ARG D 192 6.74 -33.42 29.13
CA ARG D 192 5.54 -34.07 29.65
C ARG D 192 5.29 -35.44 29.00
N VAL D 193 5.62 -35.60 27.70
CA VAL D 193 5.52 -36.88 26.99
C VAL D 193 6.50 -37.87 27.61
N ALA D 194 7.73 -37.43 27.95
CA ALA D 194 8.71 -38.33 28.55
C ALA D 194 8.24 -38.83 29.91
N VAL D 195 7.51 -38.00 30.68
CA VAL D 195 6.95 -38.41 31.96
C VAL D 195 5.89 -39.47 31.74
N ALA D 196 4.98 -39.25 30.76
CA ALA D 196 3.93 -40.21 30.43
C ALA D 196 4.53 -41.56 29.98
N VAL D 197 5.58 -41.54 29.14
CA VAL D 197 6.26 -42.75 28.67
C VAL D 197 6.79 -43.56 29.86
N ASP D 198 7.42 -42.89 30.85
CA ASP D 198 7.93 -43.55 32.07
C ASP D 198 6.78 -44.16 32.88
N GLU D 199 5.66 -43.46 32.99
CA GLU D 199 4.48 -43.97 33.72
C GLU D 199 3.88 -45.21 33.01
N ILE D 200 3.80 -45.18 31.68
CA ILE D 200 3.31 -46.32 30.92
C ILE D 200 4.24 -47.51 31.10
N ALA D 201 5.57 -47.28 31.02
CA ALA D 201 6.59 -48.32 31.21
C ALA D 201 6.49 -48.95 32.60
N ALA D 202 6.07 -48.17 33.61
CA ALA D 202 5.88 -48.68 34.97
C ALA D 202 4.54 -49.42 35.15
N GLY D 203 3.69 -49.48 34.12
CA GLY D 203 2.41 -50.18 34.13
C GLY D 203 1.24 -49.41 34.69
N ARG D 204 1.36 -48.07 34.82
CA ARG D 204 0.28 -47.25 35.37
C ARG D 204 -0.94 -47.18 34.43
N TYR D 205 -0.70 -47.21 33.11
CA TYR D 205 -1.73 -47.20 32.06
C TYR D 205 -1.08 -47.55 30.71
N HIS D 206 -1.88 -47.79 29.65
CA HIS D 206 -1.42 -48.19 28.33
C HIS D 206 -1.21 -46.99 27.41
N LYS D 207 -2.08 -45.97 27.51
CA LYS D 207 -2.03 -44.82 26.64
C LYS D 207 -2.65 -43.57 27.27
N VAL D 208 -2.10 -42.39 26.94
CA VAL D 208 -2.66 -41.13 27.38
C VAL D 208 -2.50 -40.13 26.24
N ILE D 209 -3.50 -39.29 26.04
CA ILE D 209 -3.43 -38.24 25.03
C ILE D 209 -2.95 -36.98 25.73
N LEU D 210 -1.77 -36.47 25.34
CA LEU D 210 -1.26 -35.21 25.86
C LEU D 210 -1.30 -34.19 24.72
N SER D 211 -1.38 -32.91 25.06
CA SER D 211 -1.51 -31.87 24.05
C SER D 211 -0.69 -30.60 24.38
N ARG D 212 -0.70 -29.63 23.48
CA ARG D 212 -0.02 -28.37 23.69
C ARG D 212 -0.79 -27.26 23.02
N CYS D 213 -0.81 -26.10 23.66
CA CYS D 213 -1.41 -24.90 23.09
C CYS D 213 -0.37 -24.19 22.25
N VAL D 214 -0.82 -23.60 21.15
CA VAL D 214 0.04 -22.78 20.32
C VAL D 214 -0.64 -21.43 20.26
N GLU D 215 0.01 -20.39 20.78
CA GLU D 215 -0.56 -19.05 20.76
C GLU D 215 -0.51 -18.48 19.36
N VAL D 216 -1.58 -17.80 18.93
CA VAL D 216 -1.61 -17.12 17.64
C VAL D 216 -1.37 -15.65 17.95
N PRO D 217 -0.24 -15.07 17.50
CA PRO D 217 0.09 -13.70 17.92
C PRO D 217 -0.70 -12.59 17.23
N PHE D 218 -1.76 -12.92 16.49
CA PHE D 218 -2.57 -11.91 15.82
C PHE D 218 -4.04 -12.33 15.89
N ALA D 219 -4.94 -11.33 15.84
CA ALA D 219 -6.38 -11.63 15.88
C ALA D 219 -6.80 -12.22 14.54
N ILE D 220 -7.60 -13.29 14.57
CA ILE D 220 -8.05 -13.90 13.33
C ILE D 220 -9.54 -13.62 13.11
N ASP D 221 -9.96 -13.71 11.84
CA ASP D 221 -11.35 -13.60 11.48
C ASP D 221 -11.88 -15.01 11.50
N PHE D 222 -12.71 -15.35 12.46
CA PHE D 222 -13.21 -16.72 12.64
C PHE D 222 -14.06 -17.19 11.46
N PRO D 223 -15.11 -16.47 10.97
CA PRO D 223 -15.86 -16.97 9.80
C PRO D 223 -14.99 -17.13 8.52
N LEU D 224 -14.06 -16.21 8.24
CA LEU D 224 -13.23 -16.33 7.03
C LEU D 224 -12.22 -17.48 7.20
N THR D 225 -11.64 -17.65 8.41
CA THR D 225 -10.72 -18.77 8.68
C THR D 225 -11.49 -20.09 8.54
N TYR D 226 -12.73 -20.15 9.08
CA TYR D 226 -13.59 -21.33 8.96
C TYR D 226 -13.79 -21.72 7.48
N ARG D 227 -14.12 -20.74 6.65
CA ARG D 227 -14.35 -20.98 5.25
C ARG D 227 -13.10 -21.50 4.54
N LEU D 228 -11.94 -20.90 4.80
CA LEU D 228 -10.70 -21.30 4.13
C LEU D 228 -10.31 -22.72 4.54
N GLY D 229 -10.34 -23.01 5.84
CA GLY D 229 -10.05 -24.34 6.33
C GLY D 229 -11.04 -25.40 5.85
N ARG D 230 -12.33 -25.06 5.75
CA ARG D 230 -13.35 -26.02 5.29
C ARG D 230 -13.15 -26.34 3.78
N ARG D 231 -12.46 -25.49 3.00
CA ARG D 231 -12.15 -25.77 1.61
C ARG D 231 -11.08 -26.89 1.48
N HIS D 232 -10.27 -27.13 2.53
CA HIS D 232 -9.18 -28.10 2.52
C HIS D 232 -9.30 -29.19 3.60
N ASN D 233 -10.49 -29.32 4.19
CA ASN D 233 -10.84 -30.30 5.21
C ASN D 233 -12.23 -30.81 4.94
N THR D 234 -12.43 -32.12 4.94
CA THR D 234 -13.76 -32.70 4.80
C THR D 234 -13.99 -33.47 6.08
N PRO D 235 -14.46 -32.79 7.15
CA PRO D 235 -14.56 -33.47 8.44
C PRO D 235 -15.87 -34.23 8.66
N VAL D 236 -15.96 -34.96 9.77
CA VAL D 236 -17.15 -35.70 10.17
C VAL D 236 -18.28 -34.69 10.45
N ARG D 237 -17.92 -33.63 11.16
CA ARG D 237 -18.76 -32.49 11.52
C ARG D 237 -17.87 -31.27 11.52
N SER D 238 -18.45 -30.08 11.55
CA SER D 238 -17.67 -28.85 11.71
C SER D 238 -18.51 -27.82 12.45
N PHE D 239 -17.85 -26.82 13.01
CA PHE D 239 -18.57 -25.80 13.75
C PHE D 239 -17.83 -24.47 13.72
N LEU D 240 -18.56 -23.42 13.99
CA LEU D 240 -18.11 -22.04 14.07
C LEU D 240 -19.04 -21.38 15.06
N LEU D 241 -18.49 -20.73 16.10
CA LEU D 241 -19.36 -20.14 17.10
C LEU D 241 -18.77 -18.89 17.73
N GLN D 242 -19.65 -18.11 18.34
CA GLN D 242 -19.35 -16.98 19.17
C GLN D 242 -20.35 -17.09 20.33
N LEU D 243 -19.93 -17.51 21.51
CA LEU D 243 -20.85 -17.74 22.60
C LEU D 243 -20.23 -17.45 23.96
N GLY D 244 -20.85 -16.55 24.72
CA GLY D 244 -20.40 -16.16 26.05
C GLY D 244 -18.95 -15.74 26.13
N GLY D 245 -18.50 -14.94 25.18
CA GLY D 245 -17.12 -14.47 25.14
C GLY D 245 -16.14 -15.38 24.45
N ILE D 246 -16.58 -16.55 23.99
CA ILE D 246 -15.71 -17.49 23.33
C ILE D 246 -15.96 -17.54 21.84
N ARG D 247 -14.92 -17.37 21.03
CA ARG D 247 -15.00 -17.63 19.60
C ARG D 247 -14.31 -18.95 19.35
N ALA D 248 -14.91 -19.84 18.53
CA ALA D 248 -14.27 -21.11 18.22
C ALA D 248 -14.71 -21.63 16.86
N LEU D 249 -13.85 -22.39 16.21
CA LEU D 249 -14.13 -23.07 14.98
C LEU D 249 -13.41 -24.41 15.03
N GLY D 250 -13.90 -25.40 14.30
CA GLY D 250 -13.21 -26.68 14.26
C GLY D 250 -13.73 -27.60 13.20
N TYR D 251 -12.89 -28.56 12.80
CA TYR D 251 -13.20 -29.62 11.83
C TYR D 251 -13.10 -30.91 12.62
N SER D 252 -14.24 -31.35 13.12
CA SER D 252 -14.30 -32.48 14.04
C SER D 252 -14.01 -33.78 13.32
N PRO D 253 -12.95 -34.47 13.76
CA PRO D 253 -12.54 -35.71 13.05
C PRO D 253 -13.24 -36.95 13.55
N GLU D 254 -14.24 -36.83 14.45
CA GLU D 254 -14.85 -37.99 15.04
C GLU D 254 -16.24 -37.70 15.61
N LEU D 255 -17.16 -38.64 15.45
CA LEU D 255 -18.49 -38.53 16.02
C LEU D 255 -18.45 -39.22 17.37
N VAL D 256 -18.63 -38.47 18.47
CA VAL D 256 -18.66 -39.06 19.80
C VAL D 256 -19.93 -39.90 19.96
N THR D 257 -21.09 -39.29 19.70
CA THR D 257 -22.36 -39.97 19.82
C THR D 257 -23.41 -39.33 18.94
N ALA D 258 -24.25 -40.15 18.33
CA ALA D 258 -25.44 -39.68 17.68
C ALA D 258 -26.59 -40.51 18.23
N VAL D 259 -27.64 -39.87 18.75
CA VAL D 259 -28.84 -40.54 19.22
C VAL D 259 -29.97 -40.09 18.32
N ARG D 260 -30.71 -41.02 17.72
CA ARG D 260 -31.83 -40.65 16.86
C ARG D 260 -33.15 -40.71 17.65
N ALA D 261 -34.20 -40.04 17.13
CA ALA D 261 -35.54 -40.07 17.72
C ALA D 261 -36.07 -41.50 17.82
N ASP D 262 -35.70 -42.38 16.87
CA ASP D 262 -36.15 -43.78 16.90
C ASP D 262 -35.36 -44.67 17.89
N GLY D 263 -34.43 -44.09 18.65
CA GLY D 263 -33.67 -44.83 19.65
C GLY D 263 -32.33 -45.36 19.20
N VAL D 264 -31.98 -45.27 17.90
CA VAL D 264 -30.68 -45.80 17.46
C VAL D 264 -29.55 -44.89 17.97
N VAL D 265 -28.56 -45.49 18.66
CA VAL D 265 -27.39 -44.79 19.19
C VAL D 265 -26.17 -45.23 18.38
N ILE D 266 -25.33 -44.30 17.95
CA ILE D 266 -24.14 -44.60 17.15
C ILE D 266 -22.91 -43.89 17.74
N THR D 267 -21.74 -44.52 17.61
CA THR D 267 -20.45 -43.93 17.98
C THR D 267 -19.44 -44.42 16.95
N GLU D 268 -18.55 -43.52 16.48
CA GLU D 268 -17.62 -43.91 15.43
C GLU D 268 -16.17 -43.52 15.75
N PRO D 269 -15.51 -44.29 16.64
CA PRO D 269 -14.09 -44.04 16.90
C PRO D 269 -13.23 -44.32 15.65
N LEU D 270 -12.26 -43.46 15.34
CA LEU D 270 -11.43 -43.63 14.15
C LEU D 270 -9.99 -43.94 14.52
N ALA D 271 -9.26 -44.61 13.64
CA ALA D 271 -7.88 -44.97 13.91
C ALA D 271 -7.06 -45.08 12.65
N GLY D 272 -6.45 -43.98 12.25
CA GLY D 272 -5.59 -44.00 11.08
C GLY D 272 -6.10 -43.24 9.89
N THR D 273 -5.18 -42.54 9.23
CA THR D 273 -5.45 -41.71 8.06
C THR D 273 -4.32 -41.82 7.04
N ARG D 274 -4.68 -41.80 5.76
CA ARG D 274 -3.76 -41.80 4.63
C ARG D 274 -4.28 -40.79 3.59
N ALA D 275 -3.40 -40.31 2.69
CA ALA D 275 -3.84 -39.37 1.65
C ALA D 275 -4.71 -40.10 0.61
N PRO D 280 -4.87 -43.14 -7.47
CA PRO D 280 -5.40 -44.42 -7.99
C PRO D 280 -4.50 -45.58 -7.54
N ALA D 281 -3.26 -45.70 -8.06
CA ALA D 281 -2.36 -46.78 -7.64
C ALA D 281 -1.69 -46.45 -6.30
N ILE D 282 -1.35 -45.17 -6.09
CA ILE D 282 -0.75 -44.68 -4.86
C ILE D 282 -1.78 -44.71 -3.72
N ASP D 283 -3.06 -44.41 -4.03
CA ASP D 283 -4.14 -44.41 -3.04
C ASP D 283 -4.51 -45.81 -2.64
N ARG D 284 -4.46 -46.78 -3.58
CA ARG D 284 -4.77 -48.19 -3.29
C ARG D 284 -3.68 -48.80 -2.40
N LEU D 285 -2.41 -48.39 -2.58
CA LEU D 285 -1.28 -48.87 -1.79
C LEU D 285 -1.38 -48.30 -0.35
N ALA D 286 -1.80 -47.02 -0.23
CA ALA D 286 -2.01 -46.37 1.06
C ALA D 286 -3.17 -47.03 1.83
N ARG D 287 -4.21 -47.47 1.10
CA ARG D 287 -5.37 -48.15 1.67
C ARG D 287 -4.94 -49.50 2.24
N ASP D 288 -4.05 -50.22 1.54
CA ASP D 288 -3.54 -51.52 1.97
C ASP D 288 -2.70 -51.37 3.25
N ASP D 289 -1.94 -50.28 3.38
CA ASP D 289 -1.12 -50.04 4.59
C ASP D 289 -2.03 -49.66 5.76
N LEU D 290 -3.05 -48.85 5.50
CA LEU D 290 -4.03 -48.42 6.49
C LEU D 290 -4.74 -49.62 7.14
N GLU D 291 -5.02 -50.67 6.33
CA GLU D 291 -5.70 -51.87 6.78
C GLU D 291 -4.77 -52.92 7.38
N SER D 292 -3.44 -52.76 7.27
CA SER D 292 -2.51 -53.77 7.78
C SER D 292 -1.53 -53.22 8.86
N ASN D 293 -1.55 -51.91 9.15
CA ASN D 293 -0.68 -51.32 10.15
C ASN D 293 -0.97 -51.88 11.54
N SER D 294 -0.08 -52.73 12.06
CA SER D 294 -0.23 -53.40 13.34
C SER D 294 -0.48 -52.43 14.50
N LYS D 295 0.32 -51.36 14.63
CA LYS D 295 0.17 -50.42 15.73
C LYS D 295 -1.19 -49.75 15.71
N GLU D 296 -1.63 -49.33 14.51
CA GLU D 296 -2.93 -48.69 14.37
C GLU D 296 -4.09 -49.66 14.66
N ILE D 297 -3.96 -50.92 14.18
CA ILE D 297 -4.98 -51.95 14.38
C ILE D 297 -5.11 -52.31 15.85
N VAL D 298 -3.99 -52.54 16.59
CA VAL D 298 -4.07 -52.89 18.03
C VAL D 298 -4.81 -51.82 18.80
N GLU D 299 -4.45 -50.54 18.58
CA GLU D 299 -5.08 -49.43 19.29
C GLU D 299 -6.55 -49.26 18.90
N HIS D 300 -6.87 -49.44 17.60
CA HIS D 300 -8.25 -49.34 17.16
C HIS D 300 -9.09 -50.47 17.76
N ALA D 301 -8.55 -51.68 17.84
CA ALA D 301 -9.24 -52.85 18.39
C ALA D 301 -9.53 -52.66 19.86
N ILE D 302 -8.56 -52.19 20.64
CA ILE D 302 -8.73 -51.90 22.07
C ILE D 302 -9.82 -50.81 22.25
N SER D 303 -9.83 -49.83 21.36
CA SER D 303 -10.82 -48.76 21.39
C SER D 303 -12.23 -49.27 21.04
N VAL D 304 -12.38 -50.05 19.98
CA VAL D 304 -13.65 -50.67 19.57
C VAL D 304 -14.23 -51.53 20.74
N ARG D 305 -13.37 -52.32 21.41
CA ARG D 305 -13.83 -53.11 22.56
C ARG D 305 -14.35 -52.18 23.67
N SER D 306 -13.64 -51.06 23.93
CA SER D 306 -14.08 -50.08 24.93
C SER D 306 -15.44 -49.47 24.56
N SER D 307 -15.63 -49.04 23.29
CA SER D 307 -16.89 -48.47 22.81
C SER D 307 -18.04 -49.47 23.00
N LEU D 308 -17.79 -50.76 22.70
CA LEU D 308 -18.81 -51.80 22.83
C LEU D 308 -19.18 -52.04 24.31
N GLU D 309 -18.19 -52.08 25.21
CA GLU D 309 -18.47 -52.25 26.64
C GLU D 309 -19.27 -51.06 27.18
N GLU D 310 -18.91 -49.85 26.74
CA GLU D 310 -19.58 -48.63 27.20
C GLU D 310 -21.02 -48.52 26.72
N ILE D 311 -21.24 -48.74 25.41
CA ILE D 311 -22.57 -48.59 24.83
C ILE D 311 -23.55 -49.65 25.39
N THR D 312 -23.04 -50.81 25.84
CA THR D 312 -23.85 -51.90 26.39
C THR D 312 -24.54 -51.46 27.69
N ASP D 313 -23.97 -50.50 28.44
CA ASP D 313 -24.58 -50.03 29.70
C ASP D 313 -25.84 -49.18 29.49
N ILE D 314 -26.06 -48.64 28.30
CA ILE D 314 -27.24 -47.79 28.04
C ILE D 314 -28.17 -48.41 26.99
N ALA D 315 -27.86 -49.61 26.49
CA ALA D 315 -28.57 -50.24 25.42
C ALA D 315 -29.62 -51.24 25.86
N GLU D 316 -30.59 -51.50 24.97
CA GLU D 316 -31.50 -52.63 25.10
C GLU D 316 -30.66 -53.90 25.02
N PRO D 317 -30.84 -54.86 25.93
CA PRO D 317 -30.00 -56.07 25.87
C PRO D 317 -30.05 -56.76 24.50
N GLY D 318 -28.87 -57.10 23.99
CA GLY D 318 -28.74 -57.77 22.70
C GLY D 318 -28.67 -56.85 21.49
N SER D 319 -28.80 -55.52 21.69
CA SER D 319 -28.81 -54.58 20.57
C SER D 319 -27.41 -54.00 20.21
N ALA D 320 -26.41 -54.10 21.09
CA ALA D 320 -25.10 -53.53 20.82
C ALA D 320 -24.30 -54.36 19.83
N ALA D 321 -23.69 -53.70 18.83
CA ALA D 321 -22.94 -54.42 17.80
C ALA D 321 -21.98 -53.49 17.08
N VAL D 322 -20.94 -54.08 16.45
CA VAL D 322 -20.05 -53.33 15.60
C VAL D 322 -20.55 -53.58 14.19
N ILE D 323 -21.13 -52.56 13.51
CA ILE D 323 -21.72 -52.79 12.18
C ILE D 323 -20.75 -52.46 11.04
N ASP D 324 -19.74 -51.63 11.27
CA ASP D 324 -18.75 -51.35 10.23
C ASP D 324 -17.45 -51.55 10.93
N PHE D 325 -16.85 -52.74 10.82
CA PHE D 325 -15.65 -53.01 11.58
C PHE D 325 -14.43 -52.75 10.76
N MET D 326 -13.56 -51.83 11.23
CA MET D 326 -12.30 -51.45 10.58
C MET D 326 -12.48 -51.20 9.07
N THR D 327 -13.47 -50.36 8.70
CA THR D 327 -13.77 -50.05 7.30
C THR D 327 -13.09 -48.74 6.90
N VAL D 328 -12.73 -48.61 5.61
CA VAL D 328 -12.10 -47.40 5.11
C VAL D 328 -13.21 -46.42 4.66
N ARG D 329 -13.11 -45.19 5.14
CA ARG D 329 -14.06 -44.13 4.83
C ARG D 329 -13.32 -43.04 4.07
N GLU D 330 -13.81 -42.72 2.87
CA GLU D 330 -13.16 -41.72 2.06
C GLU D 330 -13.85 -40.39 2.27
N ARG D 331 -13.11 -39.38 2.76
CA ARG D 331 -13.63 -38.04 2.98
C ARG D 331 -12.68 -37.01 2.36
N GLY D 332 -12.94 -36.66 1.10
CA GLY D 332 -12.16 -35.71 0.33
C GLY D 332 -10.72 -36.12 0.09
N SER D 333 -9.79 -35.35 0.63
CA SER D 333 -8.35 -35.56 0.46
C SER D 333 -7.76 -36.63 1.40
N VAL D 334 -8.57 -37.21 2.32
CA VAL D 334 -8.08 -38.19 3.29
C VAL D 334 -8.98 -39.45 3.36
N GLN D 335 -8.36 -40.62 3.54
CA GLN D 335 -9.07 -41.88 3.73
C GLN D 335 -8.79 -42.35 5.17
N HIS D 336 -9.85 -42.68 5.91
CA HIS D 336 -9.75 -43.05 7.33
C HIS D 336 -10.12 -44.48 7.62
N LEU D 337 -9.50 -45.06 8.64
CA LEU D 337 -9.86 -46.39 9.12
C LEU D 337 -10.70 -46.18 10.39
N GLY D 338 -11.86 -46.80 10.48
CA GLY D 338 -12.70 -46.64 11.65
C GLY D 338 -13.78 -47.69 11.80
N SER D 339 -14.50 -47.63 12.91
CA SER D 339 -15.56 -48.57 13.18
C SER D 339 -16.84 -47.85 13.62
N THR D 340 -18.01 -48.44 13.32
CA THR D 340 -19.27 -47.90 13.76
C THR D 340 -19.89 -48.83 14.78
N ILE D 341 -20.08 -48.36 16.00
CA ILE D 341 -20.69 -49.13 17.07
C ILE D 341 -22.11 -48.62 17.23
N ARG D 342 -23.07 -49.54 17.14
CA ARG D 342 -24.49 -49.19 17.17
C ARG D 342 -25.19 -49.93 18.29
N ALA D 343 -26.28 -49.35 18.79
CA ALA D 343 -27.14 -49.98 19.80
C ALA D 343 -28.52 -49.28 19.79
N ARG D 344 -29.49 -49.83 20.52
CA ARG D 344 -30.80 -49.23 20.69
CA ARG D 344 -30.79 -49.19 20.68
C ARG D 344 -30.86 -48.68 22.10
N LEU D 345 -31.21 -47.40 22.28
CA LEU D 345 -31.30 -46.78 23.60
C LEU D 345 -32.32 -47.53 24.45
N ASP D 346 -31.91 -48.01 25.62
CA ASP D 346 -32.82 -48.72 26.50
C ASP D 346 -33.93 -47.76 26.99
N PRO D 347 -35.20 -48.22 27.15
CA PRO D 347 -36.24 -47.31 27.67
C PRO D 347 -35.90 -46.70 29.02
N SER D 348 -35.10 -47.39 29.86
CA SER D 348 -34.67 -46.89 31.17
C SER D 348 -33.53 -45.87 31.08
N SER D 349 -32.95 -45.66 29.90
CA SER D 349 -31.85 -44.73 29.69
C SER D 349 -32.33 -43.49 28.88
N ASP D 350 -31.44 -42.52 28.66
CA ASP D 350 -31.76 -41.30 27.94
C ASP D 350 -30.54 -40.81 27.14
N ARG D 351 -30.71 -39.80 26.27
CA ARG D 351 -29.61 -39.33 25.43
C ARG D 351 -28.43 -38.76 26.24
N MET D 352 -28.68 -38.18 27.44
CA MET D 352 -27.59 -37.65 28.25
C MET D 352 -26.79 -38.81 28.88
N ALA D 353 -27.48 -39.91 29.26
CA ALA D 353 -26.78 -41.09 29.78
C ALA D 353 -25.94 -41.73 28.65
N ALA D 354 -26.43 -41.70 27.40
CA ALA D 354 -25.70 -42.25 26.26
C ALA D 354 -24.44 -41.42 25.99
N LEU D 355 -24.55 -40.08 26.07
CA LEU D 355 -23.41 -39.20 25.94
C LEU D 355 -22.39 -39.46 27.06
N GLU D 356 -22.87 -39.57 28.32
CA GLU D 356 -22.01 -39.86 29.46
C GLU D 356 -21.33 -41.22 29.33
N ALA D 357 -22.00 -42.22 28.74
CA ALA D 357 -21.40 -43.54 28.54
C ALA D 357 -20.30 -43.52 27.51
N LEU D 358 -20.37 -42.61 26.53
CA LEU D 358 -19.38 -42.58 25.46
C LEU D 358 -18.41 -41.39 25.50
N PHE D 359 -18.47 -40.58 26.54
CA PHE D 359 -17.63 -39.39 26.68
C PHE D 359 -16.75 -39.56 27.90
N PRO D 360 -15.47 -39.14 27.86
CA PRO D 360 -14.75 -38.57 26.72
C PRO D 360 -14.36 -39.64 25.70
N ALA D 361 -14.06 -39.24 24.45
CA ALA D 361 -13.61 -40.21 23.46
C ALA D 361 -12.25 -40.79 23.89
N VAL D 362 -11.91 -42.03 23.47
CA VAL D 362 -10.58 -42.61 23.73
C VAL D 362 -9.49 -41.69 23.09
N THR D 363 -9.78 -41.17 21.88
CA THR D 363 -8.92 -40.25 21.11
C THR D 363 -8.60 -38.95 21.92
N ALA D 364 -9.42 -38.65 22.93
CA ALA D 364 -9.23 -37.48 23.77
C ALA D 364 -8.65 -37.84 25.15
N SER D 365 -8.69 -39.10 25.57
CA SER D 365 -8.34 -39.47 26.93
C SER D 365 -7.15 -40.48 26.98
N GLY D 366 -7.42 -41.77 26.79
CA GLY D 366 -6.40 -42.80 26.85
C GLY D 366 -6.97 -44.13 27.28
N ILE D 367 -6.11 -45.09 27.56
CA ILE D 367 -6.50 -46.45 27.94
C ILE D 367 -5.66 -46.96 29.12
N PRO D 368 -6.27 -47.47 30.19
CA PRO D 368 -7.71 -47.42 30.49
C PRO D 368 -8.15 -45.95 30.58
N LYS D 369 -9.40 -45.66 30.21
CA LYS D 369 -9.92 -44.30 30.12
C LYS D 369 -9.86 -43.51 31.43
N ALA D 370 -10.20 -44.17 32.54
CA ALA D 370 -10.15 -43.56 33.87
C ALA D 370 -8.72 -43.12 34.21
N ALA D 371 -7.71 -43.99 33.92
CA ALA D 371 -6.31 -43.67 34.22
C ALA D 371 -5.76 -42.60 33.27
N GLY D 372 -6.20 -42.60 32.03
CA GLY D 372 -5.80 -41.58 31.06
C GLY D 372 -6.33 -40.22 31.46
N VAL D 373 -7.59 -40.16 31.91
CA VAL D 373 -8.19 -38.90 32.39
C VAL D 373 -7.43 -38.42 33.64
N GLU D 374 -7.11 -39.32 34.56
CA GLU D 374 -6.36 -38.96 35.76
C GLU D 374 -4.96 -38.38 35.40
N ALA D 375 -4.25 -39.05 34.47
CA ALA D 375 -2.93 -38.57 34.06
C ALA D 375 -3.01 -37.21 33.35
N ILE D 376 -4.10 -36.93 32.64
CA ILE D 376 -4.28 -35.66 31.95
C ILE D 376 -4.34 -34.50 32.98
N PHE D 377 -4.94 -34.73 34.17
CA PHE D 377 -4.97 -33.72 35.24
C PHE D 377 -3.55 -33.29 35.65
N ARG D 378 -2.60 -34.22 35.65
CA ARG D 378 -1.25 -33.97 36.09
C ARG D 378 -0.28 -33.59 34.97
N LEU D 379 -0.48 -34.13 33.77
CA LEU D 379 0.50 -33.97 32.70
C LEU D 379 0.05 -33.08 31.55
N ASP D 380 -1.16 -32.52 31.60
CA ASP D 380 -1.61 -31.60 30.55
C ASP D 380 -2.06 -30.27 31.18
N GLU D 381 -2.18 -29.19 30.38
CA GLU D 381 -2.68 -27.92 30.90
C GLU D 381 -4.20 -28.06 31.10
N CYS D 382 -4.64 -27.94 32.33
CA CYS D 382 -6.04 -28.14 32.69
C CYS D 382 -6.61 -26.86 33.33
N PRO D 383 -7.92 -26.59 33.15
CA PRO D 383 -8.90 -27.39 32.38
C PRO D 383 -8.68 -27.26 30.87
N ARG D 384 -9.03 -28.31 30.13
CA ARG D 384 -8.95 -28.30 28.68
C ARG D 384 -10.10 -27.47 28.05
N GLY D 385 -11.27 -27.47 28.70
CA GLY D 385 -12.42 -26.75 28.20
C GLY D 385 -12.96 -27.38 26.95
N LEU D 386 -13.15 -26.59 25.89
CA LEU D 386 -13.67 -27.07 24.62
C LEU D 386 -12.76 -28.13 23.98
N TYR D 387 -11.44 -27.98 24.07
CA TYR D 387 -10.49 -28.95 23.49
C TYR D 387 -10.71 -30.34 24.05
N SER D 388 -10.89 -31.30 23.11
CA SER D 388 -11.15 -32.72 23.33
C SER D 388 -12.54 -32.96 23.99
N GLY D 389 -13.38 -31.92 24.05
CA GLY D 389 -14.76 -32.05 24.47
C GLY D 389 -15.62 -32.28 23.26
N ALA D 390 -16.86 -31.76 23.26
CA ALA D 390 -17.74 -31.95 22.10
C ALA D 390 -18.55 -30.69 21.77
N VAL D 391 -18.98 -30.58 20.52
CA VAL D 391 -19.93 -29.55 20.11
C VAL D 391 -21.22 -30.33 19.83
N VAL D 392 -22.35 -29.86 20.42
CA VAL D 392 -23.57 -30.65 20.37
C VAL D 392 -24.79 -29.92 19.76
N MET D 393 -25.66 -30.74 19.18
CA MET D 393 -26.93 -30.34 18.62
C MET D 393 -27.99 -31.28 19.20
N LEU D 394 -29.01 -30.74 19.89
CA LEU D 394 -30.07 -31.52 20.54
C LEU D 394 -31.43 -31.14 19.97
N SER D 395 -32.32 -32.12 19.79
CA SER D 395 -33.65 -31.86 19.21
C SER D 395 -34.75 -32.25 20.18
N ALA D 396 -35.92 -31.60 20.07
CA ALA D 396 -37.06 -31.86 20.95
C ALA D 396 -37.56 -33.32 20.85
N ASP D 397 -37.40 -33.96 19.67
CA ASP D 397 -37.82 -35.35 19.49
C ASP D 397 -36.85 -36.38 20.16
N GLY D 398 -35.83 -35.91 20.88
CA GLY D 398 -34.89 -36.80 21.55
C GLY D 398 -33.53 -36.94 20.87
N GLY D 399 -33.35 -36.30 19.73
CA GLY D 399 -32.10 -36.38 19.00
C GLY D 399 -30.93 -35.73 19.72
N LEU D 400 -29.73 -36.29 19.50
CA LEU D 400 -28.47 -35.76 20.03
C LEU D 400 -27.39 -36.03 18.99
N ASP D 401 -26.58 -35.02 18.69
CA ASP D 401 -25.45 -35.18 17.79
C ASP D 401 -24.26 -34.52 18.45
N ALA D 402 -23.23 -35.28 18.80
CA ALA D 402 -22.08 -34.76 19.51
C ALA D 402 -20.78 -35.04 18.74
N ALA D 403 -20.12 -33.98 18.28
CA ALA D 403 -18.87 -34.09 17.52
C ALA D 403 -17.66 -33.86 18.41
N LEU D 404 -16.61 -34.69 18.29
CA LEU D 404 -15.39 -34.52 19.08
C LEU D 404 -14.62 -33.24 18.68
N THR D 405 -14.26 -32.40 19.67
CA THR D 405 -13.58 -31.15 19.36
C THR D 405 -12.06 -31.29 19.38
N LEU D 406 -11.51 -31.58 18.23
CA LEU D 406 -10.10 -31.58 17.91
C LEU D 406 -9.99 -30.78 16.59
N ARG D 407 -8.78 -30.33 16.22
CA ARG D 407 -8.54 -29.52 15.02
C ARG D 407 -9.37 -28.24 15.11
N ALA D 408 -9.18 -27.50 16.21
CA ALA D 408 -9.98 -26.31 16.45
C ALA D 408 -9.12 -25.10 16.87
N ALA D 409 -9.67 -23.90 16.63
CA ALA D 409 -9.06 -22.64 17.01
C ALA D 409 -9.96 -21.94 18.03
N TYR D 410 -9.37 -21.21 18.98
CA TYR D 410 -10.17 -20.55 20.03
C TYR D 410 -9.72 -19.14 20.27
N GLN D 411 -10.64 -18.30 20.72
CA GLN D 411 -10.35 -16.94 21.12
C GLN D 411 -11.20 -16.59 22.34
N VAL D 412 -10.54 -16.24 23.45
CA VAL D 412 -11.18 -15.87 24.71
C VAL D 412 -10.39 -14.73 25.28
N GLY D 413 -11.03 -13.61 25.53
CA GLY D 413 -10.41 -12.46 26.17
C GLY D 413 -9.01 -11.97 25.77
N GLY D 414 -8.80 -11.65 24.49
CA GLY D 414 -7.49 -11.17 24.04
C GLY D 414 -6.54 -12.28 23.59
N ARG D 415 -6.83 -13.52 23.94
CA ARG D 415 -5.98 -14.65 23.61
C ARG D 415 -6.57 -15.51 22.50
N THR D 416 -5.79 -15.76 21.46
CA THR D 416 -6.15 -16.63 20.33
C THR D 416 -5.18 -17.80 20.34
N TRP D 417 -5.68 -19.04 20.22
CA TRP D 417 -4.78 -20.19 20.26
C TRP D 417 -5.33 -21.41 19.56
N LEU D 418 -4.42 -22.30 19.22
CA LEU D 418 -4.67 -23.61 18.67
C LEU D 418 -4.27 -24.63 19.73
N ARG D 419 -4.73 -25.87 19.60
CA ARG D 419 -4.35 -26.92 20.53
C ARG D 419 -4.35 -28.25 19.82
N ALA D 420 -3.28 -29.01 19.97
CA ALA D 420 -3.18 -30.31 19.33
C ALA D 420 -2.42 -31.26 20.22
N GLY D 421 -2.76 -32.53 20.13
CA GLY D 421 -2.15 -33.55 20.93
C GLY D 421 -1.78 -34.80 20.18
N ALA D 422 -1.41 -35.83 20.92
CA ALA D 422 -1.00 -37.10 20.36
C ALA D 422 -1.24 -38.22 21.37
N GLY D 423 -1.54 -39.40 20.87
CA GLY D 423 -1.71 -40.57 21.72
C GLY D 423 -0.35 -41.12 22.10
N ILE D 424 0.02 -40.99 23.38
CA ILE D 424 1.32 -41.44 23.87
C ILE D 424 1.21 -42.87 24.39
N ILE D 425 2.09 -43.74 23.86
CA ILE D 425 2.21 -45.14 24.22
C ILE D 425 3.66 -45.44 24.70
N GLU D 426 3.92 -46.66 25.17
CA GLU D 426 5.24 -47.03 25.72
C GLU D 426 6.39 -46.78 24.76
N GLU D 427 6.18 -46.99 23.45
CA GLU D 427 7.22 -46.79 22.45
C GLU D 427 7.34 -45.34 21.94
N SER D 428 6.51 -44.41 22.44
CA SER D 428 6.55 -43.02 22.00
C SER D 428 7.88 -42.34 22.27
N GLU D 429 8.24 -41.42 21.39
CA GLU D 429 9.45 -40.63 21.46
C GLU D 429 9.05 -39.15 21.46
N PRO D 430 9.49 -38.36 22.45
CA PRO D 430 9.04 -36.96 22.53
C PRO D 430 9.19 -36.14 21.25
N GLU D 431 10.32 -36.28 20.52
CA GLU D 431 10.52 -35.51 19.30
C GLU D 431 9.51 -35.91 18.21
N ARG D 432 9.26 -37.22 18.02
CA ARG D 432 8.29 -37.70 17.03
C ARG D 432 6.87 -37.27 17.40
N GLU D 433 6.49 -37.32 18.69
CA GLU D 433 5.15 -36.91 19.09
C GLU D 433 4.98 -35.40 18.95
N PHE D 434 6.06 -34.62 19.15
CA PHE D 434 5.99 -33.18 18.96
C PHE D 434 5.71 -32.88 17.48
N GLU D 435 6.39 -33.59 16.57
CA GLU D 435 6.22 -33.46 15.11
C GLU D 435 4.81 -33.90 14.70
N GLU D 436 4.25 -34.91 15.39
CA GLU D 436 2.89 -35.39 15.19
C GLU D 436 1.87 -34.28 15.54
N THR D 437 2.10 -33.51 16.63
CA THR D 437 1.22 -32.38 16.96
C THR D 437 1.31 -31.29 15.85
N CYS D 438 2.49 -31.13 15.22
CA CYS D 438 2.69 -30.20 14.11
C CYS D 438 1.84 -30.62 12.91
N GLU D 439 1.83 -31.92 12.61
CA GLU D 439 1.05 -32.48 11.52
C GLU D 439 -0.45 -32.27 11.78
N LYS D 440 -0.92 -32.46 13.03
CA LYS D 440 -2.33 -32.23 13.35
C LYS D 440 -2.68 -30.71 13.29
N LEU D 441 -1.74 -29.83 13.68
CA LEU D 441 -1.95 -28.38 13.60
C LEU D 441 -2.04 -27.91 12.13
N SER D 442 -1.41 -28.64 11.19
CA SER D 442 -1.41 -28.34 9.74
C SER D 442 -2.80 -28.34 9.11
N THR D 443 -3.79 -28.88 9.81
CA THR D 443 -5.19 -28.85 9.41
C THR D 443 -5.71 -27.39 9.42
N LEU D 444 -5.11 -26.53 10.26
CA LEU D 444 -5.52 -25.14 10.44
C LEU D 444 -4.45 -24.12 10.15
N THR D 445 -3.19 -24.37 10.54
CA THR D 445 -2.11 -23.39 10.44
C THR D 445 -1.90 -22.75 9.02
N PRO D 446 -2.16 -23.43 7.88
CA PRO D 446 -2.02 -22.73 6.59
C PRO D 446 -3.27 -21.91 6.22
N TYR D 447 -4.31 -21.89 7.06
CA TYR D 447 -5.60 -21.26 6.70
C TYR D 447 -6.10 -20.20 7.68
N LEU D 448 -5.22 -19.54 8.43
CA LEU D 448 -5.62 -18.53 9.40
C LEU D 448 -5.77 -17.18 8.73
N VAL D 449 -6.98 -16.66 8.66
CA VAL D 449 -7.24 -15.36 8.04
C VAL D 449 -7.17 -14.27 9.13
N ALA D 450 -6.29 -13.28 9.00
CA ALA D 450 -6.18 -12.20 9.98
C ALA D 450 -7.46 -11.35 10.01
N ARG D 451 -7.80 -10.80 11.18
CA ARG D 451 -9.02 -10.01 11.31
C ARG D 451 -8.88 -8.62 10.66
O1 M83 E . 4.81 15.96 20.93
C10 M83 E . 4.36 16.94 21.56
O M83 E . 3.72 16.90 22.62
C9 M83 E . 4.61 18.22 20.90
C8 M83 E . 5.13 18.45 19.67
C7 M83 E . 5.13 19.83 19.47
O2 M83 E . 4.29 19.42 21.51
C6 M83 E . 4.62 20.41 20.59
C5 M83 E . 4.41 21.80 20.99
C4 M83 E . 3.84 22.10 22.23
C3 M83 E . 3.61 23.43 22.59
C2 M83 E . 3.92 24.46 21.70
C11 M83 E . 4.71 22.82 20.11
C1 M83 E . 4.47 24.15 20.47
C M83 E . 4.78 25.20 19.52
N M83 E . 5.03 26.01 18.76
O1 M83 F . -21.20 13.94 -38.88
C10 M83 F . -20.62 14.90 -39.41
O M83 F . -19.84 14.83 -40.38
C9 M83 F . -20.96 16.17 -38.76
C8 M83 F . -21.70 16.37 -37.65
C7 M83 F . -21.76 17.75 -37.44
O2 M83 F . -20.51 17.37 -39.26
C6 M83 F . -21.06 18.34 -38.43
C5 M83 F . -20.77 19.74 -38.77
C4 M83 F . -19.95 20.05 -39.85
C3 M83 F . -19.65 21.38 -40.13
C2 M83 F . -20.14 22.40 -39.32
C11 M83 F . -21.22 20.75 -37.93
C1 M83 F . -20.93 22.08 -38.21
C M83 F . -21.40 23.11 -37.33
N M83 F . -21.77 23.91 -36.60
CL CL G . -39.37 13.89 -33.08
O1 M83 H . 27.16 10.64 -13.74
C10 M83 H . 27.89 11.63 -13.95
O M83 H . 28.95 11.63 -14.62
C9 M83 H . 27.37 12.86 -13.36
C8 M83 H . 26.29 13.08 -12.60
C7 M83 H . 26.21 14.45 -12.39
O2 M83 H . 28.02 14.04 -13.63
C6 M83 H . 27.25 15.02 -13.04
C5 M83 H . 27.72 16.40 -13.19
C4 M83 H . 28.88 16.68 -13.90
C3 M83 H . 29.29 17.99 -14.09
C2 M83 H . 28.59 19.03 -13.49
C11 M83 H . 27.01 17.44 -12.60
C1 M83 H . 27.45 18.75 -12.73
C M83 H . 26.73 19.83 -12.10
N M83 H . 26.13 20.65 -11.60
O1 M83 I . -5.50 -32.65 18.95
C10 M83 I . -5.63 -33.65 18.23
O M83 I . -5.90 -33.63 17.01
C9 M83 I . -5.49 -34.91 18.91
C8 M83 I . -5.37 -35.21 20.23
C7 M83 I . -5.33 -36.61 20.33
O2 M83 I . -5.54 -36.07 18.17
C6 M83 I . -5.41 -37.10 19.08
C5 M83 I . -5.38 -38.47 18.54
C4 M83 I . -5.54 -38.69 17.17
C3 M83 I . -5.51 -39.98 16.66
C2 M83 I . -5.40 -41.07 17.52
C11 M83 I . -5.29 -39.55 19.40
C1 M83 I . -5.29 -40.86 18.89
C M83 I . -5.24 -41.97 19.80
N M83 I . -5.19 -42.83 20.54
#